data_9M7N
#
_entry.id   9M7N
#
_cell.length_a   1.00
_cell.length_b   1.00
_cell.length_c   1.00
_cell.angle_alpha   90.00
_cell.angle_beta   90.00
_cell.angle_gamma   90.00
#
_symmetry.space_group_name_H-M   'P 1'
#
_entity_poly.entity_id   1
_entity_poly.type   'polypeptide(L)'
_entity_poly.pdbx_seq_one_letter_code
;MSVYFFDNKQQLIKIKNSRTLLQCLQEKEIASDKSDLMKDVLTVSCLHDVELEQCDFMAVRENKGVYSLYKILEEEIDAE
IMNFKGVNFGAEELNNYVVSDARPVKKTITEIVKQILTYTDDEWLMTGGVNKIGSANFYYASVKEALKTVQQLGCELLFF
CDIDGEGISSKWVEVREKIGKESDDRYEVGSTAIKVVKTKDRTNIVTSLVGRGKGEEVGDGYGRRLQFDSIEWTQPVPKP
KGQSFIEIKELTEKYGIPTKKGKMRKREQVVIFEDIEDKNELLNATYQTLLENSRPLVQFSSEVIGASSIGDMVTIHDYD
KNYHYETRVFAIKNDILNNKIESSLGDNLKGSSASNQLSKASSGISELKSMKMNFYDSTEISKWQSDIIRGAKGGSVLLM
SPWDTNKGQSREPYQMVIMNKGSLKESNHFLVMNSEGIGFIDGDFDKDKFETAWTIDGTFNAKFIRAGVLSGILIKGNII
KSSDEGDFQIVLDGGELTFEKKYDSEDINDQHGHPMLTMKALYTDDKLNGISMVQIPNYSFGINSGGLMVSKPVIEIPKE
STIDSRKLNLFGEVRVVGDFYVNDVKIDSNGGSGGSGGGSGGWNGQYPPEITSDVDKRAWAIWSTSRGLGYSKAAAAAKL
GNIQGESGPQMNPDTEQVGGPAYGLVQWDGSAYPLVGQPTNNGREYVQRLMKAANITDDYRTIVPQVNLIEWSMKNGQWI
GAVEPKTVSGFKASISPRTAARAFLYNFERPATGHPEREDYAQAWYDKFKDLKQPGGKYGMPVGPGYQITSWFGNRDNPT
DPGNIETHKGMDFADKIGSPIFAVEKGEVFASLSTGSSGGFGEYIVIKHEDGNFTGYAHMTLRMLETGAKVSKGQQIGTL
GSTGESTGPHLHFSVGDGLFGNYQDPAPYLGLKRP
;
_entity_poly.pdbx_strand_id   A,B,C
#
# COMPACT_ATOMS: atom_id res chain seq x y z
N VAL A 3 20.58 35.64 -45.85
CA VAL A 3 20.29 34.36 -45.22
C VAL A 3 21.17 33.27 -45.82
N TYR A 4 22.01 32.65 -44.99
CA TYR A 4 22.94 31.62 -45.41
C TYR A 4 22.38 30.25 -45.09
N PHE A 5 22.50 29.32 -46.05
CA PHE A 5 21.96 27.98 -45.92
C PHE A 5 23.10 26.96 -45.87
N PHE A 6 22.97 26.00 -44.95
CA PHE A 6 23.98 24.96 -44.77
C PHE A 6 23.37 23.59 -45.08
N ASP A 7 24.24 22.64 -45.44
CA ASP A 7 23.82 21.29 -45.73
C ASP A 7 23.89 20.45 -44.45
N ASN A 8 23.77 19.13 -44.59
CA ASN A 8 23.66 18.25 -43.42
C ASN A 8 24.94 18.19 -42.60
N LYS A 9 26.08 18.56 -43.18
CA LYS A 9 27.35 18.60 -42.47
C LYS A 9 27.73 20.01 -42.02
N GLN A 10 26.79 20.95 -42.06
CA GLN A 10 27.02 22.33 -41.67
C GLN A 10 28.12 22.96 -42.52
N GLN A 11 28.02 22.80 -43.83
CA GLN A 11 28.88 23.46 -44.79
C GLN A 11 28.05 24.46 -45.60
N LEU A 12 28.60 25.65 -45.82
CA LEU A 12 27.88 26.68 -46.55
C LEU A 12 27.60 26.23 -47.98
N ILE A 13 26.40 26.56 -48.47
CA ILE A 13 25.95 26.15 -49.80
C ILE A 13 25.57 27.35 -50.65
N LYS A 14 24.69 28.21 -50.15
CA LYS A 14 24.14 29.28 -50.96
C LYS A 14 23.93 30.52 -50.09
N ILE A 15 23.89 31.67 -50.75
CA ILE A 15 23.57 32.94 -50.11
C ILE A 15 22.37 33.54 -50.84
N LYS A 16 21.36 33.93 -50.09
CA LYS A 16 20.16 34.56 -50.66
C LYS A 16 20.14 36.03 -50.29
N ASN A 17 19.92 36.89 -51.28
CA ASN A 17 19.93 38.33 -51.06
C ASN A 17 18.57 38.77 -50.50
N SER A 18 18.43 40.08 -50.35
CA SER A 18 17.16 40.66 -49.92
C SER A 18 16.27 41.06 -51.08
N ARG A 19 16.74 40.89 -52.32
CA ARG A 19 15.94 41.20 -53.50
C ARG A 19 15.18 40.00 -54.02
N THR A 20 15.26 38.85 -53.35
CA THR A 20 14.59 37.64 -53.77
C THR A 20 13.66 37.07 -52.72
N LEU A 21 13.93 37.26 -51.45
CA LEU A 21 13.09 36.72 -50.39
C LEU A 21 11.72 37.39 -50.40
N LEU A 22 10.71 36.63 -50.02
CA LEU A 22 9.34 37.12 -49.94
C LEU A 22 8.87 37.32 -48.50
N GLN A 23 9.62 36.83 -47.51
CA GLN A 23 9.24 36.97 -46.11
C GLN A 23 10.46 36.65 -45.26
N CYS A 24 10.60 37.36 -44.14
CA CYS A 24 11.67 37.06 -43.18
C CYS A 24 11.26 37.63 -41.84
N LEU A 25 10.98 36.75 -40.88
CA LEU A 25 10.44 37.17 -39.59
C LEU A 25 11.16 36.44 -38.46
N GLN A 26 11.45 37.15 -37.38
CA GLN A 26 12.16 36.61 -36.23
C GLN A 26 11.45 37.02 -34.95
N GLU A 27 11.19 36.05 -34.08
CA GLU A 27 10.42 36.29 -32.86
C GLU A 27 11.17 35.80 -31.64
N LYS A 28 11.01 36.51 -30.52
CA LYS A 28 11.61 36.14 -29.26
C LYS A 28 10.62 36.43 -28.14
N GLU A 29 10.67 35.63 -27.07
CA GLU A 29 9.72 35.79 -25.99
C GLU A 29 10.23 35.09 -24.74
N ILE A 30 10.11 35.77 -23.60
CA ILE A 30 10.46 35.20 -22.29
C ILE A 30 9.19 34.69 -21.64
N ALA A 31 9.17 33.40 -21.31
CA ALA A 31 7.98 32.77 -20.77
C ALA A 31 7.70 33.28 -19.36
N SER A 32 6.42 33.26 -18.99
CA SER A 32 6.01 33.72 -17.66
C SER A 32 6.53 32.79 -16.57
N ASP A 33 6.48 31.48 -16.80
CA ASP A 33 6.98 30.53 -15.83
C ASP A 33 8.50 30.38 -15.96
N LYS A 34 9.13 30.00 -14.85
CA LYS A 34 10.57 29.80 -14.84
C LYS A 34 10.99 28.42 -15.33
N SER A 35 10.04 27.52 -15.58
CA SER A 35 10.34 26.17 -16.01
C SER A 35 10.39 26.03 -17.53
N ASP A 36 10.26 27.12 -18.27
CA ASP A 36 10.32 27.10 -19.72
C ASP A 36 11.51 27.91 -20.21
N LEU A 37 12.03 27.54 -21.36
CA LEU A 37 13.17 28.22 -21.94
C LEU A 37 12.72 29.48 -22.67
N MET A 38 13.64 30.13 -23.38
CA MET A 38 13.34 31.32 -24.15
C MET A 38 13.01 30.94 -25.58
N LYS A 39 11.85 31.39 -26.05
CA LYS A 39 11.39 31.04 -27.39
C LYS A 39 12.18 31.81 -28.43
N ASP A 40 12.50 31.15 -29.55
CA ASP A 40 13.25 31.79 -30.62
C ASP A 40 12.92 31.07 -31.93
N VAL A 41 12.24 31.77 -32.84
CA VAL A 41 11.69 31.17 -34.05
C VAL A 41 11.99 32.08 -35.24
N LEU A 42 12.33 31.48 -36.37
CA LEU A 42 12.56 32.21 -37.62
C LEU A 42 11.74 31.57 -38.73
N THR A 43 11.24 32.40 -39.64
CA THR A 43 10.42 31.93 -40.75
C THR A 43 10.79 32.71 -42.01
N VAL A 44 11.20 31.99 -43.05
CA VAL A 44 11.59 32.62 -44.31
C VAL A 44 11.01 31.79 -45.46
N SER A 45 10.59 32.48 -46.52
CA SER A 45 10.02 31.81 -47.69
C SER A 45 10.53 32.48 -48.95
N CYS A 46 10.95 31.69 -49.92
CA CYS A 46 11.48 32.21 -51.18
C CYS A 46 10.93 31.36 -52.33
N LEU A 47 11.35 31.69 -53.55
CA LEU A 47 10.91 30.97 -54.73
C LEU A 47 11.56 29.60 -54.76
N HIS A 48 10.90 28.65 -55.42
CA HIS A 48 11.36 27.26 -55.41
C HIS A 48 12.74 27.13 -56.02
N ASP A 49 13.55 26.24 -55.44
CA ASP A 49 14.87 25.94 -55.95
C ASP A 49 15.12 24.44 -55.80
N VAL A 50 16.05 23.93 -56.61
CA VAL A 50 16.31 22.50 -56.66
C VAL A 50 17.47 22.11 -55.75
N GLU A 51 18.27 23.07 -55.29
CA GLU A 51 19.41 22.80 -54.43
C GLU A 51 19.19 23.34 -53.02
N LEU A 52 17.93 23.67 -52.68
CA LEU A 52 17.61 24.16 -51.35
C LEU A 52 16.76 23.16 -50.58
N GLU A 53 16.45 22.01 -51.17
CA GLU A 53 15.64 20.98 -50.52
C GLU A 53 16.49 20.00 -49.73
N GLN A 54 17.81 20.14 -49.77
CA GLN A 54 18.72 19.32 -48.99
C GLN A 54 19.29 20.06 -47.78
N CYS A 55 19.03 21.36 -47.67
CA CYS A 55 19.58 22.15 -46.58
C CYS A 55 18.86 21.89 -45.27
N ASP A 56 19.61 21.94 -44.18
CA ASP A 56 19.07 21.70 -42.85
C ASP A 56 19.37 22.80 -41.85
N PHE A 57 20.06 23.87 -42.23
CA PHE A 57 20.35 24.99 -41.35
C PHE A 57 20.19 26.29 -42.10
N MET A 58 19.88 27.35 -41.37
CA MET A 58 19.83 28.69 -41.92
C MET A 58 20.18 29.69 -40.83
N ALA A 59 20.96 30.71 -41.18
CA ALA A 59 21.45 31.67 -40.20
C ALA A 59 21.22 33.08 -40.71
N VAL A 60 21.10 34.02 -39.77
CA VAL A 60 20.94 35.43 -40.10
C VAL A 60 22.09 36.21 -39.47
N ARG A 61 22.06 37.53 -39.62
CA ARG A 61 23.14 38.39 -39.18
C ARG A 61 22.65 39.35 -38.10
N GLU A 62 23.35 39.39 -36.97
CA GLU A 62 23.09 40.37 -35.92
C GLU A 62 24.02 41.58 -36.03
N ASN A 63 25.32 41.33 -36.07
CA ASN A 63 26.32 42.35 -36.37
C ASN A 63 27.47 41.63 -37.08
N LYS A 64 28.63 42.26 -37.12
CA LYS A 64 29.72 41.69 -37.90
C LYS A 64 30.40 40.50 -37.22
N GLY A 65 30.03 40.16 -35.99
CA GLY A 65 30.70 39.08 -35.31
C GLY A 65 29.80 38.03 -34.68
N VAL A 66 28.50 38.28 -34.64
CA VAL A 66 27.55 37.41 -33.97
C VAL A 66 26.52 36.94 -34.99
N TYR A 67 26.34 35.63 -35.08
CA TYR A 67 25.34 35.04 -35.97
C TYR A 67 24.48 34.07 -35.17
N SER A 68 23.21 34.00 -35.55
CA SER A 68 22.24 33.12 -34.90
C SER A 68 21.90 31.98 -35.86
N LEU A 69 21.95 30.75 -35.35
CA LEU A 69 21.72 29.56 -36.16
C LEU A 69 20.35 28.97 -35.84
N TYR A 70 19.59 28.65 -36.89
CA TYR A 70 18.28 28.02 -36.76
C TYR A 70 18.26 26.75 -37.57
N LYS A 71 17.64 25.70 -37.02
CA LYS A 71 17.54 24.42 -37.70
C LYS A 71 16.15 24.23 -38.26
N ILE A 72 16.07 23.83 -39.53
CA ILE A 72 14.78 23.68 -40.19
C ILE A 72 14.04 22.47 -39.63
N LEU A 73 12.78 22.66 -39.26
CA LEU A 73 11.94 21.58 -38.78
C LEU A 73 10.85 21.18 -39.76
N GLU A 74 10.56 22.00 -40.77
CA GLU A 74 9.42 21.75 -41.64
C GLU A 74 9.52 22.64 -42.86
N GLU A 75 9.20 22.09 -44.02
CA GLU A 75 9.13 22.86 -45.25
C GLU A 75 7.84 22.50 -45.99
N GLU A 76 7.37 23.43 -46.82
CA GLU A 76 6.09 23.26 -47.48
C GLU A 76 6.06 23.89 -48.87
N ILE A 77 6.27 23.07 -49.91
CA ILE A 77 6.22 23.60 -51.26
C ILE A 77 4.77 23.82 -51.66
N ASP A 78 4.40 25.08 -51.86
CA ASP A 78 3.05 25.47 -52.23
C ASP A 78 3.10 26.27 -53.52
N ALA A 79 2.36 25.80 -54.53
CA ALA A 79 2.43 26.36 -55.89
C ALA A 79 3.89 26.28 -56.32
N GLU A 80 4.63 27.38 -56.36
CA GLU A 80 6.07 27.33 -56.52
C GLU A 80 6.83 28.11 -55.45
N ILE A 81 6.23 28.33 -54.28
CA ILE A 81 6.84 29.10 -53.21
C ILE A 81 7.20 28.15 -52.08
N MET A 82 8.46 28.13 -51.69
CA MET A 82 8.94 27.25 -50.61
C MET A 82 8.88 28.01 -49.30
N ASN A 83 8.20 27.44 -48.31
CA ASN A 83 8.23 28.00 -46.97
C ASN A 83 9.27 27.26 -46.12
N PHE A 84 9.52 27.77 -44.93
CA PHE A 84 10.47 27.16 -44.02
C PHE A 84 10.06 27.51 -42.60
N LYS A 85 10.66 26.81 -41.64
CA LYS A 85 10.38 27.07 -40.23
C LYS A 85 11.50 26.49 -39.39
N GLY A 86 12.05 27.31 -38.49
CA GLY A 86 13.21 26.90 -37.73
C GLY A 86 13.11 27.35 -36.29
N VAL A 87 13.85 26.64 -35.43
CA VAL A 87 13.98 26.97 -34.02
C VAL A 87 15.46 27.06 -33.69
N ASN A 88 15.76 27.40 -32.44
CA ASN A 88 17.14 27.54 -32.02
C ASN A 88 17.85 26.19 -32.04
N PHE A 89 19.16 26.22 -32.31
CA PHE A 89 19.91 24.97 -32.41
C PHE A 89 20.01 24.28 -31.06
N GLY A 90 20.13 25.05 -29.98
CA GLY A 90 20.37 24.47 -28.67
C GLY A 90 19.20 23.66 -28.16
N ALA A 91 17.99 24.17 -28.36
CA ALA A 91 16.81 23.47 -27.88
C ALA A 91 16.56 22.17 -28.63
N GLU A 92 17.19 21.98 -29.79
CA GLU A 92 17.02 20.75 -30.55
C GLU A 92 18.21 19.82 -30.44
N GLU A 93 19.40 20.36 -30.17
CA GLU A 93 20.58 19.51 -30.05
C GLU A 93 20.70 18.88 -28.67
N LEU A 94 20.42 19.65 -27.62
CA LEU A 94 20.56 19.16 -26.26
C LEU A 94 19.44 18.23 -25.84
N ASN A 95 18.64 17.74 -26.78
CA ASN A 95 17.60 16.76 -26.49
C ASN A 95 18.03 15.35 -26.88
N ASN A 96 19.31 15.15 -27.19
CA ASN A 96 19.80 13.86 -27.68
C ASN A 96 21.00 13.39 -26.88
N TYR A 97 21.12 13.85 -25.64
CA TYR A 97 22.14 13.38 -24.71
C TYR A 97 21.45 12.82 -23.48
N VAL A 98 21.84 11.61 -23.07
CA VAL A 98 21.15 10.88 -22.01
C VAL A 98 22.00 10.93 -20.75
N VAL A 99 21.41 11.39 -19.65
CA VAL A 99 22.06 11.41 -18.34
C VAL A 99 21.67 10.13 -17.62
N SER A 100 22.65 9.26 -17.37
CA SER A 100 22.36 7.99 -16.71
C SER A 100 21.84 8.21 -15.30
N ASP A 101 22.68 8.76 -14.42
CA ASP A 101 22.25 9.09 -13.06
C ASP A 101 23.21 10.10 -12.45
N ALA A 102 22.66 11.22 -12.00
CA ALA A 102 23.44 12.25 -11.32
C ALA A 102 22.65 12.72 -10.11
N ARG A 103 23.33 12.91 -8.99
CA ARG A 103 22.59 13.19 -7.77
C ARG A 103 23.39 14.09 -6.82
N PRO A 104 23.50 15.38 -7.13
CA PRO A 104 24.20 16.28 -6.20
C PRO A 104 23.35 16.55 -4.97
N VAL A 105 24.03 16.85 -3.87
CA VAL A 105 23.38 17.19 -2.60
C VAL A 105 23.97 18.48 -2.08
N LYS A 106 23.16 19.52 -2.01
CA LYS A 106 23.53 20.82 -1.44
C LYS A 106 24.81 21.37 -2.08
N LYS A 107 24.71 21.65 -3.37
CA LYS A 107 25.79 22.26 -4.14
C LYS A 107 25.28 23.57 -4.76
N THR A 108 26.22 24.36 -5.29
CA THR A 108 25.84 25.58 -5.99
C THR A 108 25.41 25.25 -7.41
N ILE A 109 24.69 26.20 -8.02
CA ILE A 109 24.14 25.99 -9.36
C ILE A 109 25.26 25.83 -10.38
N THR A 110 26.35 26.58 -10.21
CA THR A 110 27.47 26.49 -11.14
C THR A 110 28.06 25.08 -11.16
N GLU A 111 28.24 24.49 -9.97
CA GLU A 111 28.79 23.13 -9.92
C GLU A 111 27.81 22.12 -10.50
N ILE A 112 26.51 22.34 -10.31
CA ILE A 112 25.52 21.44 -10.88
C ILE A 112 25.57 21.48 -12.41
N VAL A 113 25.71 22.68 -12.98
CA VAL A 113 25.82 22.79 -14.43
C VAL A 113 27.11 22.15 -14.92
N LYS A 114 28.22 22.35 -14.21
CA LYS A 114 29.45 21.66 -14.54
C LYS A 114 29.24 20.15 -14.58
N GLN A 115 28.58 19.61 -13.56
CA GLN A 115 28.38 18.17 -13.48
C GLN A 115 27.47 17.66 -14.60
N ILE A 116 26.42 18.42 -14.91
CA ILE A 116 25.49 17.99 -15.97
C ILE A 116 26.18 18.00 -17.32
N LEU A 117 26.95 19.06 -17.61
CA LEU A 117 27.59 19.18 -18.92
C LEU A 117 28.78 18.26 -19.10
N THR A 118 28.98 17.30 -18.20
CA THR A 118 30.00 16.27 -18.40
C THR A 118 29.55 15.19 -19.37
N TYR A 119 28.24 15.03 -19.54
CA TYR A 119 27.68 13.97 -20.37
C TYR A 119 27.59 14.34 -21.84
N THR A 120 28.08 15.51 -22.23
CA THR A 120 28.07 15.94 -23.62
C THR A 120 29.39 15.70 -24.33
N ASP A 121 30.35 15.06 -23.66
CA ASP A 121 31.66 14.72 -24.24
C ASP A 121 32.42 15.96 -24.70
N ASP A 122 32.54 16.93 -23.79
CA ASP A 122 33.40 18.11 -23.93
C ASP A 122 33.02 19.00 -25.11
N GLU A 123 31.87 18.78 -25.74
CA GLU A 123 31.46 19.69 -26.81
C GLU A 123 30.92 21.01 -26.27
N TRP A 124 30.20 20.96 -25.15
CA TRP A 124 29.60 22.15 -24.58
C TRP A 124 30.38 22.62 -23.36
N LEU A 125 30.50 23.93 -23.22
CA LEU A 125 31.11 24.56 -22.05
C LEU A 125 30.05 25.37 -21.32
N MET A 126 30.48 26.18 -20.35
CA MET A 126 29.55 27.08 -19.69
C MET A 126 30.30 28.33 -19.25
N THR A 127 29.57 29.45 -19.23
CA THR A 127 30.12 30.74 -18.85
C THR A 127 29.16 31.42 -17.88
N GLY A 128 29.70 32.10 -16.88
CA GLY A 128 28.90 32.75 -15.85
C GLY A 128 28.77 31.88 -14.62
N GLY A 129 28.09 32.44 -13.62
CA GLY A 129 27.91 31.73 -12.37
C GLY A 129 26.84 32.36 -11.50
N VAL A 130 26.26 31.52 -10.64
CA VAL A 130 25.34 31.96 -9.60
C VAL A 130 25.80 31.30 -8.31
N ASN A 131 25.52 31.95 -7.18
CA ASN A 131 26.01 31.51 -5.88
C ASN A 131 24.86 31.13 -4.94
N LYS A 132 23.87 30.42 -5.46
CA LYS A 132 22.80 29.87 -4.65
C LYS A 132 22.94 28.35 -4.59
N ILE A 133 22.55 27.78 -3.45
CA ILE A 133 22.79 26.37 -3.17
C ILE A 133 21.49 25.60 -3.36
N GLY A 134 21.57 24.49 -4.08
CA GLY A 134 20.41 23.64 -4.30
C GLY A 134 20.83 22.23 -4.62
N SER A 135 19.85 21.34 -4.64
CA SER A 135 20.09 19.94 -4.92
C SER A 135 18.95 19.39 -5.78
N ALA A 136 19.25 18.31 -6.50
CA ALA A 136 18.26 17.66 -7.34
C ALA A 136 18.70 16.23 -7.59
N ASN A 137 17.77 15.43 -8.13
CA ASN A 137 18.05 14.05 -8.49
C ASN A 137 17.76 13.86 -9.97
N PHE A 138 18.80 13.61 -10.75
CA PHE A 138 18.68 13.34 -12.18
C PHE A 138 19.05 11.89 -12.42
N TYR A 139 18.09 11.12 -12.91
CA TYR A 139 18.32 9.74 -13.28
C TYR A 139 17.99 9.70 -14.78
N TYR A 140 17.83 8.51 -15.37
CA TYR A 140 17.66 8.40 -16.81
C TYR A 140 16.69 9.45 -17.35
N ALA A 141 17.21 10.37 -18.16
CA ALA A 141 16.50 11.53 -18.67
C ALA A 141 17.43 12.28 -19.62
N SER A 142 16.87 13.17 -20.42
CA SER A 142 17.67 13.96 -21.35
C SER A 142 18.26 15.18 -20.64
N VAL A 143 19.24 15.80 -21.30
CA VAL A 143 19.92 16.94 -20.70
C VAL A 143 19.02 18.17 -20.66
N LYS A 144 18.16 18.33 -21.67
CA LYS A 144 17.29 19.51 -21.71
C LYS A 144 16.34 19.53 -20.53
N GLU A 145 15.78 18.37 -20.16
CA GLU A 145 14.92 18.30 -18.98
C GLU A 145 15.70 18.65 -17.72
N ALA A 146 16.95 18.20 -17.62
CA ALA A 146 17.77 18.53 -16.47
C ALA A 146 18.02 20.03 -16.38
N LEU A 147 18.30 20.67 -17.51
CA LEU A 147 18.48 22.12 -17.49
C LEU A 147 17.18 22.83 -17.12
N LYS A 148 16.05 22.31 -17.59
CA LYS A 148 14.76 22.87 -17.19
C LYS A 148 14.58 22.79 -15.68
N THR A 149 14.92 21.65 -15.09
CA THR A 149 14.77 21.48 -13.65
C THR A 149 15.70 22.42 -12.89
N VAL A 150 16.94 22.58 -13.38
CA VAL A 150 17.87 23.50 -12.73
C VAL A 150 17.35 24.93 -12.80
N GLN A 151 16.71 25.30 -13.92
CA GLN A 151 16.26 26.67 -14.12
C GLN A 151 15.28 27.13 -13.05
N GLN A 152 14.60 26.20 -12.39
CA GLN A 152 13.62 26.57 -11.37
C GLN A 152 14.24 27.13 -10.10
N LEU A 153 15.55 27.03 -9.94
CA LEU A 153 16.22 27.48 -8.72
C LEU A 153 16.70 28.93 -8.80
N GLY A 154 16.41 29.62 -9.90
CA GLY A 154 16.75 31.03 -9.99
C GLY A 154 17.90 31.35 -10.93
N CYS A 155 17.95 30.66 -12.08
CA CYS A 155 18.94 30.93 -13.11
C CYS A 155 18.25 30.98 -14.46
N GLU A 156 18.84 31.73 -15.38
CA GLU A 156 18.32 31.89 -16.74
C GLU A 156 19.44 31.59 -17.74
N LEU A 157 19.10 30.86 -18.80
CA LEU A 157 20.09 30.28 -19.68
C LEU A 157 19.96 30.82 -21.10
N LEU A 158 21.08 30.85 -21.82
CA LEU A 158 21.15 31.20 -23.22
C LEU A 158 22.09 30.22 -23.93
N PHE A 159 22.19 30.36 -25.25
CA PHE A 159 23.02 29.48 -26.07
C PHE A 159 23.65 30.30 -27.19
N PHE A 160 24.83 29.85 -27.66
CA PHE A 160 25.59 30.61 -28.64
C PHE A 160 26.40 29.66 -29.52
N CYS A 161 27.02 30.21 -30.56
CA CYS A 161 27.94 29.48 -31.41
C CYS A 161 29.09 30.40 -31.85
N ASP A 162 30.07 29.79 -32.50
CA ASP A 162 31.16 30.49 -33.18
C ASP A 162 31.20 29.89 -34.58
N ILE A 163 30.39 30.44 -35.49
CA ILE A 163 30.12 29.82 -36.78
C ILE A 163 30.99 30.46 -37.83
N ASP A 164 31.64 29.63 -38.66
CA ASP A 164 32.32 30.08 -39.85
C ASP A 164 31.79 29.29 -41.03
N GLY A 165 32.35 29.54 -42.22
CA GLY A 165 31.84 28.92 -43.43
C GLY A 165 32.11 27.44 -43.53
N GLU A 166 32.99 26.91 -42.68
CA GLU A 166 33.40 25.51 -42.76
C GLU A 166 32.84 24.68 -41.60
N GLY A 167 31.93 25.23 -40.82
CA GLY A 167 31.29 24.50 -39.73
C GLY A 167 31.38 25.26 -38.43
N ILE A 168 30.85 24.62 -37.39
CA ILE A 168 30.84 25.19 -36.05
C ILE A 168 32.12 24.80 -35.34
N SER A 169 32.70 25.76 -34.61
CA SER A 169 33.97 25.54 -33.92
C SER A 169 33.82 25.39 -32.41
N SER A 170 33.01 26.22 -31.76
CA SER A 170 32.88 26.15 -30.31
C SER A 170 31.45 26.50 -29.92
N LYS A 171 30.96 25.85 -28.87
CA LYS A 171 29.62 26.07 -28.35
C LYS A 171 29.71 26.25 -26.84
N TRP A 172 28.85 27.13 -26.31
CA TRP A 172 28.86 27.37 -24.87
C TRP A 172 27.48 27.82 -24.42
N VAL A 173 27.25 27.69 -23.10
CA VAL A 173 25.99 28.04 -22.46
C VAL A 173 26.28 29.09 -21.40
N GLU A 174 25.51 30.18 -21.42
CA GLU A 174 25.70 31.26 -20.46
C GLU A 174 24.65 31.17 -19.37
N VAL A 175 25.10 31.23 -18.11
CA VAL A 175 24.21 31.22 -16.95
C VAL A 175 24.17 32.63 -16.37
N ARG A 176 22.97 33.15 -16.16
CA ARG A 176 22.79 34.51 -15.66
C ARG A 176 21.71 34.52 -14.60
N GLU A 177 21.52 35.69 -13.99
CA GLU A 177 20.43 35.90 -13.04
C GLU A 177 19.22 36.50 -13.73
N LYS A 178 19.41 37.59 -14.48
CA LYS A 178 18.35 38.20 -15.28
C LYS A 178 18.91 38.52 -16.66
N ILE A 179 18.12 38.26 -17.70
CA ILE A 179 18.55 38.46 -19.07
C ILE A 179 18.45 39.94 -19.39
N GLY A 180 19.57 40.55 -19.78
CA GLY A 180 19.56 41.91 -20.26
C GLY A 180 20.14 42.93 -19.29
N LYS A 181 20.91 43.86 -19.82
CA LYS A 181 21.46 44.97 -19.05
C LYS A 181 20.40 46.08 -18.96
N GLU A 182 20.80 47.25 -18.49
CA GLU A 182 19.91 48.40 -18.42
C GLU A 182 20.24 49.34 -19.57
N SER A 183 19.24 49.67 -20.37
CA SER A 183 19.44 50.45 -21.59
C SER A 183 19.05 51.90 -21.37
N ASP A 184 19.62 52.77 -22.20
CA ASP A 184 19.30 54.20 -22.22
C ASP A 184 18.32 54.50 -23.35
N ASP A 185 17.05 54.04 -23.21
CA ASP A 185 16.03 54.24 -24.22
C ASP A 185 14.95 55.04 -23.71
N ARG A 186 14.21 55.70 -24.51
CA ARG A 186 13.17 56.67 -24.15
C ARG A 186 12.06 56.60 -25.19
N TYR A 187 10.91 56.05 -24.81
CA TYR A 187 9.77 55.92 -25.71
C TYR A 187 8.71 56.94 -25.32
N GLU A 188 8.23 57.69 -26.31
CA GLU A 188 7.21 58.71 -26.11
C GLU A 188 6.01 58.38 -27.00
N VAL A 189 4.82 58.46 -26.42
CA VAL A 189 3.61 58.10 -27.15
C VAL A 189 3.27 59.21 -28.14
N GLY A 190 3.08 58.84 -29.40
CA GLY A 190 2.76 59.77 -30.46
C GLY A 190 3.91 60.12 -31.36
N SER A 191 5.14 59.84 -30.95
CA SER A 191 6.32 60.08 -31.77
C SER A 191 7.16 58.84 -32.00
N THR A 192 7.34 58.01 -30.98
CA THR A 192 8.12 56.79 -31.10
C THR A 192 7.29 55.53 -30.89
N ALA A 193 6.31 55.57 -30.01
CA ALA A 193 5.33 54.50 -29.87
C ALA A 193 4.04 54.94 -30.54
N ILE A 194 3.48 54.08 -31.39
CA ILE A 194 2.39 54.48 -32.28
C ILE A 194 1.03 54.02 -31.76
N LYS A 195 0.88 52.74 -31.47
CA LYS A 195 -0.40 52.18 -31.03
C LYS A 195 -0.20 51.51 -29.68
N VAL A 196 -0.48 52.23 -28.61
CA VAL A 196 -0.26 51.75 -27.25
C VAL A 196 -1.56 51.21 -26.69
N VAL A 197 -1.54 49.97 -26.21
CA VAL A 197 -2.67 49.34 -25.55
C VAL A 197 -2.23 48.92 -24.16
N LYS A 198 -2.86 49.49 -23.14
CA LYS A 198 -2.51 49.23 -21.74
C LYS A 198 -3.60 48.39 -21.09
N THR A 199 -3.18 47.33 -20.40
CA THR A 199 -4.09 46.39 -19.77
C THR A 199 -3.76 46.27 -18.29
N LYS A 200 -4.80 46.15 -17.46
CA LYS A 200 -4.63 45.99 -16.02
C LYS A 200 -5.50 44.83 -15.55
N ASP A 201 -4.93 43.98 -14.70
CA ASP A 201 -5.61 42.77 -14.24
C ASP A 201 -5.63 42.73 -12.71
N ARG A 202 -6.75 42.23 -12.16
CA ARG A 202 -6.92 42.18 -10.72
C ARG A 202 -7.54 40.87 -10.25
N THR A 203 -7.35 39.78 -10.99
CA THR A 203 -8.04 38.53 -10.67
C THR A 203 -7.52 37.93 -9.38
N ASN A 204 -6.21 37.85 -9.23
CA ASN A 204 -5.57 37.20 -8.08
C ASN A 204 -4.90 38.26 -7.17
N ILE A 205 -5.61 38.62 -6.11
CA ILE A 205 -5.12 39.57 -5.11
C ILE A 205 -5.39 38.99 -3.74
N VAL A 206 -4.35 38.91 -2.91
CA VAL A 206 -4.46 38.36 -1.57
C VAL A 206 -3.72 39.26 -0.59
N THR A 207 -4.12 39.16 0.68
CA THR A 207 -3.41 39.82 1.77
C THR A 207 -3.01 38.89 2.90
N SER A 208 -3.59 37.69 2.99
CA SER A 208 -3.23 36.74 4.02
C SER A 208 -3.28 35.34 3.45
N LEU A 209 -2.34 34.50 3.86
CA LEU A 209 -2.24 33.14 3.35
C LEU A 209 -2.07 32.17 4.51
N VAL A 210 -2.55 30.95 4.31
CA VAL A 210 -2.40 29.86 5.27
C VAL A 210 -1.55 28.78 4.62
N GLY A 211 -0.43 28.45 5.25
CA GLY A 211 0.51 27.49 4.71
C GLY A 211 0.22 26.08 5.18
N ARG A 212 0.64 25.11 4.37
CA ARG A 212 0.45 23.70 4.70
C ARG A 212 1.63 22.91 4.17
N GLY A 213 1.86 21.74 4.78
CA GLY A 213 3.07 20.99 4.53
C GLY A 213 2.87 19.56 4.05
N LYS A 214 3.88 18.71 4.24
CA LYS A 214 3.90 17.37 3.67
C LYS A 214 3.43 16.33 4.70
N GLY A 215 2.16 16.44 5.06
CA GLY A 215 1.51 15.42 5.86
C GLY A 215 1.97 15.29 7.29
N GLU A 216 1.09 14.84 8.17
CA GLU A 216 1.44 14.61 9.57
C GLU A 216 1.29 13.14 9.96
N GLU A 217 0.10 12.57 9.82
CA GLU A 217 -0.12 11.15 10.08
C GLU A 217 -1.06 10.64 8.99
N VAL A 218 -0.48 10.20 7.89
CA VAL A 218 -1.26 9.74 6.74
C VAL A 218 -1.68 8.30 6.99
N GLY A 219 -2.95 8.01 6.82
CA GLY A 219 -3.48 6.69 7.08
C GLY A 219 -4.74 6.75 7.90
N ASP A 220 -4.82 7.75 8.77
CA ASP A 220 -6.06 8.00 9.50
C ASP A 220 -7.16 8.49 8.58
N GLY A 221 -6.79 9.11 7.46
CA GLY A 221 -7.76 9.68 6.54
C GLY A 221 -8.27 11.05 6.92
N TYR A 222 -7.74 11.65 7.99
CA TYR A 222 -8.18 12.96 8.44
C TYR A 222 -7.48 14.09 7.72
N GLY A 223 -6.45 13.81 6.93
CA GLY A 223 -5.79 14.82 6.12
C GLY A 223 -5.05 15.90 6.88
N ARG A 224 -4.31 15.54 7.91
CA ARG A 224 -3.50 16.51 8.63
C ARG A 224 -2.28 16.90 7.81
N ARG A 225 -1.78 18.12 8.06
CA ARG A 225 -0.61 18.61 7.36
C ARG A 225 0.20 19.51 8.29
N LEU A 226 1.47 19.65 7.98
CA LEU A 226 2.37 20.45 8.80
C LEU A 226 2.08 21.93 8.62
N GLN A 227 1.96 22.66 9.73
CA GLN A 227 1.63 24.07 9.72
C GLN A 227 2.53 24.82 10.70
N PHE A 228 2.66 26.13 10.48
CA PHE A 228 3.52 26.98 11.30
C PHE A 228 2.73 27.60 12.44
N ASP A 229 2.05 26.76 13.21
CA ASP A 229 1.22 27.25 14.31
C ASP A 229 2.05 27.88 15.42
N SER A 230 3.14 27.23 15.82
CA SER A 230 3.86 27.59 17.03
C SER A 230 5.25 28.16 16.74
N ILE A 231 5.37 29.00 15.72
CA ILE A 231 6.62 29.65 15.37
C ILE A 231 6.47 31.14 15.54
N GLU A 232 7.41 31.76 16.26
CA GLU A 232 7.43 33.20 16.47
C GLU A 232 8.37 33.85 15.46
N TRP A 233 7.93 34.95 14.87
CA TRP A 233 8.66 35.57 13.77
C TRP A 233 8.26 37.04 13.74
N THR A 234 9.18 37.92 14.11
CA THR A 234 8.82 39.30 14.43
C THR A 234 9.45 40.33 13.49
N GLN A 235 10.77 40.28 13.29
CA GLN A 235 11.46 41.41 12.66
C GLN A 235 10.96 41.74 11.27
N PRO A 236 10.82 40.80 10.32
CA PRO A 236 10.30 41.18 8.99
C PRO A 236 8.86 41.65 9.05
N VAL A 237 7.98 40.80 9.57
CA VAL A 237 6.56 41.13 9.73
C VAL A 237 6.09 40.54 11.06
N PRO A 238 5.45 41.31 11.93
CA PRO A 238 5.07 40.78 13.25
C PRO A 238 4.00 39.70 13.12
N LYS A 239 4.34 38.49 13.54
CA LYS A 239 3.44 37.36 13.52
C LYS A 239 3.32 36.78 14.93
N PRO A 240 2.13 36.69 15.50
CA PRO A 240 1.99 36.15 16.87
C PRO A 240 2.27 34.66 16.94
N LYS A 241 2.10 34.09 18.14
CA LYS A 241 2.41 32.69 18.39
C LYS A 241 1.19 31.78 18.30
N GLY A 242 -0.01 32.31 18.49
CA GLY A 242 -1.20 31.47 18.46
C GLY A 242 -1.93 31.50 17.12
N GLN A 243 -1.32 32.10 16.11
CA GLN A 243 -1.95 32.28 14.81
C GLN A 243 -1.37 31.30 13.80
N SER A 244 -2.04 31.21 12.65
CA SER A 244 -1.67 30.28 11.60
C SER A 244 -1.72 30.91 10.22
N PHE A 245 -1.48 32.21 10.13
CA PHE A 245 -1.46 32.88 8.84
C PHE A 245 -0.62 34.15 8.93
N ILE A 246 -0.17 34.61 7.77
CA ILE A 246 0.65 35.81 7.65
C ILE A 246 -0.19 36.90 7.02
N GLU A 247 -0.28 38.05 7.68
CA GLU A 247 -1.08 39.18 7.21
C GLU A 247 -0.22 40.44 7.20
N ILE A 248 -0.36 41.24 6.15
CA ILE A 248 0.26 42.55 6.07
C ILE A 248 -0.82 43.60 6.28
N LYS A 249 -0.59 44.54 7.20
CA LYS A 249 -1.66 45.42 7.63
C LYS A 249 -2.05 46.42 6.54
N GLU A 250 -1.06 47.10 5.96
CA GLU A 250 -1.37 48.15 4.99
C GLU A 250 -2.05 47.60 3.74
N LEU A 251 -1.64 46.42 3.29
CA LEU A 251 -2.32 45.80 2.16
C LEU A 251 -3.78 45.49 2.50
N THR A 252 -4.05 45.10 3.74
CA THR A 252 -5.44 44.92 4.16
C THR A 252 -6.19 46.24 4.13
N GLU A 253 -5.56 47.32 4.58
CA GLU A 253 -6.23 48.61 4.56
C GLU A 253 -6.49 49.10 3.14
N LYS A 254 -5.65 48.71 2.19
CA LYS A 254 -5.79 49.19 0.82
C LYS A 254 -6.63 48.29 -0.08
N TYR A 255 -6.73 47.00 0.23
CA TYR A 255 -7.44 46.05 -0.62
C TYR A 255 -8.32 45.13 0.20
N GLY A 256 -8.93 45.65 1.27
CA GLY A 256 -9.73 44.85 2.16
C GLY A 256 -11.21 44.93 1.85
N ILE A 257 -11.95 44.00 2.45
CA ILE A 257 -13.39 43.91 2.26
C ILE A 257 -14.05 44.83 3.28
N PRO A 258 -14.77 45.87 2.86
CA PRO A 258 -15.41 46.76 3.84
C PRO A 258 -16.54 46.05 4.57
N THR A 259 -16.77 46.46 5.82
CA THR A 259 -17.76 45.84 6.68
C THR A 259 -18.88 46.83 6.99
N LYS A 260 -19.80 46.42 7.87
CA LYS A 260 -20.92 47.28 8.23
C LYS A 260 -20.45 48.52 8.97
N LYS A 261 -19.50 48.37 9.89
CA LYS A 261 -19.09 49.46 10.77
C LYS A 261 -18.03 50.36 10.14
N GLY A 262 -17.77 50.24 8.85
CA GLY A 262 -16.75 51.03 8.21
C GLY A 262 -15.35 50.50 8.35
N LYS A 263 -15.17 49.32 8.94
CA LYS A 263 -13.87 48.71 9.09
C LYS A 263 -13.54 47.83 7.89
N MET A 264 -12.33 47.30 7.88
CA MET A 264 -11.83 46.48 6.79
C MET A 264 -11.53 45.06 7.27
N ARG A 265 -11.65 44.11 6.36
CA ARG A 265 -11.36 42.72 6.64
C ARG A 265 -10.38 42.18 5.60
N LYS A 266 -9.60 41.18 6.01
CA LYS A 266 -8.54 40.63 5.19
C LYS A 266 -9.07 39.60 4.20
N ARG A 267 -8.21 39.21 3.27
CA ARG A 267 -8.50 38.15 2.30
C ARG A 267 -7.56 36.98 2.54
N GLU A 268 -8.14 35.79 2.74
CA GLU A 268 -7.37 34.60 3.09
C GLU A 268 -7.58 33.51 2.05
N GLN A 269 -6.48 32.96 1.55
CA GLN A 269 -6.53 31.81 0.65
C GLN A 269 -5.44 30.83 1.07
N VAL A 270 -5.66 29.56 0.74
CA VAL A 270 -4.84 28.45 1.22
C VAL A 270 -3.80 28.10 0.17
N VAL A 271 -2.54 27.95 0.59
CA VAL A 271 -1.44 27.59 -0.28
C VAL A 271 -0.84 26.28 0.21
N ILE A 272 -0.63 25.34 -0.70
CA ILE A 272 -0.15 24.01 -0.36
C ILE A 272 1.23 23.81 -0.99
N PHE A 273 2.20 23.40 -0.18
CA PHE A 273 3.52 22.98 -0.65
C PHE A 273 3.65 21.49 -0.36
N GLU A 274 3.95 20.71 -1.40
CA GLU A 274 3.91 19.26 -1.30
C GLU A 274 5.20 18.63 -0.78
N ASP A 275 6.30 19.39 -0.71
CA ASP A 275 7.59 18.81 -0.33
C ASP A 275 8.31 19.70 0.67
N ILE A 276 7.61 20.16 1.70
CA ILE A 276 8.22 20.94 2.78
C ILE A 276 8.03 20.17 4.08
N GLU A 277 9.12 19.98 4.82
CA GLU A 277 9.11 19.17 6.03
C GLU A 277 9.49 19.94 7.29
N ASP A 278 9.97 21.17 7.15
CA ASP A 278 10.34 22.01 8.29
C ASP A 278 9.35 23.16 8.43
N LYS A 279 9.52 23.96 9.48
CA LYS A 279 8.55 25.01 9.76
C LYS A 279 9.02 26.38 9.30
N ASN A 280 10.26 26.75 9.59
CA ASN A 280 10.74 28.09 9.23
C ASN A 280 10.78 28.29 7.72
N GLU A 281 11.24 27.28 6.98
CA GLU A 281 11.28 27.39 5.53
C GLU A 281 9.89 27.44 4.92
N LEU A 282 8.92 26.73 5.52
CA LEU A 282 7.54 26.87 5.09
C LEU A 282 7.05 28.30 5.27
N LEU A 283 7.40 28.92 6.39
CA LEU A 283 7.02 30.31 6.64
C LEU A 283 7.66 31.24 5.61
N ASN A 284 8.94 31.01 5.29
CA ASN A 284 9.61 31.85 4.30
C ASN A 284 8.97 31.70 2.93
N ALA A 285 8.64 30.47 2.54
CA ALA A 285 8.00 30.25 1.26
C ALA A 285 6.63 30.93 1.19
N THR A 286 5.84 30.82 2.26
CA THR A 286 4.54 31.47 2.27
C THR A 286 4.69 32.98 2.21
N TYR A 287 5.70 33.54 2.90
CA TYR A 287 5.93 34.97 2.86
C TYR A 287 6.28 35.43 1.45
N GLN A 288 7.14 34.68 0.76
CA GLN A 288 7.49 35.05 -0.61
C GLN A 288 6.29 34.96 -1.54
N THR A 289 5.46 33.92 -1.38
CA THR A 289 4.26 33.80 -2.20
C THR A 289 3.32 34.98 -1.96
N LEU A 290 3.15 35.38 -0.70
CA LEU A 290 2.31 36.53 -0.39
C LEU A 290 2.87 37.80 -1.01
N LEU A 291 4.18 38.00 -0.92
CA LEU A 291 4.77 39.23 -1.46
C LEU A 291 4.67 39.28 -2.99
N GLU A 292 4.74 38.12 -3.66
CA GLU A 292 4.70 38.12 -5.11
C GLU A 292 3.33 38.52 -5.66
N ASN A 293 2.26 38.29 -4.90
CA ASN A 293 0.91 38.45 -5.41
C ASN A 293 0.13 39.55 -4.70
N SER A 294 0.75 40.71 -4.48
CA SER A 294 0.10 41.76 -3.71
C SER A 294 -0.33 42.97 -4.54
N ARG A 295 0.07 43.06 -5.80
CA ARG A 295 -0.24 44.24 -6.60
C ARG A 295 -0.82 43.83 -7.95
N PRO A 296 -1.68 44.66 -8.54
CA PRO A 296 -2.23 44.32 -9.85
C PRO A 296 -1.20 44.41 -10.95
N LEU A 297 -1.44 43.66 -12.02
CA LEU A 297 -0.51 43.54 -13.12
C LEU A 297 -0.83 44.53 -14.23
N VAL A 298 0.21 45.00 -14.92
CA VAL A 298 0.08 45.98 -15.98
C VAL A 298 0.87 45.49 -17.19
N GLN A 299 0.32 45.66 -18.38
CA GLN A 299 1.01 45.27 -19.60
C GLN A 299 0.86 46.35 -20.65
N PHE A 300 1.94 46.64 -21.36
CA PHE A 300 1.94 47.55 -22.50
C PHE A 300 2.29 46.77 -23.76
N SER A 301 1.55 47.03 -24.83
CA SER A 301 1.83 46.42 -26.13
C SER A 301 1.74 47.49 -27.20
N SER A 302 2.74 47.59 -28.05
CA SER A 302 2.81 48.73 -28.96
C SER A 302 3.77 48.42 -30.11
N GLU A 303 3.74 49.30 -31.10
CA GLU A 303 4.71 49.33 -32.18
C GLU A 303 5.71 50.45 -31.93
N VAL A 304 6.99 50.15 -32.09
CA VAL A 304 8.06 51.07 -31.71
C VAL A 304 8.90 51.39 -32.93
N ILE A 305 9.77 52.38 -32.77
CA ILE A 305 10.72 52.79 -33.80
C ILE A 305 12.15 52.42 -33.42
N GLY A 306 12.58 52.78 -32.22
CA GLY A 306 13.92 52.45 -31.76
C GLY A 306 14.07 50.96 -31.52
N ALA A 307 15.31 50.47 -31.60
CA ALA A 307 15.61 49.06 -31.48
C ALA A 307 16.24 48.77 -30.12
N SER A 308 15.69 47.79 -29.42
CA SER A 308 16.22 47.31 -28.15
C SER A 308 16.33 45.79 -28.18
N SER A 309 17.24 45.27 -27.35
CA SER A 309 17.39 43.84 -27.23
C SER A 309 16.31 43.28 -26.31
N ILE A 310 16.40 42.00 -26.01
CA ILE A 310 15.41 41.32 -25.18
C ILE A 310 15.83 41.39 -23.73
N GLY A 311 14.91 41.80 -22.86
CA GLY A 311 15.16 41.82 -21.43
C GLY A 311 15.74 43.10 -20.88
N ASP A 312 15.78 44.18 -21.65
CA ASP A 312 16.31 45.43 -21.13
C ASP A 312 15.26 46.14 -20.28
N MET A 313 15.68 47.23 -19.64
CA MET A 313 14.80 48.12 -18.90
C MET A 313 14.64 49.42 -19.67
N VAL A 314 13.41 49.73 -20.07
CA VAL A 314 13.12 50.93 -20.84
C VAL A 314 12.08 51.75 -20.11
N THR A 315 11.97 53.01 -20.49
CA THR A 315 11.05 53.95 -19.88
C THR A 315 10.09 54.48 -20.92
N ILE A 316 8.79 54.40 -20.64
CA ILE A 316 7.74 54.82 -21.57
C ILE A 316 7.00 56.00 -20.94
N HIS A 317 6.73 57.01 -21.75
CA HIS A 317 6.11 58.24 -21.28
C HIS A 317 4.87 58.55 -22.11
N ASP A 318 3.97 59.34 -21.52
CA ASP A 318 2.79 59.83 -22.22
C ASP A 318 2.38 61.14 -21.57
N TYR A 319 2.50 62.23 -22.32
CA TYR A 319 2.34 63.57 -21.76
C TYR A 319 0.90 64.04 -21.74
N ASP A 320 0.06 63.53 -22.65
CA ASP A 320 -1.33 63.97 -22.68
C ASP A 320 -2.11 63.46 -21.48
N LYS A 321 -1.96 62.18 -21.16
CA LYS A 321 -2.64 61.59 -20.01
C LYS A 321 -1.78 61.55 -18.75
N ASN A 322 -0.51 61.93 -18.86
CA ASN A 322 0.37 62.18 -17.72
C ASN A 322 0.53 60.94 -16.84
N TYR A 323 1.17 59.92 -17.41
CA TYR A 323 1.69 58.81 -16.64
C TYR A 323 3.11 58.51 -17.08
N HIS A 324 3.90 57.97 -16.15
CA HIS A 324 5.30 57.65 -16.40
C HIS A 324 5.63 56.35 -15.68
N TYR A 325 6.16 55.38 -16.43
CA TYR A 325 6.44 54.06 -15.88
C TYR A 325 7.80 53.57 -16.34
N GLU A 326 8.38 52.68 -15.55
CA GLU A 326 9.58 51.94 -15.93
C GLU A 326 9.24 50.47 -16.01
N THR A 327 9.50 49.85 -17.17
CA THR A 327 9.10 48.47 -17.44
C THR A 327 10.28 47.72 -18.04
N ARG A 328 10.04 46.45 -18.35
CA ARG A 328 11.06 45.54 -18.85
C ARG A 328 10.55 44.85 -20.10
N VAL A 329 11.31 44.91 -21.18
CA VAL A 329 10.90 44.30 -22.44
C VAL A 329 10.91 42.79 -22.31
N PHE A 330 9.83 42.13 -22.73
CA PHE A 330 9.73 40.69 -22.60
C PHE A 330 9.28 39.96 -23.87
N ALA A 331 8.92 40.68 -24.93
CA ALA A 331 8.52 40.03 -26.18
C ALA A 331 8.82 40.97 -27.34
N ILE A 332 9.52 40.45 -28.35
CA ILE A 332 9.92 41.24 -29.51
C ILE A 332 9.63 40.44 -30.76
N LYS A 333 9.02 41.09 -31.75
CA LYS A 333 8.70 40.47 -33.04
C LYS A 333 9.29 41.35 -34.14
N ASN A 334 10.49 41.00 -34.59
CA ASN A 334 11.25 41.83 -35.52
C ASN A 334 11.07 41.32 -36.94
N ASP A 335 10.57 42.18 -37.82
CA ASP A 335 10.43 41.89 -39.24
C ASP A 335 11.61 42.53 -39.97
N ILE A 336 12.54 41.69 -40.42
CA ILE A 336 13.77 42.20 -41.01
C ILE A 336 13.52 42.85 -42.36
N LEU A 337 12.62 42.27 -43.16
CA LEU A 337 12.46 42.72 -44.53
C LEU A 337 11.74 44.07 -44.61
N ASN A 338 10.86 44.38 -43.68
CA ASN A 338 10.01 45.55 -43.77
C ASN A 338 10.26 46.59 -42.68
N ASN A 339 11.30 46.41 -41.87
CA ASN A 339 11.70 47.39 -40.87
C ASN A 339 10.60 47.70 -39.85
N LYS A 340 9.73 46.73 -39.59
CA LYS A 340 8.63 46.90 -38.64
C LYS A 340 8.94 46.11 -37.38
N ILE A 341 8.90 46.78 -36.23
CA ILE A 341 9.24 46.18 -34.95
C ILE A 341 8.05 46.33 -34.01
N GLU A 342 7.68 45.24 -33.35
CA GLU A 342 6.59 45.21 -32.39
C GLU A 342 7.13 44.69 -31.06
N SER A 343 6.72 45.32 -29.97
CA SER A 343 7.29 45.03 -28.66
C SER A 343 6.18 44.86 -27.64
N SER A 344 6.57 44.50 -26.42
CA SER A 344 5.67 44.40 -25.29
C SER A 344 6.45 44.67 -24.01
N LEU A 345 5.82 45.37 -23.07
CA LEU A 345 6.49 45.78 -21.85
C LEU A 345 5.62 45.43 -20.65
N GLY A 346 6.26 45.15 -19.53
CA GLY A 346 5.55 44.90 -18.29
C GLY A 346 5.37 43.44 -17.95
N ASP A 347 4.39 43.13 -17.12
CA ASP A 347 4.14 41.76 -16.70
C ASP A 347 3.45 40.98 -17.81
N ASN A 348 3.82 39.71 -17.93
CA ASN A 348 3.35 38.88 -19.05
C ASN A 348 1.95 38.35 -18.75
N LEU A 349 0.99 38.66 -19.63
CA LEU A 349 -0.36 38.15 -19.52
C LEU A 349 -0.75 37.32 -20.75
N LYS A 350 0.22 36.78 -21.46
CA LYS A 350 -0.03 36.02 -22.68
C LYS A 350 -0.26 34.54 -22.41
N GLY A 351 -0.26 34.13 -21.15
CA GLY A 351 -0.42 32.72 -20.81
C GLY A 351 -1.84 32.21 -20.76
N SER A 352 -2.83 33.05 -21.05
CA SER A 352 -4.23 32.65 -21.00
C SER A 352 -4.83 32.41 -22.38
N SER A 353 -4.01 32.36 -23.43
CA SER A 353 -4.51 32.06 -24.76
C SER A 353 -4.73 30.56 -24.91
N ALA A 354 -5.48 30.19 -25.95
CA ALA A 354 -5.93 28.81 -26.09
C ALA A 354 -4.78 27.85 -26.35
N SER A 355 -3.83 28.23 -27.20
CA SER A 355 -2.75 27.32 -27.55
C SER A 355 -1.87 27.00 -26.34
N ASN A 356 -1.56 28.01 -25.53
CA ASN A 356 -0.78 27.77 -24.33
C ASN A 356 -1.51 26.85 -23.37
N GLN A 357 -2.84 27.02 -23.26
CA GLN A 357 -3.62 26.16 -22.38
C GLN A 357 -3.61 24.72 -22.87
N LEU A 358 -3.70 24.51 -24.18
CA LEU A 358 -3.61 23.17 -24.73
C LEU A 358 -2.26 22.54 -24.41
N SER A 359 -1.18 23.30 -24.60
CA SER A 359 0.14 22.77 -24.33
C SER A 359 0.29 22.41 -22.84
N LYS A 360 -0.20 23.28 -21.96
CA LYS A 360 -0.10 23.02 -20.53
C LYS A 360 -0.92 21.79 -20.14
N ALA A 361 -2.10 21.61 -20.73
CA ALA A 361 -2.90 20.44 -20.44
C ALA A 361 -2.19 19.15 -20.86
N SER A 362 -1.59 19.16 -22.06
CA SER A 362 -0.86 17.97 -22.50
C SER A 362 0.30 17.67 -21.57
N SER A 363 1.06 18.70 -21.18
CA SER A 363 2.19 18.47 -20.28
C SER A 363 1.71 17.96 -18.92
N GLY A 364 0.61 18.49 -18.42
CA GLY A 364 0.08 18.02 -17.15
C GLY A 364 -0.34 16.56 -17.20
N ILE A 365 -0.98 16.15 -18.29
CA ILE A 365 -1.34 14.74 -18.44
C ILE A 365 -0.09 13.87 -18.45
N SER A 366 0.92 14.29 -19.21
CA SER A 366 2.14 13.49 -19.30
C SER A 366 2.85 13.38 -17.96
N GLU A 367 2.80 14.44 -17.15
CA GLU A 367 3.42 14.38 -15.82
C GLU A 367 2.63 13.49 -14.87
N LEU A 368 1.30 13.62 -14.86
CA LEU A 368 0.49 12.80 -13.98
C LEU A 368 0.60 11.32 -14.33
N LYS A 369 0.78 11.01 -15.61
CA LYS A 369 0.91 9.60 -16.00
C LYS A 369 2.14 8.94 -15.38
N SER A 370 3.17 9.72 -15.09
CA SER A 370 4.42 9.17 -14.58
C SER A 370 4.63 9.41 -13.09
N MET A 371 3.89 10.31 -12.46
CA MET A 371 4.08 10.58 -11.04
C MET A 371 3.12 9.85 -10.11
N LYS A 372 2.19 9.06 -10.62
CA LYS A 372 1.21 8.36 -9.79
C LYS A 372 1.46 6.86 -9.82
N MET A 373 0.79 6.14 -8.91
CA MET A 373 1.05 4.73 -8.67
C MET A 373 -0.16 3.89 -9.04
N ASN A 374 0.08 2.85 -9.84
CA ASN A 374 -0.95 1.92 -10.28
C ASN A 374 -0.94 0.68 -9.38
N PHE A 375 -1.64 -0.36 -9.82
CA PHE A 375 -1.82 -1.56 -9.00
C PHE A 375 -0.48 -2.22 -8.68
N TYR A 376 0.38 -2.37 -9.68
CA TYR A 376 1.63 -3.08 -9.49
C TYR A 376 2.53 -2.39 -8.46
N ASP A 377 2.63 -1.06 -8.55
CA ASP A 377 3.47 -0.33 -7.61
C ASP A 377 2.94 -0.43 -6.19
N SER A 378 1.62 -0.35 -6.01
CA SER A 378 1.04 -0.51 -4.68
C SER A 378 1.35 -1.89 -4.12
N THR A 379 1.21 -2.93 -4.94
CA THR A 379 1.51 -4.28 -4.46
C THR A 379 2.97 -4.41 -4.07
N GLU A 380 3.88 -3.88 -4.89
CA GLU A 380 5.31 -3.99 -4.58
C GLU A 380 5.65 -3.23 -3.31
N ILE A 381 5.10 -2.04 -3.13
CA ILE A 381 5.39 -1.25 -1.93
C ILE A 381 4.86 -1.97 -0.69
N SER A 382 3.64 -2.53 -0.78
CA SER A 382 3.10 -3.27 0.35
C SER A 382 3.96 -4.49 0.68
N LYS A 383 4.43 -5.19 -0.35
CA LYS A 383 5.31 -6.34 -0.10
C LYS A 383 6.59 -5.91 0.59
N TRP A 384 7.21 -4.83 0.13
CA TRP A 384 8.45 -4.37 0.74
C TRP A 384 8.24 -3.98 2.20
N GLN A 385 7.17 -3.23 2.48
CA GLN A 385 6.94 -2.78 3.85
C GLN A 385 6.48 -3.90 4.76
N SER A 386 5.87 -4.96 4.23
CA SER A 386 5.58 -6.11 5.06
C SER A 386 6.83 -6.92 5.34
N ASP A 387 7.72 -7.04 4.35
CA ASP A 387 8.96 -7.77 4.56
C ASP A 387 9.87 -7.07 5.56
N ILE A 388 9.83 -5.73 5.60
CA ILE A 388 10.65 -5.01 6.56
C ILE A 388 10.27 -5.39 7.99
N ILE A 389 8.97 -5.46 8.28
CA ILE A 389 8.52 -5.71 9.65
C ILE A 389 8.44 -7.19 9.99
N ARG A 390 8.33 -8.06 8.99
CA ARG A 390 8.35 -9.50 9.27
C ARG A 390 9.68 -9.96 9.84
N GLY A 391 10.76 -9.22 9.55
CA GLY A 391 12.08 -9.58 10.01
C GLY A 391 12.95 -10.25 8.98
N ALA A 392 12.49 -10.36 7.73
CA ALA A 392 13.20 -11.10 6.70
C ALA A 392 14.50 -10.44 6.27
N LYS A 393 14.77 -9.21 6.71
CA LYS A 393 15.99 -8.53 6.31
C LYS A 393 16.95 -8.25 7.46
N GLY A 394 16.46 -8.15 8.69
CA GLY A 394 17.29 -7.73 9.79
C GLY A 394 17.45 -8.67 10.97
N GLY A 395 16.78 -8.34 12.07
CA GLY A 395 17.15 -8.78 13.40
C GLY A 395 16.76 -10.19 13.76
N SER A 396 16.49 -10.38 15.05
CA SER A 396 16.56 -11.69 15.69
C SER A 396 15.25 -12.48 15.67
N VAL A 397 14.15 -11.89 15.21
CA VAL A 397 12.87 -12.60 15.14
C VAL A 397 12.38 -12.58 13.71
N LEU A 398 11.98 -13.75 13.21
CA LEU A 398 11.67 -13.88 11.80
C LEU A 398 10.61 -14.94 11.58
N LEU A 399 9.68 -14.68 10.67
CA LEU A 399 8.70 -15.67 10.21
C LEU A 399 9.13 -16.15 8.83
N MET A 400 9.61 -17.39 8.75
CA MET A 400 10.11 -17.97 7.51
C MET A 400 8.99 -18.44 6.60
N SER A 401 9.26 -18.36 5.31
CA SER A 401 8.38 -18.86 4.26
C SER A 401 9.24 -19.39 3.13
N PRO A 402 8.70 -20.28 2.29
CA PRO A 402 9.52 -20.81 1.18
C PRO A 402 10.03 -19.74 0.25
N TRP A 403 9.32 -18.62 0.15
CA TRP A 403 9.80 -17.50 -0.67
C TRP A 403 11.17 -17.01 -0.19
N ASP A 404 11.43 -17.10 1.11
CA ASP A 404 12.71 -16.64 1.65
C ASP A 404 13.87 -17.54 1.25
N THR A 405 13.59 -18.70 0.65
CA THR A 405 14.65 -19.61 0.25
C THR A 405 14.68 -19.92 -1.23
N ASN A 406 13.58 -19.73 -1.97
CA ASN A 406 13.58 -20.11 -3.38
C ASN A 406 13.00 -19.07 -4.34
N LYS A 407 12.44 -17.97 -3.84
CA LYS A 407 11.94 -16.88 -4.67
C LYS A 407 10.77 -17.31 -5.56
N GLY A 408 10.38 -18.58 -5.50
CA GLY A 408 9.43 -19.10 -6.46
C GLY A 408 8.12 -19.59 -5.90
N GLN A 409 8.13 -20.15 -4.70
CA GLN A 409 6.90 -20.67 -4.11
C GLN A 409 6.15 -19.54 -3.41
N SER A 410 5.13 -19.90 -2.65
CA SER A 410 4.27 -18.91 -2.02
C SER A 410 5.01 -18.20 -0.89
N ARG A 411 4.39 -17.13 -0.39
CA ARG A 411 4.92 -16.35 0.71
C ARG A 411 4.39 -16.82 2.05
N GLU A 412 3.73 -17.95 2.08
CA GLU A 412 3.00 -18.40 3.26
C GLU A 412 3.97 -18.91 4.33
N PRO A 413 3.83 -18.48 5.58
CA PRO A 413 4.79 -18.90 6.61
C PRO A 413 4.46 -20.28 7.16
N TYR A 414 5.50 -21.02 7.51
CA TYR A 414 5.34 -22.34 8.10
C TYR A 414 6.13 -22.55 9.38
N GLN A 415 7.01 -21.62 9.76
CA GLN A 415 7.75 -21.75 11.00
C GLN A 415 8.22 -20.38 11.45
N MET A 416 8.47 -20.26 12.75
CA MET A 416 9.00 -19.05 13.36
C MET A 416 10.34 -19.35 13.99
N VAL A 417 11.33 -18.50 13.72
CA VAL A 417 12.71 -18.73 14.11
C VAL A 417 13.19 -17.57 14.96
N ILE A 418 13.79 -17.88 16.10
CA ILE A 418 14.49 -16.91 16.93
C ILE A 418 15.97 -17.23 16.89
N MET A 419 16.76 -16.34 16.29
CA MET A 419 18.18 -16.59 16.12
C MET A 419 18.97 -15.98 17.27
N ASN A 420 20.30 -16.09 17.17
CA ASN A 420 21.20 -15.68 18.24
C ASN A 420 21.57 -14.20 18.15
N LYS A 421 22.17 -13.80 17.03
CA LYS A 421 22.61 -12.43 16.82
C LYS A 421 22.31 -12.03 15.38
N GLY A 422 22.28 -10.73 15.14
CA GLY A 422 22.32 -10.19 13.79
C GLY A 422 21.29 -10.76 12.83
N SER A 423 21.74 -11.59 11.90
CA SER A 423 20.88 -12.15 10.87
C SER A 423 21.14 -13.64 10.71
N LEU A 424 20.62 -14.22 9.62
CA LEU A 424 20.66 -15.67 9.44
C LEU A 424 22.09 -16.19 9.37
N LYS A 425 22.98 -15.48 8.68
CA LYS A 425 24.36 -15.95 8.52
C LYS A 425 25.29 -15.51 9.64
N GLU A 426 24.83 -14.65 10.54
CA GLU A 426 25.68 -14.08 11.58
C GLU A 426 25.42 -14.69 12.96
N SER A 427 24.62 -15.74 13.04
CA SER A 427 24.24 -16.33 14.31
C SER A 427 24.60 -17.80 14.36
N ASN A 428 24.77 -18.32 15.57
CA ASN A 428 25.25 -19.68 15.78
C ASN A 428 24.23 -20.61 16.41
N HIS A 429 23.22 -20.08 17.09
CA HIS A 429 22.23 -20.91 17.77
C HIS A 429 20.83 -20.46 17.39
N PHE A 430 19.89 -21.41 17.40
CA PHE A 430 18.55 -21.17 16.91
C PHE A 430 17.52 -21.84 17.82
N LEU A 431 16.41 -21.15 18.04
CA LEU A 431 15.24 -21.70 18.72
C LEU A 431 14.09 -21.66 17.74
N VAL A 432 13.68 -22.82 17.26
CA VAL A 432 12.72 -22.94 16.16
C VAL A 432 11.39 -23.43 16.68
N MET A 433 10.32 -22.76 16.28
CA MET A 433 8.94 -23.16 16.60
C MET A 433 8.26 -23.53 15.30
N ASN A 434 8.13 -24.83 15.03
CA ASN A 434 7.50 -25.25 13.78
C ASN A 434 6.46 -26.33 14.03
N SER A 435 5.98 -26.95 12.95
CA SER A 435 4.91 -27.93 12.99
C SER A 435 5.30 -29.25 13.62
N GLU A 436 6.49 -29.38 14.21
CA GLU A 436 6.86 -30.58 14.94
C GLU A 436 7.03 -30.34 16.44
N GLY A 437 7.08 -29.08 16.87
CA GLY A 437 7.25 -28.75 18.26
C GLY A 437 8.45 -27.83 18.48
N ILE A 438 8.50 -27.29 19.69
CA ILE A 438 9.57 -26.35 20.06
C ILE A 438 10.89 -27.12 20.10
N GLY A 439 11.78 -26.84 19.15
CA GLY A 439 13.04 -27.55 19.07
C GLY A 439 14.25 -26.66 19.02
N PHE A 440 15.40 -27.22 18.67
CA PHE A 440 16.66 -26.49 18.64
C PHE A 440 17.49 -26.93 17.45
N ILE A 441 18.39 -26.04 17.03
CA ILE A 441 19.26 -26.27 15.87
C ILE A 441 20.68 -25.91 16.25
N ASP A 442 21.64 -26.70 15.76
CA ASP A 442 23.05 -26.53 16.08
C ASP A 442 23.68 -25.41 15.28
N GLY A 443 25.01 -25.36 15.27
CA GLY A 443 25.81 -24.25 14.77
C GLY A 443 25.33 -23.52 13.53
N ASP A 444 25.14 -24.23 12.42
CA ASP A 444 24.81 -23.59 11.16
C ASP A 444 23.38 -23.91 10.76
N PHE A 445 22.73 -22.95 10.10
CA PHE A 445 21.35 -23.10 9.66
C PHE A 445 21.23 -23.83 8.34
N ASP A 446 22.24 -24.61 7.95
CA ASP A 446 22.04 -25.56 6.85
C ASP A 446 21.15 -26.72 7.28
N LYS A 447 20.51 -26.60 8.45
CA LYS A 447 19.68 -27.64 9.04
C LYS A 447 20.49 -28.89 9.30
N ASP A 448 21.45 -28.82 10.23
CA ASP A 448 22.16 -30.00 10.66
C ASP A 448 21.20 -31.13 10.97
N LYS A 449 20.39 -30.98 12.01
CA LYS A 449 19.24 -31.81 12.31
C LYS A 449 18.35 -31.10 13.32
N PHE A 450 17.04 -31.10 13.09
CA PHE A 450 16.13 -30.49 14.04
C PHE A 450 15.85 -31.42 15.22
N GLU A 451 16.05 -30.92 16.42
CA GLU A 451 15.75 -31.64 17.65
C GLU A 451 14.37 -31.22 18.15
N THR A 452 13.85 -31.97 19.12
CA THR A 452 12.55 -31.70 19.70
C THR A 452 12.64 -31.63 21.21
N ALA A 453 12.09 -30.57 21.79
CA ALA A 453 11.98 -30.43 23.24
C ALA A 453 10.53 -30.58 23.69
N TRP A 454 9.62 -29.81 23.09
CA TRP A 454 8.19 -29.99 23.28
C TRP A 454 7.64 -30.61 22.02
N THR A 455 6.67 -31.50 22.16
CA THR A 455 5.89 -31.95 21.01
C THR A 455 4.50 -31.37 21.10
N ILE A 456 3.86 -31.21 19.94
CA ILE A 456 2.59 -30.49 19.88
C ILE A 456 1.52 -31.18 20.71
N ASP A 457 1.60 -32.49 20.86
CA ASP A 457 0.69 -33.17 21.77
C ASP A 457 1.03 -32.94 23.23
N GLY A 458 2.18 -32.32 23.52
CA GLY A 458 2.53 -31.96 24.88
C GLY A 458 3.31 -33.01 25.64
N THR A 459 4.43 -33.46 25.09
CA THR A 459 5.30 -34.45 25.74
C THR A 459 6.68 -33.84 25.89
N PHE A 460 6.92 -33.19 27.03
CA PHE A 460 8.21 -32.58 27.30
C PHE A 460 9.32 -33.63 27.33
N ASN A 461 10.50 -33.24 26.88
CA ASN A 461 11.67 -34.10 26.94
C ASN A 461 12.46 -33.78 28.19
N ALA A 462 12.70 -34.79 29.01
CA ALA A 462 13.24 -34.56 30.35
C ALA A 462 14.73 -34.26 30.37
N LYS A 463 15.45 -34.57 29.28
CA LYS A 463 16.90 -34.39 29.28
C LYS A 463 17.33 -32.94 29.20
N PHE A 464 16.40 -32.01 28.98
CA PHE A 464 16.74 -30.60 28.83
C PHE A 464 16.81 -29.86 30.16
N ILE A 465 16.56 -30.54 31.28
CA ILE A 465 16.71 -29.94 32.60
C ILE A 465 18.16 -30.15 33.02
N ARG A 466 18.95 -29.07 33.02
CA ARG A 466 20.39 -29.18 33.20
C ARG A 466 20.98 -28.17 34.17
N ALA A 467 20.18 -27.33 34.80
CA ALA A 467 20.70 -26.37 35.77
C ALA A 467 19.56 -25.88 36.65
N GLY A 468 19.73 -25.95 37.96
CA GLY A 468 18.74 -25.43 38.87
C GLY A 468 18.52 -26.38 40.03
N VAL A 469 17.60 -25.99 40.90
CA VAL A 469 17.23 -26.75 42.08
C VAL A 469 15.74 -27.04 42.02
N LEU A 470 15.37 -28.31 42.23
CA LEU A 470 13.99 -28.75 42.13
C LEU A 470 13.38 -28.85 43.53
N SER A 471 12.24 -28.19 43.73
CA SER A 471 11.61 -28.17 45.04
C SER A 471 10.11 -27.92 44.89
N GLY A 472 9.37 -28.30 45.92
CA GLY A 472 7.95 -27.98 46.01
C GLY A 472 7.03 -28.81 45.15
N ILE A 473 7.44 -30.01 44.72
CA ILE A 473 6.60 -30.88 43.92
C ILE A 473 6.53 -32.25 44.59
N LEU A 474 5.79 -33.15 43.95
CA LEU A 474 5.66 -34.54 44.40
C LEU A 474 6.19 -35.46 43.32
N ILE A 475 6.83 -36.55 43.75
CA ILE A 475 7.38 -37.55 42.84
C ILE A 475 6.69 -38.87 43.13
N LYS A 476 6.07 -39.46 42.11
CA LYS A 476 5.29 -40.68 42.28
C LYS A 476 5.50 -41.59 41.08
N GLY A 477 5.59 -42.89 41.36
CA GLY A 477 5.64 -43.88 40.30
C GLY A 477 7.00 -44.03 39.63
N ASN A 478 7.81 -42.97 39.68
CA ASN A 478 9.08 -42.96 38.96
C ASN A 478 10.07 -43.94 39.56
N ILE A 479 11.01 -44.37 38.74
CA ILE A 479 12.11 -45.23 39.16
C ILE A 479 13.31 -44.37 39.47
N ILE A 480 13.87 -44.52 40.67
CA ILE A 480 15.03 -43.76 41.10
C ILE A 480 16.25 -44.67 41.05
N LYS A 481 17.41 -44.07 40.83
CA LYS A 481 18.66 -44.81 40.78
C LYS A 481 19.82 -43.85 41.05
N SER A 482 20.93 -44.42 41.47
CA SER A 482 22.18 -43.69 41.63
C SER A 482 23.29 -44.50 40.98
N SER A 483 24.53 -44.04 41.14
CA SER A 483 25.65 -44.71 40.52
C SER A 483 26.94 -44.44 41.27
N ASP A 484 27.90 -45.34 41.11
CA ASP A 484 29.25 -45.21 41.64
C ASP A 484 30.24 -45.69 40.59
N GLU A 485 31.53 -45.64 40.93
CA GLU A 485 32.56 -46.11 40.01
C GLU A 485 32.54 -47.63 39.88
N GLY A 486 32.15 -48.34 40.93
CA GLY A 486 32.11 -49.78 40.91
C GLY A 486 30.85 -50.32 40.25
N ASP A 487 30.20 -51.29 40.89
CA ASP A 487 28.99 -51.92 40.37
C ASP A 487 27.93 -52.02 41.46
N PHE A 488 27.70 -50.92 42.16
CA PHE A 488 26.68 -50.87 43.21
C PHE A 488 25.78 -49.66 42.99
N GLN A 489 24.47 -49.86 43.10
CA GLN A 489 23.51 -48.79 42.92
C GLN A 489 22.28 -49.07 43.76
N ILE A 490 21.51 -48.02 44.04
CA ILE A 490 20.31 -48.10 44.85
C ILE A 490 19.10 -47.88 43.96
N VAL A 491 18.10 -48.77 44.07
CA VAL A 491 16.94 -48.76 43.20
C VAL A 491 15.68 -48.66 44.05
N LEU A 492 14.70 -47.91 43.56
CA LEU A 492 13.38 -47.77 44.19
C LEU A 492 12.33 -48.06 43.14
N ASP A 493 11.96 -49.33 42.98
CA ASP A 493 11.01 -49.77 41.97
C ASP A 493 9.84 -50.46 42.63
N GLY A 494 8.64 -49.92 42.44
CA GLY A 494 7.43 -50.56 42.93
C GLY A 494 7.38 -50.73 44.43
N GLY A 495 7.70 -49.68 45.16
CA GLY A 495 7.71 -49.77 46.62
C GLY A 495 8.72 -50.76 47.14
N GLU A 496 9.91 -50.80 46.54
CA GLU A 496 10.95 -51.75 46.91
C GLU A 496 12.29 -51.04 46.95
N LEU A 497 13.12 -51.41 47.92
CA LEU A 497 14.49 -50.92 48.02
C LEU A 497 15.42 -52.07 47.68
N THR A 498 16.27 -51.88 46.67
CA THR A 498 17.09 -52.93 46.14
C THR A 498 18.55 -52.49 46.14
N PHE A 499 19.41 -53.29 46.77
CA PHE A 499 20.85 -53.13 46.69
C PHE A 499 21.39 -54.26 45.81
N GLU A 500 21.85 -53.91 44.61
CA GLU A 500 22.14 -54.92 43.60
C GLU A 500 23.41 -54.52 42.86
N LYS A 501 23.67 -55.21 41.74
CA LYS A 501 24.83 -54.95 40.90
C LYS A 501 24.43 -54.13 39.69
N LYS A 502 25.38 -53.35 39.18
CA LYS A 502 25.11 -52.40 38.12
C LYS A 502 24.87 -53.12 36.78
N TYR A 503 24.13 -52.44 35.92
CA TYR A 503 23.96 -52.86 34.53
C TYR A 503 23.47 -51.66 33.73
N ASP A 504 23.93 -51.60 32.48
CA ASP A 504 23.64 -50.46 31.61
C ASP A 504 22.70 -50.91 30.49
N SER A 505 21.61 -50.16 30.30
CA SER A 505 20.60 -50.52 29.32
C SER A 505 19.82 -49.27 28.93
N GLU A 506 18.90 -49.44 27.99
CA GLU A 506 18.09 -48.35 27.46
C GLU A 506 16.60 -48.61 27.58
N ASP A 507 16.18 -49.43 28.54
CA ASP A 507 14.77 -49.74 28.74
C ASP A 507 14.40 -49.53 30.21
N ILE A 508 13.11 -49.28 30.44
CA ILE A 508 12.63 -49.06 31.81
C ILE A 508 12.80 -50.34 32.63
N ASN A 509 12.47 -51.48 32.04
CA ASN A 509 12.52 -52.74 32.80
C ASN A 509 13.95 -53.21 33.01
N ASP A 510 14.83 -52.98 32.03
CA ASP A 510 16.18 -53.52 32.05
C ASP A 510 17.11 -52.78 33.00
N GLN A 511 16.65 -51.71 33.65
CA GLN A 511 17.51 -51.00 34.58
C GLN A 511 17.85 -51.85 35.80
N HIS A 512 16.93 -52.71 36.21
CA HIS A 512 17.14 -53.53 37.40
C HIS A 512 18.19 -54.60 37.11
N GLY A 513 19.01 -54.90 38.12
CA GLY A 513 20.13 -55.82 37.94
C GLY A 513 20.03 -57.11 38.74
N HIS A 514 21.17 -57.56 39.28
CA HIS A 514 21.23 -58.80 40.05
C HIS A 514 21.12 -58.47 41.52
N PRO A 515 20.01 -58.77 42.18
CA PRO A 515 19.84 -58.38 43.59
C PRO A 515 20.83 -59.11 44.49
N MET A 516 21.27 -58.41 45.54
CA MET A 516 22.07 -59.01 46.59
C MET A 516 21.42 -58.84 47.96
N LEU A 517 20.97 -57.64 48.29
CA LEU A 517 20.20 -57.38 49.51
C LEU A 517 19.02 -56.49 49.13
N THR A 518 17.81 -56.91 49.50
CA THR A 518 16.58 -56.19 49.13
C THR A 518 15.71 -56.03 50.38
N MET A 519 15.84 -54.89 51.04
CA MET A 519 14.87 -54.52 52.08
C MET A 519 13.50 -54.36 51.45
N LYS A 520 12.49 -54.97 52.06
CA LYS A 520 11.17 -55.04 51.42
C LYS A 520 10.13 -55.37 52.48
N ALA A 521 8.93 -55.71 52.02
CA ALA A 521 7.85 -56.17 52.88
C ALA A 521 7.21 -57.40 52.25
N LEU A 522 6.57 -58.21 53.08
CA LEU A 522 5.95 -59.46 52.65
C LEU A 522 4.47 -59.44 52.96
N TYR A 523 3.67 -59.95 52.03
CA TYR A 523 2.24 -60.09 52.26
C TYR A 523 2.02 -61.26 53.20
N THR A 524 2.15 -61.01 54.50
CA THR A 524 2.19 -62.07 55.51
C THR A 524 0.78 -62.43 55.93
N ASP A 525 0.31 -63.59 55.44
CA ASP A 525 -0.97 -64.18 55.86
C ASP A 525 -2.14 -63.23 55.59
N ASP A 526 -2.36 -62.97 54.31
CA ASP A 526 -3.51 -62.20 53.81
C ASP A 526 -3.55 -60.78 54.36
N LYS A 527 -2.42 -60.28 54.87
CA LYS A 527 -2.33 -58.91 55.35
C LYS A 527 -0.90 -58.44 55.20
N LEU A 528 -0.73 -57.13 55.01
CA LEU A 528 0.59 -56.55 54.79
C LEU A 528 1.12 -55.98 56.11
N ASN A 529 1.60 -56.91 56.94
CA ASN A 529 2.18 -56.56 58.24
C ASN A 529 3.58 -57.15 58.42
N GLY A 530 4.18 -57.64 57.35
CA GLY A 530 5.51 -58.21 57.44
C GLY A 530 6.56 -57.39 56.72
N ILE A 531 7.49 -56.82 57.48
CA ILE A 531 8.58 -56.01 56.93
C ILE A 531 9.89 -56.62 57.38
N SER A 532 10.80 -56.85 56.43
CA SER A 532 12.08 -57.45 56.72
C SER A 532 12.97 -57.35 55.49
N MET A 533 14.25 -57.64 55.68
CA MET A 533 15.20 -57.76 54.58
C MET A 533 15.32 -59.23 54.20
N VAL A 534 16.19 -59.50 53.23
CA VAL A 534 16.53 -60.87 52.85
C VAL A 534 18.03 -60.92 52.53
N GLN A 535 18.55 -62.13 52.46
CA GLN A 535 19.91 -62.38 52.02
C GLN A 535 19.90 -63.27 50.78
N ILE A 536 21.06 -63.40 50.14
CA ILE A 536 21.23 -64.30 49.00
C ILE A 536 22.55 -65.05 49.20
N PRO A 537 22.59 -66.35 48.94
CA PRO A 537 23.83 -67.10 49.14
C PRO A 537 24.97 -66.59 48.27
N ASN A 538 26.19 -66.97 48.66
CA ASN A 538 27.44 -66.56 48.04
C ASN A 538 27.69 -65.06 48.13
N TYR A 539 27.03 -64.37 49.05
CA TYR A 539 27.24 -62.94 49.27
C TYR A 539 27.40 -62.68 50.76
N SER A 540 28.16 -61.64 51.07
CA SER A 540 28.45 -61.27 52.45
C SER A 540 27.54 -60.13 52.88
N PHE A 541 27.00 -60.25 54.09
CA PHE A 541 26.12 -59.25 54.67
C PHE A 541 26.59 -58.95 56.09
N GLY A 542 26.34 -57.73 56.54
CA GLY A 542 26.81 -57.37 57.87
C GLY A 542 26.22 -56.07 58.34
N ILE A 543 26.43 -55.81 59.63
CA ILE A 543 26.05 -54.58 60.31
C ILE A 543 27.35 -53.98 60.84
N ASN A 544 28.42 -54.11 60.04
CA ASN A 544 29.78 -53.78 60.43
C ASN A 544 29.84 -52.50 61.24
N SER A 545 30.74 -52.47 62.22
CA SER A 545 30.85 -51.36 63.15
C SER A 545 32.32 -50.97 63.28
N GLY A 546 32.54 -49.69 63.60
CA GLY A 546 33.89 -49.18 63.72
C GLY A 546 34.03 -47.74 63.29
N GLY A 547 34.92 -47.48 62.34
CA GLY A 547 35.14 -46.15 61.82
C GLY A 547 34.93 -46.07 60.32
N LEU A 548 35.39 -44.95 59.75
CA LEU A 548 35.34 -44.81 58.30
C LEU A 548 36.34 -45.74 57.62
N MET A 549 37.48 -46.00 58.26
CA MET A 549 38.48 -46.88 57.70
C MET A 549 38.26 -48.33 58.11
N VAL A 550 37.71 -48.56 59.30
CA VAL A 550 37.56 -49.89 59.87
C VAL A 550 36.09 -50.15 60.17
N SER A 551 35.61 -51.33 59.82
CA SER A 551 34.22 -51.72 60.03
C SER A 551 34.17 -53.19 60.39
N LYS A 552 33.84 -53.49 61.68
CA LYS A 552 33.87 -54.86 62.19
C LYS A 552 32.45 -55.38 62.43
N PRO A 553 32.23 -56.67 62.18
CA PRO A 553 30.85 -57.20 62.16
C PRO A 553 30.24 -57.26 63.55
N VAL A 554 29.14 -56.55 63.74
CA VAL A 554 28.28 -56.80 64.88
C VAL A 554 27.59 -58.14 64.74
N ILE A 555 27.04 -58.41 63.55
CA ILE A 555 26.65 -59.75 63.13
C ILE A 555 27.29 -60.02 61.78
N GLU A 556 27.96 -61.14 61.65
CA GLU A 556 28.57 -61.54 60.38
C GLU A 556 27.69 -62.58 59.72
N ILE A 557 27.34 -62.33 58.46
CA ILE A 557 26.53 -63.24 57.66
C ILE A 557 27.46 -63.91 56.65
N PRO A 558 27.64 -65.22 56.70
CA PRO A 558 28.58 -65.87 55.78
C PRO A 558 28.03 -65.93 54.36
N LYS A 559 28.94 -66.15 53.41
CA LYS A 559 28.55 -66.33 52.02
C LYS A 559 27.65 -67.55 51.86
N GLU A 560 27.81 -68.54 52.73
CA GLU A 560 27.05 -69.79 52.67
C GLU A 560 25.84 -69.77 53.58
N SER A 561 25.49 -68.62 54.16
CA SER A 561 24.32 -68.54 55.02
C SER A 561 23.07 -68.95 54.24
N THR A 562 22.29 -69.86 54.82
CA THR A 562 21.18 -70.47 54.11
C THR A 562 20.08 -70.75 55.12
N ILE A 563 18.85 -70.91 54.61
CA ILE A 563 17.74 -71.33 55.46
C ILE A 563 18.07 -72.67 56.13
N ASP A 564 18.66 -73.60 55.38
CA ASP A 564 19.06 -74.88 55.96
C ASP A 564 20.26 -74.70 56.89
N SER A 565 21.28 -73.98 56.42
CA SER A 565 22.49 -73.74 57.21
C SER A 565 22.37 -72.39 57.90
N ARG A 566 21.63 -72.38 59.00
CA ARG A 566 21.48 -71.18 59.82
C ARG A 566 22.78 -70.94 60.56
N LYS A 567 23.71 -70.26 59.91
CA LYS A 567 25.06 -70.05 60.43
C LYS A 567 25.14 -68.56 60.77
N LEU A 568 24.74 -68.20 61.97
CA LEU A 568 24.59 -66.80 62.36
C LEU A 568 25.82 -66.35 63.16
N ASN A 569 26.89 -66.06 62.42
CA ASN A 569 28.12 -65.62 63.05
C ASN A 569 27.93 -64.27 63.71
N LEU A 570 28.50 -64.12 64.90
CA LEU A 570 28.51 -62.86 65.61
C LEU A 570 29.90 -62.63 66.19
N PHE A 571 30.32 -61.37 66.22
CA PHE A 571 31.62 -61.03 66.77
C PHE A 571 31.49 -59.71 67.51
N GLY A 572 32.27 -59.58 68.56
CA GLY A 572 32.27 -58.39 69.39
C GLY A 572 31.72 -58.67 70.78
N GLU A 573 32.35 -58.08 71.79
CA GLU A 573 31.97 -58.29 73.19
C GLU A 573 30.60 -57.66 73.41
N VAL A 574 29.59 -58.50 73.59
CA VAL A 574 28.21 -58.06 73.72
C VAL A 574 27.72 -58.34 75.15
N ARG A 575 27.20 -57.30 75.80
CA ARG A 575 26.64 -57.39 77.14
C ARG A 575 25.15 -57.63 77.00
N VAL A 576 24.70 -58.85 77.32
CA VAL A 576 23.34 -59.26 77.00
C VAL A 576 22.44 -59.23 78.23
N VAL A 577 21.77 -58.09 78.45
CA VAL A 577 20.73 -58.05 79.46
C VAL A 577 19.46 -58.68 78.90
N GLY A 578 18.90 -59.61 79.64
CA GLY A 578 17.75 -60.38 79.19
C GLY A 578 17.98 -61.86 79.41
N ASP A 579 16.97 -62.64 79.02
CA ASP A 579 17.04 -64.07 79.25
C ASP A 579 18.15 -64.72 78.44
N PHE A 580 18.69 -65.79 78.99
CA PHE A 580 19.78 -66.54 78.37
C PHE A 580 19.37 -68.00 78.31
N TYR A 581 20.08 -68.77 77.48
CA TYR A 581 19.78 -70.18 77.21
C TYR A 581 20.98 -71.10 77.39
N VAL A 582 20.93 -71.94 78.43
CA VAL A 582 21.66 -73.21 78.50
C VAL A 582 20.74 -74.30 79.03
N ASN A 583 20.04 -75.03 78.14
CA ASN A 583 19.22 -76.23 78.33
C ASN A 583 17.77 -76.03 77.84
N ASP A 584 16.81 -75.84 78.75
CA ASP A 584 15.46 -75.48 78.32
C ASP A 584 14.73 -74.74 79.44
N VAL A 585 14.41 -73.46 79.20
CA VAL A 585 13.50 -72.54 79.90
C VAL A 585 14.21 -71.21 80.13
N LYS A 586 13.58 -70.10 79.73
CA LYS A 586 14.24 -68.81 79.78
C LYS A 586 14.56 -68.39 81.22
N ILE A 587 15.75 -67.85 81.43
CA ILE A 587 16.22 -67.37 82.73
C ILE A 587 16.99 -66.07 82.55
N ASP A 588 16.76 -65.11 83.45
CA ASP A 588 17.31 -63.76 83.42
C ASP A 588 18.83 -63.73 83.57
N SER A 589 19.40 -62.52 83.62
CA SER A 589 20.83 -62.28 83.58
C SER A 589 21.21 -61.12 84.49
N ASN A 590 22.42 -60.57 84.31
CA ASN A 590 23.08 -59.65 85.26
C ASN A 590 22.15 -58.74 86.07
N VAL B 3 -31.10 9.70 -52.24
CA VAL B 3 -31.06 9.45 -50.80
C VAL B 3 -32.38 8.85 -50.31
N TYR B 4 -32.29 7.70 -49.65
CA TYR B 4 -33.45 6.99 -49.15
C TYR B 4 -33.54 7.15 -47.63
N PHE B 5 -34.74 7.43 -47.14
CA PHE B 5 -34.98 7.67 -45.72
C PHE B 5 -35.83 6.55 -45.12
N PHE B 6 -35.40 6.02 -43.99
CA PHE B 6 -36.10 4.95 -43.29
C PHE B 6 -36.65 5.46 -41.96
N ASP B 7 -37.69 4.80 -41.48
CA ASP B 7 -38.29 5.14 -40.20
C ASP B 7 -37.61 4.34 -39.08
N ASN B 8 -38.21 4.35 -37.88
CA ASN B 8 -37.56 3.75 -36.73
C ASN B 8 -37.48 2.23 -36.82
N LYS B 9 -38.29 1.60 -37.66
CA LYS B 9 -38.25 0.16 -37.86
C LYS B 9 -37.48 -0.23 -39.12
N GLN B 10 -36.73 0.70 -39.70
CA GLN B 10 -35.96 0.45 -40.92
C GLN B 10 -36.86 0.02 -42.07
N GLN B 11 -37.94 0.77 -42.28
CA GLN B 11 -38.82 0.59 -43.42
C GLN B 11 -38.71 1.81 -44.33
N LEU B 12 -38.61 1.57 -45.63
CA LEU B 12 -38.46 2.67 -46.58
C LEU B 12 -39.68 3.58 -46.54
N ILE B 13 -39.44 4.89 -46.61
CA ILE B 13 -40.48 5.90 -46.49
C ILE B 13 -40.55 6.80 -47.72
N LYS B 14 -39.42 7.38 -48.10
CA LYS B 14 -39.41 8.40 -49.14
C LYS B 14 -38.11 8.33 -49.92
N ILE B 15 -38.15 8.80 -51.15
CA ILE B 15 -36.97 8.92 -52.00
C ILE B 15 -36.83 10.39 -52.40
N LYS B 16 -35.64 10.94 -52.22
CA LYS B 16 -35.36 12.32 -52.59
C LYS B 16 -34.46 12.32 -53.83
N ASN B 17 -34.83 13.12 -54.82
CA ASN B 17 -34.10 13.17 -56.07
C ASN B 17 -32.89 14.09 -55.91
N SER B 18 -32.16 14.33 -57.00
CA SER B 18 -31.05 15.25 -57.00
C SER B 18 -31.45 16.66 -57.41
N ARG B 19 -32.70 16.88 -57.78
CA ARG B 19 -33.19 18.20 -58.16
C ARG B 19 -33.81 18.95 -57.00
N THR B 20 -33.77 18.39 -55.79
CA THR B 20 -34.32 19.04 -54.61
C THR B 20 -33.31 19.20 -53.48
N LEU B 21 -32.28 18.36 -53.43
CA LEU B 21 -31.28 18.46 -52.37
C LEU B 21 -30.45 19.72 -52.54
N LEU B 22 -30.05 20.29 -51.41
CA LEU B 22 -29.21 21.49 -51.40
C LEU B 22 -27.76 21.19 -51.01
N GLN B 23 -27.48 19.99 -50.52
CA GLN B 23 -26.13 19.63 -50.09
C GLN B 23 -26.06 18.12 -49.93
N CYS B 24 -24.90 17.55 -50.25
CA CYS B 24 -24.66 16.12 -50.03
C CYS B 24 -23.16 15.89 -50.01
N LEU B 25 -22.61 15.50 -48.86
CA LEU B 25 -21.17 15.39 -48.69
C LEU B 25 -20.85 14.14 -47.88
N GLN B 26 -19.84 13.39 -48.33
CA GLN B 26 -19.44 12.15 -47.71
C GLN B 26 -17.94 12.17 -47.45
N GLU B 27 -17.53 11.80 -46.24
CA GLU B 27 -16.14 11.89 -45.82
C GLU B 27 -15.66 10.56 -45.25
N LYS B 28 -14.40 10.23 -45.52
CA LYS B 28 -13.77 9.03 -45.00
C LYS B 28 -12.32 9.33 -44.66
N GLU B 29 -11.85 8.79 -43.53
CA GLU B 29 -10.50 9.06 -43.08
C GLU B 29 -9.99 7.90 -42.23
N ILE B 30 -8.72 7.53 -42.45
CA ILE B 30 -8.06 6.50 -41.67
C ILE B 30 -7.21 7.17 -40.61
N ALA B 31 -7.49 6.88 -39.34
CA ALA B 31 -6.78 7.53 -38.25
C ALA B 31 -5.32 7.10 -38.21
N SER B 32 -4.48 8.01 -37.70
CA SER B 32 -3.06 7.72 -37.61
C SER B 32 -2.77 6.61 -36.60
N ASP B 33 -3.47 6.62 -35.48
CA ASP B 33 -3.31 5.58 -34.47
C ASP B 33 -4.09 4.34 -34.85
N LYS B 34 -3.63 3.19 -34.35
CA LYS B 34 -4.30 1.92 -34.63
C LYS B 34 -5.45 1.65 -33.68
N SER B 35 -5.66 2.48 -32.66
CA SER B 35 -6.69 2.26 -31.66
C SER B 35 -7.99 2.97 -31.99
N ASP B 36 -8.09 3.60 -33.16
CA ASP B 36 -9.30 4.30 -33.57
C ASP B 36 -9.87 3.65 -34.84
N LEU B 37 -11.18 3.70 -34.97
CA LEU B 37 -11.86 3.09 -36.11
C LEU B 37 -11.76 4.00 -37.33
N MET B 38 -12.38 3.57 -38.42
CA MET B 38 -12.37 4.33 -39.66
C MET B 38 -13.56 5.29 -39.69
N LYS B 39 -13.27 6.57 -39.88
CA LYS B 39 -14.30 7.60 -39.83
C LYS B 39 -15.20 7.52 -41.06
N ASP B 40 -16.48 7.80 -40.86
CA ASP B 40 -17.45 7.77 -41.96
C ASP B 40 -18.60 8.70 -41.59
N VAL B 41 -18.74 9.82 -42.31
CA VAL B 41 -19.70 10.85 -41.97
C VAL B 41 -20.43 11.30 -43.22
N LEU B 42 -21.75 11.46 -43.13
CA LEU B 42 -22.59 11.97 -44.20
C LEU B 42 -23.38 13.18 -43.72
N THR B 43 -23.58 14.14 -44.61
CA THR B 43 -24.33 15.36 -44.29
C THR B 43 -25.22 15.71 -45.48
N VAL B 44 -26.52 15.85 -45.23
CA VAL B 44 -27.48 16.21 -46.28
C VAL B 44 -28.42 17.28 -45.71
N SER B 45 -29.01 18.07 -46.60
CA SER B 45 -29.94 19.12 -46.20
C SER B 45 -30.92 19.38 -47.32
N CYS B 46 -32.19 19.57 -46.98
CA CYS B 46 -33.23 19.78 -47.96
C CYS B 46 -34.31 20.69 -47.36
N LEU B 47 -35.29 21.04 -48.18
CA LEU B 47 -36.38 21.88 -47.72
C LEU B 47 -37.24 21.13 -46.69
N HIS B 48 -37.87 21.89 -45.80
CA HIS B 48 -38.59 21.31 -44.68
C HIS B 48 -39.74 20.44 -45.18
N ASP B 49 -39.89 19.26 -44.58
CA ASP B 49 -40.99 18.36 -44.88
C ASP B 49 -41.56 17.83 -43.59
N VAL B 50 -42.88 17.62 -43.57
CA VAL B 50 -43.55 17.20 -42.34
C VAL B 50 -43.22 15.75 -42.01
N GLU B 51 -43.15 14.89 -43.02
CA GLU B 51 -42.97 13.45 -42.82
C GLU B 51 -41.50 13.03 -42.88
N LEU B 52 -40.58 13.97 -42.67
CA LEU B 52 -39.16 13.66 -42.64
C LEU B 52 -38.57 13.89 -41.25
N GLU B 53 -39.39 14.29 -40.28
CA GLU B 53 -38.93 14.55 -38.93
C GLU B 53 -39.05 13.32 -38.04
N GLN B 54 -39.47 12.19 -38.59
CA GLN B 54 -39.52 10.93 -37.85
C GLN B 54 -38.47 9.93 -38.31
N CYS B 55 -37.80 10.19 -39.43
CA CYS B 55 -36.84 9.24 -39.98
C CYS B 55 -35.56 9.20 -39.14
N ASP B 56 -34.96 8.02 -39.08
CA ASP B 56 -33.74 7.80 -38.31
C ASP B 56 -32.59 7.21 -39.09
N PHE B 57 -32.80 6.83 -40.36
CA PHE B 57 -31.75 6.27 -41.19
C PHE B 57 -31.81 6.92 -42.57
N MET B 58 -30.64 7.20 -43.13
CA MET B 58 -30.55 7.64 -44.51
C MET B 58 -29.42 6.88 -45.19
N ALA B 59 -29.62 6.50 -46.44
CA ALA B 59 -28.68 5.66 -47.16
C ALA B 59 -28.40 6.25 -48.54
N VAL B 60 -27.21 5.96 -49.06
CA VAL B 60 -26.82 6.42 -50.40
C VAL B 60 -26.48 5.21 -51.26
N ARG B 61 -26.04 5.46 -52.49
CA ARG B 61 -25.79 4.42 -53.47
C ARG B 61 -24.32 4.43 -53.86
N GLU B 62 -23.69 3.24 -53.83
CA GLU B 62 -22.33 3.08 -54.33
C GLU B 62 -22.31 2.51 -55.74
N ASN B 63 -22.97 1.37 -55.93
CA ASN B 63 -23.21 0.79 -57.25
C ASN B 63 -24.54 0.05 -57.16
N LYS B 64 -24.80 -0.84 -58.10
CA LYS B 64 -26.11 -1.48 -58.16
C LYS B 64 -26.32 -2.52 -57.07
N GLY B 65 -25.31 -2.86 -56.27
CA GLY B 65 -25.48 -3.89 -55.28
C GLY B 65 -25.02 -3.57 -53.88
N VAL B 66 -24.33 -2.44 -53.72
CA VAL B 66 -23.74 -2.06 -52.43
C VAL B 66 -24.34 -0.74 -52.00
N TYR B 67 -24.88 -0.69 -50.78
CA TYR B 67 -25.43 0.53 -50.22
C TYR B 67 -24.84 0.75 -48.84
N SER B 68 -24.68 2.03 -48.48
CA SER B 68 -24.14 2.41 -47.19
C SER B 68 -25.25 3.02 -46.33
N LEU B 69 -25.31 2.61 -45.07
CA LEU B 69 -26.35 3.03 -44.15
C LEU B 69 -25.78 3.99 -43.13
N TYR B 70 -26.48 5.09 -42.89
CA TYR B 70 -26.06 6.11 -41.94
C TYR B 70 -27.16 6.37 -40.94
N LYS B 71 -26.80 6.50 -39.66
CA LYS B 71 -27.75 6.72 -38.59
C LYS B 71 -27.72 8.19 -38.19
N ILE B 72 -28.88 8.84 -38.22
CA ILE B 72 -28.96 10.27 -37.92
C ILE B 72 -28.70 10.48 -36.44
N LEU B 73 -27.79 11.40 -36.12
CA LEU B 73 -27.52 11.77 -34.74
C LEU B 73 -28.05 13.13 -34.36
N GLU B 74 -28.02 14.10 -35.27
CA GLU B 74 -28.48 15.45 -34.98
C GLU B 74 -29.33 15.96 -36.12
N GLU B 75 -30.30 16.80 -35.78
CA GLU B 75 -31.20 17.40 -36.75
C GLU B 75 -31.45 18.85 -36.36
N GLU B 76 -31.46 19.75 -37.34
CA GLU B 76 -31.53 21.17 -37.05
C GLU B 76 -32.39 21.89 -38.11
N ILE B 77 -33.60 22.28 -37.71
CA ILE B 77 -34.43 23.10 -38.57
C ILE B 77 -34.00 24.56 -38.46
N ASP B 78 -33.55 25.12 -39.57
CA ASP B 78 -33.09 26.51 -39.62
C ASP B 78 -33.79 27.21 -40.76
N ALA B 79 -34.36 28.38 -40.48
CA ALA B 79 -35.15 29.13 -41.44
C ALA B 79 -36.22 28.18 -41.96
N GLU B 80 -36.16 27.70 -43.20
CA GLU B 80 -37.06 26.67 -43.67
C GLU B 80 -36.32 25.47 -44.25
N ILE B 81 -35.03 25.32 -43.98
CA ILE B 81 -34.23 24.24 -44.56
C ILE B 81 -33.80 23.31 -43.44
N MET B 82 -34.11 22.03 -43.57
CA MET B 82 -33.70 21.03 -42.60
C MET B 82 -32.28 20.57 -42.86
N ASN B 83 -31.56 20.26 -41.79
CA ASN B 83 -30.23 19.68 -41.89
C ASN B 83 -30.22 18.30 -41.24
N PHE B 84 -29.16 17.55 -41.51
CA PHE B 84 -29.01 16.22 -40.95
C PHE B 84 -27.53 15.93 -40.78
N LYS B 85 -27.21 14.97 -39.92
CA LYS B 85 -25.83 14.57 -39.68
C LYS B 85 -25.81 13.14 -39.20
N GLY B 86 -25.17 12.25 -39.96
CA GLY B 86 -25.20 10.84 -39.67
C GLY B 86 -23.81 10.25 -39.63
N VAL B 87 -23.71 9.12 -38.91
CA VAL B 87 -22.46 8.37 -38.82
C VAL B 87 -22.72 6.95 -39.29
N ASN B 88 -21.71 6.10 -39.27
CA ASN B 88 -21.87 4.73 -39.70
C ASN B 88 -22.75 3.96 -38.73
N PHE B 89 -23.49 2.98 -39.26
CA PHE B 89 -24.43 2.25 -38.43
C PHE B 89 -23.71 1.40 -37.39
N GLY B 90 -22.59 0.79 -37.75
CA GLY B 90 -21.93 -0.15 -36.85
C GLY B 90 -21.35 0.52 -35.63
N ALA B 91 -20.68 1.65 -35.81
CA ALA B 91 -20.06 2.35 -34.69
C ALA B 91 -21.07 2.81 -33.66
N GLU B 92 -22.34 2.90 -34.03
CA GLU B 92 -23.40 3.25 -33.08
C GLU B 92 -24.16 2.06 -32.56
N GLU B 93 -24.34 1.01 -33.38
CA GLU B 93 -25.08 -0.16 -32.93
C GLU B 93 -24.24 -1.02 -32.00
N LEU B 94 -22.96 -1.22 -32.29
CA LEU B 94 -22.12 -2.10 -31.49
C LEU B 94 -21.69 -1.48 -30.17
N ASN B 95 -22.28 -0.37 -29.77
CA ASN B 95 -21.99 0.23 -28.48
C ASN B 95 -23.04 -0.11 -27.43
N ASN B 96 -23.97 -1.02 -27.74
CA ASN B 96 -25.05 -1.36 -26.83
C ASN B 96 -25.10 -2.85 -26.52
N TYR B 97 -23.98 -3.55 -26.69
CA TYR B 97 -23.86 -4.96 -26.31
C TYR B 97 -22.80 -5.06 -25.22
N VAL B 98 -23.16 -5.69 -24.11
CA VAL B 98 -22.32 -5.69 -22.92
C VAL B 98 -21.63 -7.04 -22.80
N VAL B 99 -20.29 -7.02 -22.72
CA VAL B 99 -19.50 -8.23 -22.51
C VAL B 99 -19.30 -8.39 -21.00
N SER B 100 -19.76 -9.52 -20.45
CA SER B 100 -19.63 -9.73 -19.02
C SER B 100 -18.18 -10.00 -18.63
N ASP B 101 -17.61 -11.11 -19.11
CA ASP B 101 -16.19 -11.39 -18.89
C ASP B 101 -15.70 -12.41 -19.89
N ALA B 102 -14.65 -12.05 -20.63
CA ALA B 102 -13.99 -12.96 -21.54
C ALA B 102 -12.50 -12.77 -21.39
N ARG B 103 -11.76 -13.87 -21.28
CA ARG B 103 -10.34 -13.82 -20.93
C ARG B 103 -9.59 -14.88 -21.72
N PRO B 104 -9.39 -14.66 -23.01
CA PRO B 104 -8.57 -15.60 -23.80
C PRO B 104 -7.10 -15.45 -23.46
N VAL B 105 -6.35 -16.52 -23.63
CA VAL B 105 -4.92 -16.53 -23.38
C VAL B 105 -4.21 -17.20 -24.56
N LYS B 106 -3.29 -16.48 -25.18
CA LYS B 106 -2.44 -16.97 -26.27
C LYS B 106 -3.26 -17.68 -27.35
N LYS B 107 -4.15 -16.92 -27.98
CA LYS B 107 -4.97 -17.40 -29.08
C LYS B 107 -4.73 -16.50 -30.30
N THR B 108 -5.34 -16.88 -31.42
CA THR B 108 -5.24 -16.08 -32.63
C THR B 108 -6.35 -15.03 -32.67
N ILE B 109 -6.12 -14.00 -33.49
CA ILE B 109 -7.07 -12.89 -33.58
C ILE B 109 -8.42 -13.37 -34.10
N THR B 110 -8.41 -14.30 -35.04
CA THR B 110 -9.67 -14.81 -35.59
C THR B 110 -10.52 -15.45 -34.50
N GLU B 111 -9.92 -16.29 -33.65
CA GLU B 111 -10.68 -16.90 -32.57
C GLU B 111 -11.12 -15.87 -31.53
N ILE B 112 -10.31 -14.84 -31.28
CA ILE B 112 -10.70 -13.81 -30.32
C ILE B 112 -11.94 -13.07 -30.83
N VAL B 113 -11.96 -12.72 -32.11
CA VAL B 113 -13.12 -12.03 -32.67
C VAL B 113 -14.34 -12.95 -32.67
N LYS B 114 -14.13 -14.23 -33.01
CA LYS B 114 -15.24 -15.19 -32.95
C LYS B 114 -15.83 -15.28 -31.56
N GLN B 115 -14.97 -15.35 -30.54
CA GLN B 115 -15.44 -15.44 -29.17
C GLN B 115 -16.17 -14.16 -28.75
N ILE B 116 -15.65 -13.00 -29.15
CA ILE B 116 -16.30 -11.74 -28.78
C ILE B 116 -17.68 -11.65 -29.42
N LEU B 117 -17.80 -12.05 -30.68
CA LEU B 117 -19.05 -11.89 -31.40
C LEU B 117 -20.11 -12.92 -31.03
N THR B 118 -19.93 -13.66 -29.93
CA THR B 118 -20.99 -14.52 -29.42
C THR B 118 -21.93 -13.79 -28.47
N TYR B 119 -21.62 -12.55 -28.10
CA TYR B 119 -22.46 -11.77 -27.22
C TYR B 119 -23.47 -10.91 -27.96
N THR B 120 -23.52 -11.02 -29.28
CA THR B 120 -24.48 -10.28 -30.08
C THR B 120 -25.71 -11.11 -30.45
N ASP B 121 -25.81 -12.34 -29.96
CA ASP B 121 -26.94 -13.22 -30.22
C ASP B 121 -27.09 -13.52 -31.71
N ASP B 122 -25.97 -13.90 -32.34
CA ASP B 122 -25.91 -14.40 -33.71
C ASP B 122 -26.35 -13.38 -34.75
N GLU B 123 -26.49 -12.10 -34.39
CA GLU B 123 -26.81 -11.10 -35.39
C GLU B 123 -25.60 -10.73 -36.24
N TRP B 124 -24.43 -10.68 -35.63
CA TRP B 124 -23.21 -10.29 -36.33
C TRP B 124 -22.34 -11.51 -36.61
N LEU B 125 -21.86 -11.61 -37.85
CA LEU B 125 -20.97 -12.67 -38.27
C LEU B 125 -19.56 -12.11 -38.45
N MET B 126 -18.66 -12.94 -38.97
CA MET B 126 -17.30 -12.49 -39.27
C MET B 126 -16.87 -13.06 -40.60
N THR B 127 -16.01 -12.31 -41.29
CA THR B 127 -15.45 -12.72 -42.57
C THR B 127 -13.99 -12.30 -42.63
N GLY B 128 -13.14 -13.18 -43.13
CA GLY B 128 -11.71 -12.94 -43.18
C GLY B 128 -11.01 -13.53 -41.99
N GLY B 129 -9.69 -13.34 -41.96
CA GLY B 129 -8.90 -13.85 -40.86
C GLY B 129 -7.47 -13.34 -40.90
N VAL B 130 -6.84 -13.30 -39.74
CA VAL B 130 -5.43 -12.97 -39.60
C VAL B 130 -4.82 -13.99 -38.65
N ASN B 131 -3.62 -14.47 -38.98
CA ASN B 131 -2.92 -15.48 -38.21
C ASN B 131 -1.81 -14.83 -37.40
N LYS B 132 -2.18 -14.28 -36.24
CA LYS B 132 -1.22 -13.79 -35.26
C LYS B 132 -1.78 -14.09 -33.87
N ILE B 133 -0.87 -14.33 -32.93
CA ILE B 133 -1.25 -14.83 -31.61
C ILE B 133 -1.18 -13.69 -30.60
N GLY B 134 -2.25 -13.53 -29.83
CA GLY B 134 -2.31 -12.51 -28.80
C GLY B 134 -3.35 -12.86 -27.76
N SER B 135 -3.34 -12.10 -26.67
CA SER B 135 -4.25 -12.33 -25.56
C SER B 135 -4.72 -11.01 -25.00
N ALA B 136 -5.86 -11.04 -24.30
CA ALA B 136 -6.42 -9.84 -23.69
C ALA B 136 -7.36 -10.27 -22.58
N ASN B 137 -7.71 -9.31 -21.73
CA ASN B 137 -8.65 -9.53 -20.62
C ASN B 137 -9.80 -8.54 -20.77
N PHE B 138 -11.00 -9.06 -21.02
CA PHE B 138 -12.20 -8.25 -21.15
C PHE B 138 -13.12 -8.52 -19.98
N TYR B 139 -13.48 -7.47 -19.26
CA TYR B 139 -14.49 -7.52 -18.21
C TYR B 139 -15.63 -6.62 -18.64
N TYR B 140 -16.53 -6.30 -17.70
CA TYR B 140 -17.71 -5.51 -18.02
C TYR B 140 -17.34 -4.30 -18.87
N ALA B 141 -17.81 -4.29 -20.11
CA ALA B 141 -17.48 -3.27 -21.11
C ALA B 141 -18.29 -3.57 -22.36
N SER B 142 -18.46 -2.55 -23.19
CA SER B 142 -19.19 -2.74 -24.43
C SER B 142 -18.30 -3.39 -25.48
N VAL B 143 -18.95 -3.89 -26.54
CA VAL B 143 -18.22 -4.65 -27.56
C VAL B 143 -17.29 -3.75 -28.36
N LYS B 144 -17.67 -2.49 -28.56
CA LYS B 144 -16.85 -1.60 -29.39
C LYS B 144 -15.47 -1.38 -28.79
N GLU B 145 -15.40 -1.21 -27.46
CA GLU B 145 -14.09 -1.08 -26.82
C GLU B 145 -13.26 -2.34 -26.95
N ALA B 146 -13.91 -3.51 -26.88
CA ALA B 146 -13.20 -4.76 -27.09
C ALA B 146 -12.62 -4.85 -28.50
N LEU B 147 -13.40 -4.45 -29.50
CA LEU B 147 -12.89 -4.44 -30.86
C LEU B 147 -11.74 -3.45 -31.02
N LYS B 148 -11.85 -2.30 -30.36
CA LYS B 148 -10.75 -1.34 -30.36
C LYS B 148 -9.48 -1.96 -29.80
N THR B 149 -9.60 -2.67 -28.68
CA THR B 149 -8.43 -3.30 -28.07
C THR B 149 -7.85 -4.37 -29.00
N VAL B 150 -8.70 -5.16 -29.65
CA VAL B 150 -8.22 -6.16 -30.59
C VAL B 150 -7.47 -5.50 -31.74
N GLN B 151 -7.95 -4.34 -32.19
CA GLN B 151 -7.37 -3.70 -33.36
C GLN B 151 -5.91 -3.31 -33.13
N GLN B 152 -5.49 -3.17 -31.87
CA GLN B 152 -4.13 -2.77 -31.58
C GLN B 152 -3.11 -3.88 -31.84
N LEU B 153 -3.55 -5.10 -32.13
CA LEU B 153 -2.64 -6.22 -32.37
C LEU B 153 -2.30 -6.42 -33.84
N GLY B 154 -2.78 -5.55 -34.72
CA GLY B 154 -2.41 -5.62 -36.12
C GLY B 154 -3.50 -6.11 -37.05
N CYS B 155 -4.74 -5.66 -36.84
CA CYS B 155 -5.84 -5.95 -37.74
C CYS B 155 -6.63 -4.68 -37.97
N GLU B 156 -7.35 -4.63 -39.10
CA GLU B 156 -8.18 -3.49 -39.45
C GLU B 156 -9.57 -3.97 -39.82
N LEU B 157 -10.58 -3.24 -39.35
CA LEU B 157 -11.96 -3.71 -39.37
C LEU B 157 -12.83 -2.81 -40.25
N LEU B 158 -13.84 -3.43 -40.87
CA LEU B 158 -14.86 -2.72 -41.62
C LEU B 158 -16.22 -3.28 -41.22
N PHE B 159 -17.28 -2.65 -41.74
CA PHE B 159 -18.65 -3.06 -41.44
C PHE B 159 -19.50 -2.92 -42.69
N PHE B 160 -20.53 -3.76 -42.81
CA PHE B 160 -21.33 -3.82 -44.01
C PHE B 160 -22.76 -4.22 -43.64
N CYS B 161 -23.67 -4.07 -44.61
CA CYS B 161 -25.05 -4.52 -44.50
C CYS B 161 -25.50 -5.17 -45.80
N ASP B 162 -26.66 -5.81 -45.72
CA ASP B 162 -27.41 -6.27 -46.90
C ASP B 162 -28.80 -5.65 -46.75
N ILE B 163 -28.94 -4.40 -47.17
CA ILE B 163 -30.13 -3.61 -46.91
C ILE B 163 -31.09 -3.75 -48.09
N ASP B 164 -32.38 -3.84 -47.79
CA ASP B 164 -33.42 -3.89 -48.80
C ASP B 164 -34.56 -3.00 -48.34
N GLY B 165 -35.65 -2.98 -49.10
CA GLY B 165 -36.74 -2.06 -48.82
C GLY B 165 -37.57 -2.42 -47.60
N GLU B 166 -37.36 -3.59 -47.01
CA GLU B 166 -38.15 -4.04 -45.87
C GLU B 166 -37.31 -4.26 -44.62
N GLY B 167 -36.06 -3.79 -44.61
CA GLY B 167 -35.21 -3.89 -43.44
C GLY B 167 -33.90 -4.57 -43.76
N ILE B 168 -33.03 -4.61 -42.76
CA ILE B 168 -31.73 -5.25 -42.89
C ILE B 168 -31.89 -6.75 -42.74
N SER B 169 -31.19 -7.51 -43.58
CA SER B 169 -31.28 -8.95 -43.57
C SER B 169 -30.07 -9.65 -42.97
N SER B 170 -28.87 -9.12 -43.18
CA SER B 170 -27.66 -9.76 -42.66
C SER B 170 -26.59 -8.71 -42.44
N LYS B 171 -25.81 -8.88 -41.37
CA LYS B 171 -24.72 -7.98 -41.02
C LYS B 171 -23.47 -8.80 -40.77
N TRP B 172 -22.32 -8.23 -41.13
CA TRP B 172 -21.06 -8.93 -40.91
C TRP B 172 -19.92 -7.94 -40.76
N VAL B 173 -18.83 -8.42 -40.16
CA VAL B 173 -17.63 -7.63 -39.91
C VAL B 173 -16.47 -8.31 -40.62
N GLU B 174 -15.72 -7.54 -41.40
CA GLU B 174 -14.58 -8.07 -42.13
C GLU B 174 -13.30 -7.72 -41.42
N VAL B 175 -12.47 -8.73 -41.16
CA VAL B 175 -11.17 -8.55 -40.54
C VAL B 175 -10.11 -8.60 -41.62
N ARG B 176 -9.26 -7.58 -41.69
CA ARG B 176 -8.20 -7.49 -42.68
C ARG B 176 -6.90 -7.08 -42.01
N GLU B 177 -5.82 -7.17 -42.78
CA GLU B 177 -4.52 -6.70 -42.34
C GLU B 177 -4.17 -5.32 -42.89
N LYS B 178 -4.62 -5.01 -44.10
CA LYS B 178 -4.49 -3.67 -44.68
C LYS B 178 -5.72 -3.39 -45.54
N ILE B 179 -6.21 -2.16 -45.48
CA ILE B 179 -7.41 -1.77 -46.20
C ILE B 179 -7.00 -1.33 -47.60
N GLY B 180 -7.53 -2.01 -48.62
CA GLY B 180 -7.32 -1.57 -49.98
C GLY B 180 -6.38 -2.42 -50.79
N LYS B 181 -6.72 -2.65 -52.05
CA LYS B 181 -5.88 -3.38 -52.99
C LYS B 181 -4.92 -2.41 -53.65
N GLU B 182 -4.22 -2.87 -54.68
CA GLU B 182 -3.31 -2.02 -55.47
C GLU B 182 -4.01 -1.64 -56.76
N SER B 183 -4.22 -0.33 -56.96
CA SER B 183 -4.97 0.19 -58.09
C SER B 183 -4.05 0.57 -59.23
N ASP B 184 -4.63 0.63 -60.42
CA ASP B 184 -3.91 1.06 -61.62
C ASP B 184 -4.24 2.52 -61.95
N ASP B 185 -3.87 3.46 -61.05
CA ASP B 185 -4.16 4.88 -61.21
C ASP B 185 -2.94 5.64 -61.48
N ARG B 186 -3.01 6.77 -62.08
CA ARG B 186 -1.88 7.57 -62.55
C ARG B 186 -2.27 9.03 -62.47
N TYR B 187 -1.70 9.76 -61.52
CA TYR B 187 -2.00 11.17 -61.32
C TYR B 187 -0.84 12.03 -61.83
N GLU B 188 -1.15 12.99 -62.68
CA GLU B 188 -0.17 13.91 -63.23
C GLU B 188 -0.53 15.32 -62.82
N VAL B 189 0.46 16.08 -62.33
CA VAL B 189 0.21 17.42 -61.84
C VAL B 189 0.03 18.37 -63.01
N GLY B 190 -1.07 19.12 -62.99
CA GLY B 190 -1.40 20.06 -64.03
C GLY B 190 -2.46 19.58 -65.00
N SER B 191 -2.72 18.28 -65.04
CA SER B 191 -3.77 17.72 -65.88
C SER B 191 -4.82 16.95 -65.10
N THR B 192 -4.41 16.15 -64.12
CA THR B 192 -5.34 15.39 -63.30
C THR B 192 -5.38 15.82 -61.85
N ALA B 193 -4.25 16.29 -61.30
CA ALA B 193 -4.22 16.90 -59.98
C ALA B 193 -4.02 18.40 -60.16
N ILE B 194 -4.83 19.20 -59.47
CA ILE B 194 -4.90 20.63 -59.75
C ILE B 194 -4.05 21.44 -58.78
N LYS B 195 -4.36 21.39 -57.50
CA LYS B 195 -3.64 22.16 -56.48
C LYS B 195 -2.91 21.18 -55.56
N VAL B 196 -1.59 21.12 -55.69
CA VAL B 196 -0.78 20.17 -54.91
C VAL B 196 -0.04 20.93 -53.83
N VAL B 197 -0.17 20.47 -52.59
CA VAL B 197 0.56 21.02 -51.45
C VAL B 197 1.33 19.87 -50.81
N LYS B 198 2.65 20.02 -50.73
CA LYS B 198 3.53 18.99 -50.19
C LYS B 198 4.16 19.50 -48.90
N THR B 199 4.15 18.66 -47.86
CA THR B 199 4.69 19.00 -46.57
C THR B 199 5.68 17.94 -46.12
N LYS B 200 6.79 18.37 -45.54
CA LYS B 200 7.82 17.47 -45.03
C LYS B 200 8.13 17.83 -43.58
N ASP B 201 8.12 16.83 -42.70
CA ASP B 201 8.30 17.03 -41.27
C ASP B 201 9.53 16.28 -40.79
N ARG B 202 10.28 16.91 -39.88
CA ARG B 202 11.51 16.30 -39.36
C ARG B 202 11.61 16.44 -37.84
N THR B 203 10.50 16.51 -37.12
CA THR B 203 10.55 16.82 -35.69
C THR B 203 11.16 15.68 -34.89
N ASN B 204 10.71 14.46 -35.14
CA ASN B 204 11.11 13.28 -34.35
C ASN B 204 11.93 12.30 -35.19
N ILE B 205 13.24 12.49 -35.17
CA ILE B 205 14.18 11.61 -35.87
C ILE B 205 15.21 11.13 -34.86
N VAL B 206 15.40 9.81 -34.79
CA VAL B 206 16.34 9.20 -33.86
C VAL B 206 17.17 8.15 -34.58
N THR B 207 18.31 7.82 -33.99
CA THR B 207 19.16 6.74 -34.48
C THR B 207 19.52 5.71 -33.44
N SER B 208 19.43 6.02 -32.14
CA SER B 208 19.69 5.07 -31.08
C SER B 208 18.64 5.23 -30.00
N LEU B 209 18.28 4.12 -29.36
CA LEU B 209 17.26 4.13 -28.33
C LEU B 209 17.73 3.32 -27.14
N VAL B 210 17.23 3.68 -25.97
CA VAL B 210 17.50 2.95 -24.73
C VAL B 210 16.17 2.43 -24.19
N GLY B 211 16.07 1.12 -24.04
CA GLY B 211 14.84 0.51 -23.59
C GLY B 211 14.76 0.34 -22.10
N ARG B 212 13.53 0.27 -21.58
CA ARG B 212 13.29 0.09 -20.16
C ARG B 212 12.06 -0.79 -19.98
N GLY B 213 11.99 -1.44 -18.82
CA GLY B 213 11.00 -2.48 -18.60
C GLY B 213 10.05 -2.24 -17.42
N LYS B 214 9.49 -3.32 -16.88
CA LYS B 214 8.43 -3.23 -15.88
C LYS B 214 8.98 -3.35 -14.46
N GLY B 215 9.89 -2.44 -14.12
CA GLY B 215 10.38 -2.36 -12.76
C GLY B 215 11.27 -3.52 -12.33
N GLU B 216 12.18 -3.26 -11.39
CA GLU B 216 13.04 -4.31 -10.87
C GLU B 216 12.81 -4.56 -9.38
N GLU B 217 12.99 -3.53 -8.54
CA GLU B 217 12.74 -3.63 -7.10
C GLU B 217 12.05 -2.34 -6.68
N VAL B 218 10.72 -2.33 -6.77
CA VAL B 218 9.95 -1.14 -6.42
C VAL B 218 9.75 -1.10 -4.92
N GLY B 219 10.04 0.04 -4.32
CA GLY B 219 9.93 0.18 -2.87
C GLY B 219 11.14 0.87 -2.29
N ASP B 220 12.30 0.64 -2.91
CA ASP B 220 13.49 1.37 -2.53
C ASP B 220 13.38 2.84 -2.93
N GLY B 221 12.59 3.14 -3.95
CA GLY B 221 12.48 4.49 -4.45
C GLY B 221 13.56 4.91 -5.42
N TYR B 222 14.43 3.98 -5.82
CA TYR B 222 15.51 4.28 -6.73
C TYR B 222 15.11 4.20 -8.20
N GLY B 223 13.92 3.69 -8.49
CA GLY B 223 13.41 3.65 -9.85
C GLY B 223 14.17 2.78 -10.83
N ARG B 224 14.53 1.57 -10.42
CA ARG B 224 15.15 0.63 -11.33
C ARG B 224 14.12 0.04 -12.29
N ARG B 225 14.61 -0.37 -13.47
CA ARG B 225 13.74 -0.98 -14.47
C ARG B 225 14.54 -2.03 -15.23
N LEU B 226 13.80 -2.96 -15.84
CA LEU B 226 14.43 -4.05 -16.58
C LEU B 226 15.02 -3.53 -17.88
N GLN B 227 16.28 -3.90 -18.16
CA GLN B 227 16.99 -3.45 -19.34
C GLN B 227 17.69 -4.62 -20.00
N PHE B 228 18.01 -4.44 -21.28
CA PHE B 228 18.66 -5.50 -22.07
C PHE B 228 20.19 -5.31 -22.06
N ASP B 229 20.76 -5.25 -20.85
CA ASP B 229 22.18 -5.02 -20.73
C ASP B 229 23.02 -6.20 -21.20
N SER B 230 22.62 -7.42 -20.88
CA SER B 230 23.46 -8.61 -21.09
C SER B 230 22.87 -9.59 -22.09
N ILE B 231 22.38 -9.09 -23.22
CA ILE B 231 21.84 -9.92 -24.28
C ILE B 231 22.66 -9.71 -25.54
N GLU B 232 23.10 -10.80 -26.15
CA GLU B 232 23.83 -10.75 -27.41
C GLU B 232 22.88 -11.04 -28.56
N TRP B 233 22.97 -10.24 -29.61
CA TRP B 233 21.99 -10.30 -30.69
C TRP B 233 22.67 -9.69 -31.92
N THR B 234 23.00 -10.53 -32.90
CA THR B 234 23.97 -10.16 -33.92
C THR B 234 23.40 -10.11 -35.33
N GLN B 235 22.70 -11.14 -35.77
CA GLN B 235 22.40 -11.29 -37.19
C GLN B 235 21.62 -10.11 -37.77
N PRO B 236 20.51 -9.63 -37.17
CA PRO B 236 19.83 -8.46 -37.77
C PRO B 236 20.68 -7.19 -37.72
N VAL B 237 21.12 -6.82 -36.52
CA VAL B 237 21.96 -5.65 -36.31
C VAL B 237 22.99 -5.99 -35.24
N PRO B 238 24.28 -5.75 -35.49
CA PRO B 238 25.31 -6.14 -34.51
C PRO B 238 25.19 -5.32 -33.23
N LYS B 239 24.87 -6.01 -32.13
CA LYS B 239 24.68 -5.37 -30.84
C LYS B 239 25.60 -6.04 -29.82
N PRO B 240 26.55 -5.32 -29.21
CA PRO B 240 27.51 -5.97 -28.30
C PRO B 240 26.89 -6.42 -27.00
N LYS B 241 27.72 -6.94 -26.10
CA LYS B 241 27.23 -7.51 -24.84
C LYS B 241 27.29 -6.52 -23.67
N GLY B 242 28.17 -5.53 -23.72
CA GLY B 242 28.32 -4.62 -22.61
C GLY B 242 27.61 -3.29 -22.78
N GLN B 243 26.71 -3.19 -23.75
CA GLN B 243 26.04 -1.95 -24.08
C GLN B 243 24.57 -2.00 -23.67
N SER B 244 23.97 -0.82 -23.56
CA SER B 244 22.60 -0.66 -23.10
C SER B 244 21.75 0.10 -24.11
N PHE B 245 22.12 0.07 -25.38
CA PHE B 245 21.35 0.74 -26.42
C PHE B 245 21.60 0.04 -27.74
N ILE B 246 20.68 0.27 -28.68
CA ILE B 246 20.78 -0.29 -30.03
C ILE B 246 20.95 0.86 -31.00
N GLU B 247 21.93 0.76 -31.89
CA GLU B 247 22.29 1.83 -32.81
C GLU B 247 22.45 1.29 -34.21
N ILE B 248 22.01 2.07 -35.20
CA ILE B 248 22.22 1.77 -36.61
C ILE B 248 23.28 2.72 -37.13
N LYS B 249 24.21 2.19 -37.93
CA LYS B 249 25.39 2.97 -38.31
C LYS B 249 25.08 3.98 -39.40
N GLU B 250 24.53 3.52 -40.54
CA GLU B 250 24.33 4.41 -41.68
C GLU B 250 23.38 5.55 -41.36
N LEU B 251 22.36 5.30 -40.53
CA LEU B 251 21.47 6.38 -40.12
C LEU B 251 22.22 7.44 -39.34
N THR B 252 23.16 7.04 -38.49
CA THR B 252 24.02 8.00 -37.82
C THR B 252 24.88 8.76 -38.82
N GLU B 253 25.41 8.07 -39.83
CA GLU B 253 26.21 8.74 -40.83
C GLU B 253 25.39 9.75 -41.65
N LYS B 254 24.08 9.54 -41.74
CA LYS B 254 23.24 10.44 -42.53
C LYS B 254 22.53 11.49 -41.69
N TYR B 255 22.24 11.21 -40.42
CA TYR B 255 21.46 12.13 -39.59
C TYR B 255 22.13 12.33 -38.25
N GLY B 256 23.45 12.45 -38.24
CA GLY B 256 24.20 12.59 -37.02
C GLY B 256 24.60 14.02 -36.71
N ILE B 257 24.96 14.26 -35.45
CA ILE B 257 25.39 15.57 -34.99
C ILE B 257 26.87 15.72 -35.32
N PRO B 258 27.27 16.68 -36.15
CA PRO B 258 28.68 16.82 -36.49
C PRO B 258 29.48 17.37 -35.32
N THR B 259 30.69 16.86 -35.14
CA THR B 259 31.56 17.24 -34.04
C THR B 259 32.64 18.19 -34.53
N LYS B 260 33.60 18.51 -33.65
CA LYS B 260 34.67 19.42 -34.00
C LYS B 260 35.59 18.84 -35.06
N LYS B 261 35.91 17.55 -34.95
CA LYS B 261 36.92 16.91 -35.79
C LYS B 261 36.34 16.33 -37.07
N GLY B 262 35.10 16.67 -37.42
CA GLY B 262 34.49 16.17 -38.63
C GLY B 262 33.81 14.82 -38.49
N LYS B 263 33.80 14.23 -37.31
CA LYS B 263 33.12 12.97 -37.09
C LYS B 263 31.63 13.22 -36.80
N MET B 264 30.87 12.14 -36.79
CA MET B 264 29.44 12.19 -36.55
C MET B 264 29.11 11.52 -35.23
N ARG B 265 28.01 11.96 -34.62
CA ARG B 265 27.56 11.41 -33.34
C ARG B 265 26.12 10.95 -33.44
N LYS B 266 25.77 10.02 -32.58
CA LYS B 266 24.47 9.37 -32.51
C LYS B 266 23.45 10.23 -31.77
N ARG B 267 22.18 9.89 -31.96
CA ARG B 267 21.06 10.54 -31.26
C ARG B 267 20.36 9.50 -30.41
N GLU B 268 20.24 9.77 -29.11
CA GLU B 268 19.67 8.81 -28.17
C GLU B 268 18.49 9.42 -27.44
N GLN B 269 17.38 8.68 -27.39
CA GLN B 269 16.23 9.04 -26.58
C GLN B 269 15.72 7.80 -25.89
N VAL B 270 15.05 8.00 -24.76
CA VAL B 270 14.63 6.91 -23.87
C VAL B 270 13.19 6.52 -24.19
N VAL B 271 12.95 5.22 -24.32
CA VAL B 271 11.63 4.67 -24.60
C VAL B 271 11.25 3.75 -23.46
N ILE B 272 10.04 3.91 -22.93
CA ILE B 272 9.56 3.17 -21.76
C ILE B 272 8.40 2.29 -22.18
N PHE B 273 8.49 1.00 -21.87
CA PHE B 273 7.40 0.05 -22.01
C PHE B 273 6.96 -0.41 -20.63
N GLU B 274 5.67 -0.24 -20.33
CA GLU B 274 5.18 -0.43 -18.97
C GLU B 274 4.78 -1.86 -18.65
N ASP B 275 4.74 -2.76 -19.63
CA ASP B 275 4.26 -4.12 -19.39
C ASP B 275 5.11 -5.14 -20.12
N ILE B 276 6.43 -4.99 -20.07
CA ILE B 276 7.36 -5.96 -20.64
C ILE B 276 8.22 -6.51 -19.51
N GLU B 277 8.30 -7.84 -19.42
CA GLU B 277 8.98 -8.52 -18.34
C GLU B 277 10.17 -9.35 -18.78
N ASP B 278 10.36 -9.56 -20.09
CA ASP B 278 11.46 -10.35 -20.61
C ASP B 278 12.39 -9.45 -21.42
N LYS B 279 13.59 -9.95 -21.71
CA LYS B 279 14.61 -9.13 -22.34
C LYS B 279 14.57 -9.17 -23.86
N ASN B 280 14.42 -10.35 -24.46
CA ASN B 280 14.47 -10.45 -25.92
C ASN B 280 13.30 -9.70 -26.56
N GLU B 281 12.11 -9.82 -25.98
CA GLU B 281 10.96 -9.09 -26.51
C GLU B 281 11.10 -7.59 -26.31
N LEU B 282 11.70 -7.16 -25.20
CA LEU B 282 12.00 -5.74 -25.03
C LEU B 282 12.94 -5.24 -26.12
N LEU B 283 13.98 -6.03 -26.43
CA LEU B 283 14.90 -5.65 -27.50
C LEU B 283 14.17 -5.59 -28.84
N ASN B 284 13.29 -6.55 -29.11
CA ASN B 284 12.55 -6.53 -30.37
C ASN B 284 11.65 -5.30 -30.47
N ALA B 285 10.97 -4.96 -29.38
CA ALA B 285 10.10 -3.78 -29.40
C ALA B 285 10.90 -2.51 -29.63
N THR B 286 12.05 -2.38 -28.96
CA THR B 286 12.89 -1.20 -29.17
C THR B 286 13.38 -1.13 -30.61
N TYR B 287 13.75 -2.28 -31.18
CA TYR B 287 14.19 -2.29 -32.57
C TYR B 287 13.06 -1.85 -33.51
N GLN B 288 11.84 -2.32 -33.25
CA GLN B 288 10.73 -1.92 -34.11
C GLN B 288 10.45 -0.42 -34.00
N THR B 289 10.50 0.13 -32.79
CA THR B 289 10.31 1.58 -32.65
C THR B 289 11.40 2.35 -33.40
N LEU B 290 12.65 1.91 -33.27
CA LEU B 290 13.74 2.58 -33.96
C LEU B 290 13.55 2.54 -35.48
N LEU B 291 13.14 1.39 -36.00
CA LEU B 291 12.87 1.30 -37.43
C LEU B 291 11.68 2.16 -37.84
N GLU B 292 10.70 2.33 -36.96
CA GLU B 292 9.53 3.13 -37.31
C GLU B 292 9.83 4.62 -37.31
N ASN B 293 10.81 5.07 -36.51
CA ASN B 293 11.07 6.50 -36.36
C ASN B 293 12.42 6.91 -36.94
N SER B 294 12.73 6.48 -38.16
CA SER B 294 14.04 6.75 -38.74
C SER B 294 14.02 7.68 -39.95
N ARG B 295 12.87 7.92 -40.57
CA ARG B 295 12.84 8.71 -41.79
C ARG B 295 11.83 9.85 -41.69
N PRO B 296 12.08 10.95 -42.38
CA PRO B 296 11.13 12.07 -42.35
C PRO B 296 9.84 11.74 -43.10
N LEU B 297 8.78 12.44 -42.74
CA LEU B 297 7.45 12.18 -43.26
C LEU B 297 7.12 13.12 -44.41
N VAL B 298 6.32 12.63 -45.34
CA VAL B 298 5.89 13.39 -46.51
C VAL B 298 4.38 13.25 -46.66
N GLN B 299 3.70 14.37 -46.95
CA GLN B 299 2.26 14.35 -47.17
C GLN B 299 1.92 15.15 -48.42
N PHE B 300 1.03 14.58 -49.23
CA PHE B 300 0.49 15.26 -50.41
C PHE B 300 -0.99 15.49 -50.20
N SER B 301 -1.46 16.71 -50.49
CA SER B 301 -2.86 17.03 -50.43
C SER B 301 -3.25 17.76 -51.71
N SER B 302 -4.34 17.33 -52.34
CA SER B 302 -4.64 17.81 -53.67
C SER B 302 -6.12 17.59 -53.98
N GLU B 303 -6.56 18.19 -55.08
CA GLU B 303 -7.87 17.97 -55.65
C GLU B 303 -7.70 17.22 -56.97
N VAL B 304 -8.35 16.06 -57.07
CA VAL B 304 -8.09 15.13 -58.17
C VAL B 304 -9.32 15.06 -59.05
N ILE B 305 -9.17 14.34 -60.17
CA ILE B 305 -10.25 14.11 -61.12
C ILE B 305 -10.71 12.66 -61.10
N GLY B 306 -9.78 11.72 -61.21
CA GLY B 306 -10.13 10.31 -61.18
C GLY B 306 -10.59 9.88 -59.79
N ALA B 307 -11.40 8.83 -59.75
CA ALA B 307 -12.00 8.35 -58.52
C ALA B 307 -11.30 7.08 -58.05
N SER B 308 -10.85 7.08 -56.81
CA SER B 308 -10.26 5.91 -56.16
C SER B 308 -10.95 5.65 -54.83
N SER B 309 -10.87 4.40 -54.39
CA SER B 309 -11.45 4.01 -53.11
C SER B 309 -10.49 4.42 -52.00
N ILE B 310 -10.83 4.06 -50.76
CA ILE B 310 -10.01 4.43 -49.61
C ILE B 310 -8.99 3.33 -49.36
N GLY B 311 -7.73 3.72 -49.23
CA GLY B 311 -6.68 2.78 -48.88
C GLY B 311 -5.90 2.18 -50.03
N ASP B 312 -6.13 2.61 -51.27
CA ASP B 312 -5.42 2.05 -52.40
C ASP B 312 -4.00 2.60 -52.45
N MET B 313 -3.23 2.10 -53.41
CA MET B 313 -1.85 2.56 -53.66
C MET B 313 -1.81 3.20 -55.04
N VAL B 314 -1.65 4.52 -55.08
CA VAL B 314 -1.63 5.27 -56.33
C VAL B 314 -0.24 5.86 -56.51
N THR B 315 0.00 6.39 -57.71
CA THR B 315 1.29 6.97 -58.07
C THR B 315 1.08 8.37 -58.60
N ILE B 316 1.86 9.33 -58.09
CA ILE B 316 1.74 10.73 -58.45
C ILE B 316 3.06 11.19 -59.06
N HIS B 317 2.97 11.94 -60.15
CA HIS B 317 4.14 12.40 -60.89
C HIS B 317 4.07 13.90 -61.11
N ASP B 318 5.23 14.51 -61.30
CA ASP B 318 5.33 15.93 -61.63
C ASP B 318 6.56 16.11 -62.50
N TYR B 319 6.34 16.55 -63.75
CA TYR B 319 7.42 16.56 -64.74
C TYR B 319 8.24 17.84 -64.72
N ASP B 320 7.64 18.96 -64.32
CA ASP B 320 8.39 20.21 -64.29
C ASP B 320 9.46 20.21 -63.20
N LYS B 321 9.11 19.72 -62.02
CA LYS B 321 10.05 19.66 -60.90
C LYS B 321 10.72 18.30 -60.76
N ASN B 322 10.30 17.31 -61.55
CA ASN B 322 11.00 16.03 -61.70
C ASN B 322 11.12 15.28 -60.36
N TYR B 323 9.96 14.86 -59.86
CA TYR B 323 9.91 13.88 -58.79
C TYR B 323 8.84 12.85 -59.10
N HIS B 324 9.02 11.65 -58.55
CA HIS B 324 8.10 10.54 -58.79
C HIS B 324 7.98 9.74 -57.51
N TYR B 325 6.79 9.69 -56.94
CA TYR B 325 6.56 9.04 -55.65
C TYR B 325 5.43 8.04 -55.77
N GLU B 326 5.45 7.06 -54.87
CA GLU B 326 4.40 6.04 -54.78
C GLU B 326 3.85 6.06 -53.35
N THR B 327 2.61 6.51 -53.20
CA THR B 327 2.02 6.74 -51.89
C THR B 327 0.70 5.98 -51.78
N ARG B 328 0.04 6.14 -50.64
CA ARG B 328 -1.18 5.42 -50.30
C ARG B 328 -2.26 6.40 -49.88
N VAL B 329 -3.44 6.29 -50.48
CA VAL B 329 -4.54 7.19 -50.17
C VAL B 329 -5.04 6.93 -48.75
N PHE B 330 -5.24 7.99 -47.98
CA PHE B 330 -5.68 7.84 -46.60
C PHE B 330 -6.82 8.77 -46.19
N ALA B 331 -7.30 9.66 -47.06
CA ALA B 331 -8.42 10.52 -46.72
C ALA B 331 -9.10 10.98 -48.00
N ILE B 332 -10.42 10.84 -48.05
CA ILE B 332 -11.20 11.22 -49.22
C ILE B 332 -12.41 12.00 -48.77
N LYS B 333 -12.70 13.11 -49.45
CA LYS B 333 -13.85 13.97 -49.15
C LYS B 333 -14.66 14.10 -50.44
N ASN B 334 -15.56 13.15 -50.67
CA ASN B 334 -16.30 13.07 -51.92
C ASN B 334 -17.58 13.90 -51.83
N ASP B 335 -17.77 14.79 -52.79
CA ASP B 335 -19.00 15.58 -52.91
C ASP B 335 -19.81 14.99 -54.06
N ILE B 336 -21.03 14.57 -53.74
CA ILE B 336 -21.86 13.88 -54.73
C ILE B 336 -22.61 14.84 -55.62
N LEU B 337 -23.05 15.98 -55.08
CA LEU B 337 -23.88 16.90 -55.84
C LEU B 337 -23.09 17.70 -56.86
N ASN B 338 -21.83 18.00 -56.59
CA ASN B 338 -21.06 18.91 -57.42
C ASN B 338 -19.86 18.25 -58.10
N ASN B 339 -19.72 16.93 -57.99
CA ASN B 339 -18.69 16.17 -58.70
C ASN B 339 -17.27 16.65 -58.36
N LYS B 340 -17.04 17.11 -57.14
CA LYS B 340 -15.73 17.56 -56.69
C LYS B 340 -15.17 16.57 -55.69
N ILE B 341 -13.96 16.08 -55.94
CA ILE B 341 -13.31 15.09 -55.10
C ILE B 341 -11.99 15.64 -54.62
N GLU B 342 -11.75 15.54 -53.31
CA GLU B 342 -10.52 16.01 -52.69
C GLU B 342 -9.89 14.86 -51.93
N SER B 343 -8.57 14.69 -52.10
CA SER B 343 -7.88 13.52 -51.59
C SER B 343 -6.62 13.94 -50.83
N SER B 344 -6.00 12.96 -50.18
CA SER B 344 -4.73 13.16 -49.51
C SER B 344 -3.92 11.87 -49.64
N LEU B 345 -2.59 12.01 -49.70
CA LEU B 345 -1.72 10.87 -49.91
C LEU B 345 -0.54 10.95 -48.95
N GLY B 346 0.03 9.79 -48.64
CA GLY B 346 1.22 9.74 -47.82
C GLY B 346 0.95 9.57 -46.33
N ASP B 347 1.91 9.96 -45.51
CA ASP B 347 1.80 9.81 -44.07
C ASP B 347 0.85 10.86 -43.49
N ASN B 348 0.08 10.45 -42.48
CA ASN B 348 -0.95 11.30 -41.92
C ASN B 348 -0.34 12.28 -40.94
N LEU B 349 -0.53 13.59 -41.20
CA LEU B 349 -0.09 14.65 -40.29
C LEU B 349 -1.25 15.49 -39.80
N LYS B 350 -2.46 14.96 -39.84
CA LYS B 350 -3.65 15.70 -39.44
C LYS B 350 -3.95 15.60 -37.96
N GLY B 351 -3.10 14.92 -37.19
CA GLY B 351 -3.33 14.72 -35.78
C GLY B 351 -2.88 15.83 -34.86
N SER B 352 -2.37 16.93 -35.40
CA SER B 352 -1.91 18.04 -34.58
C SER B 352 -2.86 19.23 -34.60
N SER B 353 -4.08 19.05 -35.12
CA SER B 353 -5.06 20.11 -35.08
C SER B 353 -5.70 20.21 -33.70
N ALA B 354 -6.40 21.32 -33.46
CA ALA B 354 -6.87 21.63 -32.11
C ALA B 354 -7.96 20.66 -31.65
N SER B 355 -8.91 20.33 -32.53
CA SER B 355 -10.01 19.46 -32.13
C SER B 355 -9.52 18.07 -31.74
N ASN B 356 -8.57 17.53 -32.51
CA ASN B 356 -8.02 16.22 -32.17
C ASN B 356 -7.31 16.27 -30.83
N GLN B 357 -6.59 17.35 -30.55
CA GLN B 357 -5.90 17.48 -29.27
C GLN B 357 -6.89 17.55 -28.12
N LEU B 358 -8.00 18.28 -28.31
CA LEU B 358 -9.03 18.32 -27.27
C LEU B 358 -9.59 16.92 -27.00
N SER B 359 -9.89 16.18 -28.07
CA SER B 359 -10.43 14.83 -27.91
C SER B 359 -9.43 13.93 -27.18
N LYS B 360 -8.15 14.01 -27.56
CA LYS B 360 -7.14 13.18 -26.93
C LYS B 360 -6.98 13.53 -25.45
N ALA B 361 -7.03 14.82 -25.12
CA ALA B 361 -6.93 15.22 -23.72
C ALA B 361 -8.11 14.68 -22.90
N SER B 362 -9.32 14.78 -23.45
CA SER B 362 -10.47 14.23 -22.72
C SER B 362 -10.34 12.73 -22.51
N SER B 363 -9.92 12.00 -23.55
CA SER B 363 -9.76 10.55 -23.41
C SER B 363 -8.67 10.21 -22.40
N GLY B 364 -7.58 10.96 -22.40
CA GLY B 364 -6.52 10.70 -21.43
C GLY B 364 -6.98 10.93 -20.00
N ILE B 365 -7.74 12.00 -19.77
CA ILE B 365 -8.26 12.23 -18.42
C ILE B 365 -9.18 11.09 -18.01
N SER B 366 -10.07 10.66 -18.92
CA SER B 366 -11.00 9.60 -18.57
C SER B 366 -10.28 8.28 -18.30
N GLU B 367 -9.16 8.02 -18.98
CA GLU B 367 -8.42 6.80 -18.72
C GLU B 367 -7.66 6.87 -17.40
N LEU B 368 -7.03 8.02 -17.11
CA LEU B 368 -6.31 8.16 -15.86
C LEU B 368 -7.26 8.05 -14.67
N LYS B 369 -8.47 8.58 -14.81
CA LYS B 369 -9.42 8.50 -13.70
C LYS B 369 -9.78 7.07 -13.34
N SER B 370 -9.69 6.15 -14.30
CA SER B 370 -10.12 4.78 -14.09
C SER B 370 -8.97 3.81 -13.85
N MET B 371 -7.73 4.17 -14.20
CA MET B 371 -6.62 3.23 -14.10
C MET B 371 -5.65 3.57 -12.97
N LYS B 372 -6.01 4.50 -12.07
CA LYS B 372 -5.19 4.83 -10.92
C LYS B 372 -5.94 4.48 -9.63
N MET B 373 -5.22 4.53 -8.51
CA MET B 373 -5.72 4.05 -7.23
C MET B 373 -5.84 5.17 -6.21
N ASN B 374 -7.02 5.28 -5.59
CA ASN B 374 -7.26 6.25 -4.54
C ASN B 374 -7.05 5.61 -3.17
N PHE B 375 -7.54 6.28 -2.12
CA PHE B 375 -7.28 5.86 -0.75
C PHE B 375 -7.83 4.47 -0.46
N TYR B 376 -9.06 4.21 -0.90
CA TYR B 376 -9.71 2.93 -0.58
C TYR B 376 -8.94 1.76 -1.18
N ASP B 377 -8.50 1.89 -2.43
CA ASP B 377 -7.79 0.80 -3.07
C ASP B 377 -6.46 0.52 -2.39
N SER B 378 -5.73 1.57 -2.02
CA SER B 378 -4.46 1.37 -1.30
C SER B 378 -4.69 0.67 0.03
N THR B 379 -5.72 1.10 0.77
CA THR B 379 -6.00 0.44 2.04
C THR B 379 -6.35 -1.03 1.84
N GLU B 380 -7.18 -1.33 0.83
CA GLU B 380 -7.56 -2.73 0.60
C GLU B 380 -6.37 -3.58 0.20
N ILE B 381 -5.49 -3.05 -0.66
CA ILE B 381 -4.33 -3.80 -1.09
C ILE B 381 -3.39 -4.06 0.08
N SER B 382 -3.17 -3.04 0.92
CA SER B 382 -2.33 -3.23 2.09
C SER B 382 -2.92 -4.26 3.04
N LYS B 383 -4.24 -4.24 3.23
CA LYS B 383 -4.88 -5.24 4.09
C LYS B 383 -4.67 -6.64 3.53
N TRP B 384 -4.87 -6.81 2.22
CA TRP B 384 -4.72 -8.14 1.62
C TRP B 384 -3.29 -8.65 1.76
N GLN B 385 -2.31 -7.78 1.49
CA GLN B 385 -0.92 -8.23 1.54
C GLN B 385 -0.43 -8.42 2.97
N SER B 386 -1.03 -7.75 3.94
CA SER B 386 -0.69 -8.05 5.34
C SER B 386 -1.32 -9.36 5.77
N ASP B 387 -2.55 -9.63 5.33
CA ASP B 387 -3.21 -10.88 5.69
C ASP B 387 -2.50 -12.08 5.08
N ILE B 388 -1.92 -11.93 3.89
CA ILE B 388 -1.18 -13.03 3.29
C ILE B 388 -0.01 -13.43 4.17
N ILE B 389 0.74 -12.46 4.68
CA ILE B 389 1.94 -12.78 5.45
C ILE B 389 1.63 -13.09 6.90
N ARG B 390 0.50 -12.63 7.43
CA ARG B 390 0.14 -12.96 8.80
C ARG B 390 -0.12 -14.44 8.98
N GLY B 391 -0.45 -15.16 7.90
CA GLY B 391 -0.77 -16.57 7.97
C GLY B 391 -2.24 -16.88 8.03
N ALA B 392 -3.10 -15.88 7.94
CA ALA B 392 -4.54 -16.07 8.12
C ALA B 392 -5.18 -16.88 6.99
N LYS B 393 -4.46 -17.13 5.90
CA LYS B 393 -5.03 -17.87 4.78
C LYS B 393 -4.40 -19.24 4.57
N GLY B 394 -3.13 -19.42 4.90
CA GLY B 394 -2.44 -20.66 4.60
C GLY B 394 -1.93 -21.48 5.77
N GLY B 395 -0.63 -21.35 6.04
CA GLY B 395 0.15 -22.35 6.75
C GLY B 395 -0.07 -22.43 8.24
N SER B 396 0.94 -22.93 8.92
CA SER B 396 0.80 -23.45 10.28
C SER B 396 1.22 -22.47 11.37
N VAL B 397 1.50 -21.22 11.04
CA VAL B 397 1.74 -20.18 12.04
C VAL B 397 0.80 -19.03 11.76
N LEU B 398 0.06 -18.61 12.79
CA LEU B 398 -1.05 -17.68 12.57
C LEU B 398 -1.24 -16.82 13.82
N LEU B 399 -1.43 -15.51 13.60
CA LEU B 399 -1.73 -14.57 14.67
C LEU B 399 -3.21 -14.20 14.56
N MET B 400 -4.04 -14.87 15.34
CA MET B 400 -5.48 -14.76 15.16
C MET B 400 -6.01 -13.52 15.88
N SER B 401 -7.02 -12.90 15.30
CA SER B 401 -7.68 -11.70 15.80
C SER B 401 -9.18 -11.89 15.69
N PRO B 402 -9.97 -11.11 16.43
CA PRO B 402 -11.44 -11.30 16.38
C PRO B 402 -12.02 -11.14 14.99
N TRP B 403 -11.35 -10.40 14.10
CA TRP B 403 -11.82 -10.27 12.72
C TRP B 403 -11.84 -11.61 12.01
N ASP B 404 -10.97 -12.53 12.39
CA ASP B 404 -10.89 -13.83 11.73
C ASP B 404 -12.06 -14.74 12.08
N THR B 405 -12.89 -14.38 13.05
CA THR B 405 -14.01 -15.21 13.45
C THR B 405 -15.35 -14.50 13.44
N ASN B 406 -15.39 -13.19 13.66
CA ASN B 406 -16.65 -12.48 13.74
C ASN B 406 -16.84 -11.38 12.71
N LYS B 407 -15.77 -10.96 12.03
CA LYS B 407 -15.79 -10.10 10.86
C LYS B 407 -16.21 -8.67 11.19
N GLY B 408 -16.62 -8.38 12.42
CA GLY B 408 -17.15 -7.07 12.72
C GLY B 408 -16.31 -6.25 13.68
N GLN B 409 -15.43 -6.89 14.42
CA GLN B 409 -14.64 -6.21 15.44
C GLN B 409 -13.27 -5.83 14.88
N SER B 410 -12.40 -5.33 15.76
CA SER B 410 -11.11 -4.79 15.36
C SER B 410 -10.18 -5.90 14.92
N ARG B 411 -9.02 -5.49 14.40
CA ARG B 411 -8.05 -6.42 13.83
C ARG B 411 -6.86 -6.69 14.75
N GLU B 412 -6.88 -6.19 15.97
CA GLU B 412 -5.73 -6.37 16.87
C GLU B 412 -5.62 -7.84 17.29
N PRO B 413 -4.41 -8.40 17.31
CA PRO B 413 -4.25 -9.81 17.66
C PRO B 413 -4.22 -9.99 19.17
N TYR B 414 -4.86 -11.06 19.65
CA TYR B 414 -4.85 -11.36 21.07
C TYR B 414 -4.24 -12.71 21.41
N GLN B 415 -3.89 -13.52 20.42
CA GLN B 415 -3.15 -14.75 20.70
C GLN B 415 -2.50 -15.24 19.42
N MET B 416 -1.49 -16.10 19.60
CA MET B 416 -0.78 -16.73 18.49
C MET B 416 -1.00 -18.23 18.55
N VAL B 417 -1.27 -18.83 17.40
CA VAL B 417 -1.63 -20.24 17.31
C VAL B 417 -0.65 -20.94 16.38
N ILE B 418 -0.12 -22.07 16.84
CA ILE B 418 0.68 -22.97 16.00
C ILE B 418 -0.09 -24.27 15.85
N MET B 419 -0.45 -24.61 14.63
CA MET B 419 -1.28 -25.77 14.37
C MET B 419 -0.44 -26.94 13.85
N ASN B 420 -1.12 -28.02 13.51
CA ASN B 420 -0.47 -29.28 13.13
C ASN B 420 -0.16 -29.34 11.64
N LYS B 421 -1.19 -29.20 10.80
CA LYS B 421 -1.05 -29.24 9.35
C LYS B 421 -1.94 -28.16 8.74
N GLY B 422 -1.64 -27.81 7.50
CA GLY B 422 -2.55 -27.04 6.67
C GLY B 422 -3.14 -25.79 7.31
N SER B 423 -4.43 -25.85 7.63
CA SER B 423 -5.13 -24.72 8.21
C SER B 423 -5.98 -25.18 9.39
N LEU B 424 -6.90 -24.33 9.85
CA LEU B 424 -7.65 -24.62 11.06
C LEU B 424 -8.47 -25.89 10.93
N LYS B 425 -9.13 -26.09 9.80
CA LYS B 425 -9.99 -27.24 9.63
C LYS B 425 -9.24 -28.51 9.24
N GLU B 426 -7.96 -28.42 8.92
CA GLU B 426 -7.19 -29.57 8.44
C GLU B 426 -6.20 -30.07 9.47
N SER B 427 -6.25 -29.59 10.71
CA SER B 427 -5.29 -29.96 11.73
C SER B 427 -6.01 -30.34 13.02
N ASN B 428 -5.34 -31.17 13.82
CA ASN B 428 -5.93 -31.74 15.02
C ASN B 428 -5.35 -31.21 16.32
N HIS B 429 -4.04 -30.99 16.39
CA HIS B 429 -3.38 -30.58 17.62
C HIS B 429 -2.87 -29.15 17.48
N PHE B 430 -2.97 -28.41 18.59
CA PHE B 430 -2.68 -26.98 18.59
C PHE B 430 -1.80 -26.62 19.77
N LEU B 431 -0.88 -25.68 19.54
CA LEU B 431 -0.09 -25.06 20.59
C LEU B 431 -0.46 -23.59 20.63
N VAL B 432 -1.19 -23.18 21.67
CA VAL B 432 -1.78 -21.86 21.74
C VAL B 432 -1.02 -21.04 22.77
N MET B 433 -0.61 -19.83 22.37
CA MET B 433 0.12 -18.91 23.23
C MET B 433 -0.72 -17.64 23.37
N ASN B 434 -1.43 -17.52 24.49
CA ASN B 434 -2.35 -16.40 24.67
C ASN B 434 -2.10 -15.65 25.97
N SER B 435 -3.03 -14.78 26.33
CA SER B 435 -2.95 -13.93 27.51
C SER B 435 -3.15 -14.67 28.80
N GLU B 436 -3.16 -16.00 28.81
CA GLU B 436 -3.26 -16.77 30.04
C GLU B 436 -2.05 -17.66 30.30
N GLY B 437 -1.29 -18.02 29.27
CA GLY B 437 -0.13 -18.88 29.42
C GLY B 437 0.00 -19.86 28.29
N ILE B 438 1.17 -20.48 28.15
CA ILE B 438 1.40 -21.43 27.07
C ILE B 438 0.59 -22.69 27.35
N GLY B 439 -0.48 -22.89 26.58
CA GLY B 439 -1.36 -24.02 26.80
C GLY B 439 -1.53 -24.91 25.58
N PHE B 440 -2.52 -25.80 25.62
CA PHE B 440 -2.75 -26.76 24.55
C PHE B 440 -4.25 -26.93 24.32
N ILE B 441 -4.60 -27.38 23.12
CA ILE B 441 -5.98 -27.63 22.74
C ILE B 441 -6.07 -28.99 22.09
N ASP B 442 -7.15 -29.72 22.38
CA ASP B 442 -7.35 -31.06 21.84
C ASP B 442 -7.87 -30.99 20.42
N GLY B 443 -8.39 -32.11 19.92
CA GLY B 443 -8.77 -32.29 18.53
C GLY B 443 -9.38 -31.12 17.78
N ASP B 444 -10.48 -30.57 18.28
CA ASP B 444 -11.22 -29.54 17.58
C ASP B 444 -10.91 -28.15 18.15
N PHE B 445 -10.68 -27.20 17.26
CA PHE B 445 -10.35 -25.84 17.65
C PHE B 445 -11.57 -24.95 17.84
N ASP B 446 -12.75 -25.36 17.36
CA ASP B 446 -13.95 -24.55 17.54
C ASP B 446 -14.31 -24.41 19.03
N LYS B 447 -13.82 -25.32 19.87
CA LYS B 447 -14.11 -25.27 21.29
C LYS B 447 -13.08 -24.42 22.01
N ASP B 448 -13.19 -24.35 23.34
CA ASP B 448 -12.24 -23.62 24.15
C ASP B 448 -11.71 -24.48 25.30
N LYS B 449 -11.46 -25.77 25.06
CA LYS B 449 -10.86 -26.65 26.06
C LYS B 449 -9.37 -26.34 26.19
N PHE B 450 -9.05 -25.20 26.78
CA PHE B 450 -7.68 -24.72 26.83
C PHE B 450 -7.01 -25.13 28.14
N GLU B 451 -5.86 -25.78 28.03
CA GLU B 451 -5.06 -26.16 29.19
C GLU B 451 -4.07 -25.04 29.50
N THR B 452 -3.18 -25.28 30.47
CA THR B 452 -2.15 -24.31 30.82
C THR B 452 -0.92 -25.03 31.36
N ALA B 453 0.15 -25.05 30.56
CA ALA B 453 1.43 -25.59 31.01
C ALA B 453 2.22 -24.51 31.74
N TRP B 454 2.58 -23.45 31.01
CA TRP B 454 3.17 -22.28 31.65
C TRP B 454 2.08 -21.30 32.03
N THR B 455 2.35 -20.48 33.03
CA THR B 455 1.54 -19.30 33.28
C THR B 455 2.42 -18.06 33.20
N ILE B 456 1.80 -16.92 32.91
CA ILE B 456 2.56 -15.71 32.64
C ILE B 456 3.37 -15.29 33.86
N ASP B 457 2.95 -15.68 35.06
CA ASP B 457 3.75 -15.41 36.24
C ASP B 457 4.90 -16.40 36.42
N GLY B 458 5.00 -17.42 35.55
CA GLY B 458 6.11 -18.35 35.61
C GLY B 458 5.90 -19.54 36.52
N THR B 459 4.82 -20.30 36.28
CA THR B 459 4.49 -21.47 37.08
C THR B 459 4.30 -22.66 36.14
N PHE B 460 5.34 -23.49 36.03
CA PHE B 460 5.28 -24.67 35.18
C PHE B 460 4.33 -25.71 35.77
N ASN B 461 3.78 -26.55 34.92
CA ASN B 461 2.95 -27.67 35.37
C ASN B 461 3.74 -28.96 35.22
N ALA B 462 3.93 -29.67 36.33
CA ALA B 462 4.86 -30.79 36.35
C ALA B 462 4.35 -32.02 35.61
N LYS B 463 3.04 -32.11 35.38
CA LYS B 463 2.48 -33.31 34.77
C LYS B 463 2.81 -33.44 33.29
N PHE B 464 3.42 -32.43 32.68
CA PHE B 464 3.73 -32.46 31.26
C PHE B 464 5.07 -33.09 30.95
N ILE B 465 5.78 -33.59 31.95
CA ILE B 465 7.03 -34.33 31.74
C ILE B 465 6.65 -35.80 31.59
N ARG B 466 6.86 -36.35 30.40
CA ARG B 466 6.38 -37.70 30.10
C ARG B 466 7.37 -38.57 29.34
N ALA B 467 8.55 -38.07 29.00
CA ALA B 467 9.54 -38.89 28.29
C ALA B 467 10.91 -38.28 28.48
N GLY B 468 11.88 -39.09 28.85
CA GLY B 468 13.25 -38.63 28.97
C GLY B 468 13.90 -39.17 30.22
N VAL B 469 15.16 -38.77 30.42
CA VAL B 469 15.95 -39.15 31.57
C VAL B 469 16.41 -37.89 32.28
N LEU B 470 16.23 -37.85 33.59
CA LEU B 470 16.54 -36.66 34.39
C LEU B 470 17.88 -36.86 35.08
N SER B 471 18.81 -35.91 34.86
CA SER B 471 20.14 -36.02 35.43
C SER B 471 20.72 -34.63 35.62
N GLY B 472 21.71 -34.55 36.52
CA GLY B 472 22.49 -33.33 36.68
C GLY B 472 21.82 -32.19 37.41
N ILE B 473 20.84 -32.47 38.27
CA ILE B 473 20.17 -31.45 39.05
C ILE B 473 20.19 -31.86 40.52
N LEU B 474 19.53 -31.06 41.35
CA LEU B 474 19.38 -31.33 42.76
C LEU B 474 17.90 -31.38 43.12
N ILE B 475 17.56 -32.26 44.06
CA ILE B 475 16.19 -32.43 44.52
C ILE B 475 16.16 -32.12 46.01
N LYS B 476 15.29 -31.21 46.41
CA LYS B 476 15.26 -30.71 47.78
C LYS B 476 13.84 -30.42 48.20
N GLY B 477 13.52 -30.75 49.45
CA GLY B 477 12.24 -30.39 50.03
C GLY B 477 11.08 -31.25 49.58
N ASN B 478 11.19 -31.81 48.36
CA ASN B 478 10.08 -32.56 47.77
C ASN B 478 9.80 -33.83 48.55
N ILE B 479 8.55 -34.27 48.46
CA ILE B 479 8.12 -35.54 49.04
C ILE B 479 8.26 -36.63 47.98
N ILE B 480 8.96 -37.69 48.31
CA ILE B 480 9.17 -38.82 47.42
C ILE B 480 8.29 -39.97 47.87
N LYS B 481 7.68 -40.65 46.90
CA LYS B 481 6.81 -41.78 47.21
C LYS B 481 6.88 -42.79 46.07
N SER B 482 6.53 -44.03 46.39
CA SER B 482 6.38 -45.09 45.40
C SER B 482 5.06 -45.79 45.68
N SER B 483 4.83 -46.91 45.00
CA SER B 483 3.62 -47.68 45.19
C SER B 483 3.81 -49.09 44.64
N ASP B 484 2.99 -50.02 45.15
CA ASP B 484 2.93 -51.38 44.66
C ASP B 484 1.47 -51.80 44.54
N GLU B 485 1.26 -53.05 44.11
CA GLU B 485 -0.11 -53.55 43.98
C GLU B 485 -0.78 -53.71 45.33
N GLY B 486 -0.01 -53.95 46.39
CA GLY B 486 -0.56 -54.09 47.72
C GLY B 486 -0.80 -52.73 48.37
N ASP B 487 -0.35 -52.59 49.61
CA ASP B 487 -0.52 -51.35 50.38
C ASP B 487 0.78 -50.97 51.08
N PHE B 488 1.88 -50.97 50.33
CA PHE B 488 3.17 -50.58 50.87
C PHE B 488 3.79 -49.51 49.98
N GLN B 489 4.47 -48.55 50.59
CA GLN B 489 5.15 -47.50 49.86
C GLN B 489 6.28 -46.93 50.72
N ILE B 490 7.32 -46.44 50.06
CA ILE B 490 8.47 -45.85 50.74
C ILE B 490 8.38 -44.33 50.61
N VAL B 491 8.46 -43.65 51.75
CA VAL B 491 8.24 -42.21 51.82
C VAL B 491 9.47 -41.54 52.42
N LEU B 492 9.85 -40.39 51.84
CA LEU B 492 10.97 -39.58 52.33
C LEU B 492 10.45 -38.17 52.51
N ASP B 493 9.89 -37.88 53.68
CA ASP B 493 9.30 -36.58 53.97
C ASP B 493 9.74 -36.09 55.34
N GLY B 494 10.06 -34.81 55.44
CA GLY B 494 10.44 -34.22 56.71
C GLY B 494 11.72 -34.79 57.30
N GLY B 495 12.69 -35.09 56.45
CA GLY B 495 13.97 -35.59 56.93
C GLY B 495 13.91 -36.94 57.62
N GLU B 496 13.11 -37.87 57.10
CA GLU B 496 13.05 -39.21 57.67
C GLU B 496 12.58 -40.19 56.63
N LEU B 497 12.82 -41.47 56.89
CA LEU B 497 12.35 -42.57 56.06
C LEU B 497 11.18 -43.24 56.76
N THR B 498 10.06 -43.42 56.04
CA THR B 498 8.84 -43.93 56.62
C THR B 498 8.30 -45.08 55.78
N PHE B 499 8.01 -46.20 56.42
CA PHE B 499 7.32 -47.31 55.81
C PHE B 499 5.92 -47.39 56.42
N GLU B 500 4.90 -47.39 55.57
CA GLU B 500 3.53 -47.25 56.03
C GLU B 500 2.61 -47.96 55.05
N LYS B 501 1.31 -47.69 55.18
CA LYS B 501 0.29 -48.28 54.32
C LYS B 501 -0.11 -47.30 53.21
N LYS B 502 -0.28 -47.82 52.00
CA LYS B 502 -0.60 -46.98 50.86
C LYS B 502 -1.98 -46.35 51.01
N TYR B 503 -2.11 -45.14 50.48
CA TYR B 503 -3.37 -44.42 50.49
C TYR B 503 -3.41 -43.48 49.30
N ASP B 504 -4.62 -43.08 48.90
CA ASP B 504 -4.82 -42.22 47.74
C ASP B 504 -5.47 -40.92 48.20
N SER B 505 -4.90 -39.80 47.78
CA SER B 505 -5.40 -38.48 48.19
C SER B 505 -4.95 -37.46 47.17
N GLU B 506 -5.46 -36.23 47.34
CA GLU B 506 -5.18 -35.13 46.43
C GLU B 506 -4.54 -33.93 47.12
N ASP B 507 -3.86 -34.14 48.23
CA ASP B 507 -3.22 -33.05 48.96
C ASP B 507 -1.82 -33.48 49.39
N ILE B 508 -0.96 -32.47 49.60
CA ILE B 508 0.41 -32.74 50.03
C ILE B 508 0.42 -33.38 51.41
N ASN B 509 -0.41 -32.88 52.32
CA ASN B 509 -0.40 -33.38 53.69
C ASN B 509 -1.01 -34.77 53.81
N ASP B 510 -1.96 -35.11 52.94
CA ASP B 510 -2.71 -36.35 53.07
C ASP B 510 -2.00 -37.55 52.46
N GLN B 511 -0.81 -37.37 51.88
CA GLN B 511 -0.10 -38.50 51.30
C GLN B 511 0.42 -39.46 52.37
N HIS B 512 0.67 -38.96 53.57
CA HIS B 512 1.20 -39.80 54.64
C HIS B 512 0.12 -40.76 55.15
N GLY B 513 0.53 -41.96 55.53
CA GLY B 513 -0.40 -43.00 55.92
C GLY B 513 -0.26 -43.50 57.35
N HIS B 514 -0.38 -44.82 57.54
CA HIS B 514 -0.29 -45.41 58.86
C HIS B 514 1.10 -46.02 59.05
N PRO B 515 1.96 -45.42 59.86
CA PRO B 515 3.35 -45.92 59.95
C PRO B 515 3.43 -47.32 60.52
N MET B 516 4.39 -48.09 60.03
CA MET B 516 4.74 -49.39 60.60
C MET B 516 6.16 -49.40 61.12
N LEU B 517 7.14 -49.06 60.29
CA LEU B 517 8.55 -48.98 60.68
C LEU B 517 9.12 -47.67 60.16
N THR B 518 9.63 -46.84 61.06
CA THR B 518 10.10 -45.50 60.70
C THR B 518 11.56 -45.34 61.11
N MET B 519 12.47 -45.63 60.19
CA MET B 519 13.87 -45.30 60.39
C MET B 519 14.04 -43.78 60.44
N LYS B 520 14.48 -43.27 61.58
CA LYS B 520 14.48 -41.83 61.81
C LYS B 520 15.61 -41.48 62.78
N ALA B 521 15.56 -40.27 63.31
CA ALA B 521 16.51 -39.79 64.31
C ALA B 521 15.74 -39.09 65.43
N LEU B 522 16.35 -39.07 66.60
CA LEU B 522 15.75 -38.49 67.79
C LEU B 522 16.64 -37.40 68.36
N TYR B 523 16.03 -36.30 68.79
CA TYR B 523 16.77 -35.25 69.48
C TYR B 523 17.14 -35.75 70.87
N THR B 524 18.31 -36.35 71.00
CA THR B 524 18.70 -37.09 72.20
C THR B 524 19.47 -36.16 73.14
N ASP B 525 18.78 -35.65 74.16
CA ASP B 525 19.38 -34.84 75.23
C ASP B 525 20.06 -33.60 74.67
N ASP B 526 19.25 -32.72 74.09
CA ASP B 526 19.66 -31.41 73.58
C ASP B 526 20.71 -31.50 72.49
N LYS B 527 20.92 -32.68 71.92
CA LYS B 527 21.85 -32.86 70.81
C LYS B 527 21.32 -33.94 69.90
N LEU B 528 21.58 -33.79 68.61
CA LEU B 528 21.08 -34.75 67.61
C LEU B 528 22.18 -35.75 67.26
N ASN B 529 22.35 -36.72 68.16
CA ASN B 529 23.27 -37.83 67.96
C ASN B 529 22.58 -39.17 68.09
N GLY B 530 21.26 -39.21 67.96
CA GLY B 530 20.52 -40.45 68.09
C GLY B 530 19.90 -40.91 66.79
N ILE B 531 20.31 -42.08 66.32
CA ILE B 531 19.75 -42.71 65.12
C ILE B 531 19.05 -43.99 65.57
N SER B 532 17.78 -44.14 65.18
CA SER B 532 16.98 -45.22 65.70
C SER B 532 15.85 -45.56 64.73
N MET B 533 15.33 -46.77 64.89
CA MET B 533 14.07 -47.17 64.31
C MET B 533 13.04 -47.32 65.43
N VAL B 534 11.80 -47.59 65.05
CA VAL B 534 10.72 -47.87 66.00
C VAL B 534 9.87 -48.99 65.45
N GLN B 535 9.06 -49.58 66.33
CA GLN B 535 8.06 -50.56 65.94
C GLN B 535 6.68 -50.07 66.37
N ILE B 536 5.66 -50.77 65.89
CA ILE B 536 4.28 -50.46 66.28
C ILE B 536 3.62 -51.76 66.70
N PRO B 537 2.87 -51.78 67.80
CA PRO B 537 2.22 -53.03 68.24
C PRO B 537 1.23 -53.56 67.21
N ASN B 538 0.95 -54.85 67.32
CA ASN B 538 0.10 -55.59 66.38
C ASN B 538 0.67 -55.61 64.96
N TYR B 539 1.98 -55.44 64.83
CA TYR B 539 2.65 -55.55 63.54
C TYR B 539 3.91 -56.39 63.70
N SER B 540 4.27 -57.09 62.64
CA SER B 540 5.42 -57.98 62.64
C SER B 540 6.63 -57.29 62.02
N PHE B 541 7.79 -57.51 62.62
CA PHE B 541 9.04 -56.94 62.15
C PHE B 541 10.10 -58.02 62.17
N GLY B 542 11.11 -57.88 61.32
CA GLY B 542 12.13 -58.90 61.24
C GLY B 542 13.31 -58.46 60.43
N ILE B 543 14.38 -59.24 60.54
CA ILE B 543 15.62 -59.09 59.77
C ILE B 543 15.81 -60.40 59.03
N ASN B 544 14.69 -60.98 58.58
CA ASN B 544 14.62 -62.30 57.96
C ASN B 544 15.76 -62.57 56.99
N SER B 545 16.22 -63.82 56.95
CA SER B 545 17.37 -64.20 56.14
C SER B 545 17.06 -65.50 55.42
N GLY B 546 17.73 -65.71 54.29
CA GLY B 546 17.49 -66.89 53.50
C GLY B 546 17.65 -66.68 52.00
N GLY B 547 16.60 -66.97 51.24
CA GLY B 547 16.59 -66.78 49.81
C GLY B 547 15.51 -65.80 49.35
N LEU B 548 15.31 -65.78 48.04
CA LEU B 548 14.24 -64.95 47.50
C LEU B 548 12.88 -65.56 47.78
N MET B 549 12.79 -66.89 47.76
CA MET B 549 11.57 -67.58 48.16
C MET B 549 11.37 -67.57 49.67
N VAL B 550 12.43 -67.78 50.44
CA VAL B 550 12.34 -68.02 51.88
C VAL B 550 13.23 -67.02 52.60
N SER B 551 12.71 -66.44 53.68
CA SER B 551 13.43 -65.48 54.50
C SER B 551 13.08 -65.75 55.96
N LYS B 552 14.01 -66.41 56.70
CA LYS B 552 13.75 -66.84 58.07
C LYS B 552 14.34 -65.85 59.07
N PRO B 553 13.69 -65.68 60.23
CA PRO B 553 14.05 -64.57 61.13
C PRO B 553 15.37 -64.81 61.82
N VAL B 554 16.32 -63.90 61.60
CA VAL B 554 17.48 -63.82 62.47
C VAL B 554 17.08 -63.27 63.83
N ILE B 555 16.26 -62.22 63.84
CA ILE B 555 15.51 -61.78 65.01
C ILE B 555 14.06 -61.65 64.60
N GLU B 556 13.17 -62.28 65.35
CA GLU B 556 11.73 -62.18 65.10
C GLU B 556 11.13 -61.20 66.10
N ILE B 557 10.47 -60.16 65.59
CA ILE B 557 9.80 -59.17 66.42
C ILE B 557 8.30 -59.49 66.41
N PRO B 558 7.70 -59.79 67.55
CA PRO B 558 6.30 -60.21 67.57
C PRO B 558 5.36 -59.03 67.34
N LYS B 559 4.11 -59.38 67.03
CA LYS B 559 3.07 -58.36 66.93
C LYS B 559 2.83 -57.67 68.27
N GLU B 560 3.07 -58.37 69.37
CA GLU B 560 2.82 -57.86 70.71
C GLU B 560 4.08 -57.29 71.36
N SER B 561 5.16 -57.12 70.60
CA SER B 561 6.39 -56.55 71.15
C SER B 561 6.10 -55.16 71.70
N THR B 562 6.55 -54.92 72.93
CA THR B 562 6.18 -53.71 73.64
C THR B 562 7.33 -53.32 74.57
N ILE B 563 7.37 -52.04 74.93
CA ILE B 563 8.33 -51.57 75.93
C ILE B 563 8.15 -52.33 77.23
N ASP B 564 6.90 -52.58 77.63
CA ASP B 564 6.63 -53.33 78.84
C ASP B 564 6.84 -54.83 78.60
N SER B 565 6.15 -55.36 77.60
CA SER B 565 6.29 -56.78 77.22
C SER B 565 7.44 -56.93 76.22
N ARG B 566 8.65 -56.74 76.75
CA ARG B 566 9.86 -56.95 75.96
C ARG B 566 9.96 -58.42 75.59
N LYS B 567 9.69 -58.75 74.33
CA LYS B 567 9.72 -60.13 73.86
C LYS B 567 10.50 -60.13 72.55
N LEU B 568 11.81 -60.31 72.67
CA LEU B 568 12.73 -60.22 71.53
C LEU B 568 13.11 -61.61 71.04
N ASN B 569 12.15 -62.27 70.41
CA ASN B 569 12.38 -63.63 69.92
C ASN B 569 13.51 -63.65 68.90
N LEU B 570 14.42 -64.62 69.06
CA LEU B 570 15.52 -64.82 68.14
C LEU B 570 15.48 -66.25 67.64
N PHE B 571 15.82 -66.44 66.37
CA PHE B 571 15.81 -67.76 65.76
C PHE B 571 17.04 -67.87 64.86
N GLY B 572 17.52 -69.09 64.68
CA GLY B 572 18.72 -69.34 63.91
C GLY B 572 19.91 -69.67 64.80
N GLU B 573 20.72 -70.65 64.39
CA GLU B 573 21.86 -71.09 65.17
C GLU B 573 22.95 -70.03 65.09
N VAL B 574 23.30 -69.44 66.23
CA VAL B 574 24.19 -68.29 66.27
C VAL B 574 25.57 -68.72 66.75
N ARG B 575 26.57 -67.91 66.37
CA ARG B 575 27.96 -68.11 66.77
C ARG B 575 28.43 -66.78 67.34
N VAL B 576 28.35 -66.63 68.66
CA VAL B 576 28.46 -65.32 69.29
C VAL B 576 29.68 -65.23 70.19
N VAL B 577 30.68 -64.46 69.77
CA VAL B 577 31.90 -64.29 70.56
C VAL B 577 31.72 -63.13 71.53
N GLY B 578 32.12 -63.34 72.78
CA GLY B 578 32.13 -62.26 73.75
C GLY B 578 31.97 -62.78 75.17
N ASP B 579 32.06 -61.84 76.11
CA ASP B 579 31.70 -62.09 77.50
C ASP B 579 30.19 -62.04 77.63
N PHE B 580 29.59 -62.85 78.50
CA PHE B 580 28.13 -62.91 78.51
C PHE B 580 27.61 -62.78 79.93
N TYR B 581 26.30 -63.04 80.05
CA TYR B 581 25.51 -62.67 81.21
C TYR B 581 24.86 -63.93 81.78
N VAL B 582 25.55 -64.57 82.73
CA VAL B 582 25.15 -65.84 83.32
C VAL B 582 24.99 -65.67 84.82
N ASN B 583 24.41 -64.54 85.24
CA ASN B 583 24.48 -64.00 86.60
C ASN B 583 25.86 -63.43 86.89
N ASP B 584 26.32 -62.55 86.00
CA ASP B 584 27.39 -61.57 86.18
C ASP B 584 28.75 -62.10 85.74
N VAL B 585 29.82 -61.52 86.31
CA VAL B 585 31.22 -61.66 85.87
C VAL B 585 31.29 -61.67 84.34
N LYS B 586 32.30 -62.32 83.77
CA LYS B 586 32.45 -62.43 82.33
C LYS B 586 32.97 -63.83 82.00
N ILE B 587 32.52 -64.35 80.86
CA ILE B 587 32.76 -65.75 80.50
C ILE B 587 33.48 -65.81 79.16
N ASP B 588 33.73 -67.02 78.66
CA ASP B 588 34.59 -67.25 77.50
C ASP B 588 33.81 -67.35 76.21
N SER B 589 34.47 -67.77 75.13
CA SER B 589 33.91 -67.71 73.79
C SER B 589 34.09 -69.00 72.99
N ASN B 590 33.72 -70.14 73.58
CA ASN B 590 33.74 -71.43 72.86
C ASN B 590 35.11 -71.75 72.28
N VAL C 3 -25.30 54.03 -15.05
CA VAL C 3 -24.24 53.24 -14.43
C VAL C 3 -23.54 54.05 -13.34
N TYR C 4 -23.55 53.54 -12.11
CA TYR C 4 -22.95 54.19 -10.96
C TYR C 4 -21.62 53.54 -10.63
N PHE C 5 -20.60 54.35 -10.36
CA PHE C 5 -19.25 53.87 -10.11
C PHE C 5 -18.86 54.15 -8.66
N PHE C 6 -18.32 53.14 -7.99
CA PHE C 6 -17.90 53.24 -6.60
C PHE C 6 -16.38 53.12 -6.51
N ASP C 7 -15.82 53.67 -5.42
CA ASP C 7 -14.39 53.59 -5.18
C ASP C 7 -14.09 52.36 -4.32
N ASN C 8 -12.87 52.28 -3.78
CA ASN C 8 -12.44 51.07 -3.08
C ASN C 8 -13.17 50.87 -1.75
N LYS C 9 -13.80 51.91 -1.21
CA LYS C 9 -14.57 51.80 0.02
C LYS C 9 -16.07 51.75 -0.22
N GLN C 10 -16.48 51.49 -1.47
CA GLN C 10 -17.89 51.41 -1.83
C GLN C 10 -18.62 52.72 -1.51
N GLN C 11 -18.01 53.84 -1.88
CA GLN C 11 -18.63 55.16 -1.82
C GLN C 11 -18.91 55.65 -3.23
N LEU C 12 -20.09 56.21 -3.44
CA LEU C 12 -20.46 56.68 -4.77
C LEU C 12 -19.54 57.81 -5.21
N ILE C 13 -19.16 57.78 -6.49
CA ILE C 13 -18.23 58.75 -7.06
C ILE C 13 -18.84 59.52 -8.21
N LYS C 14 -19.33 58.82 -9.22
CA LYS C 14 -19.78 59.47 -10.44
C LYS C 14 -20.98 58.72 -11.00
N ILE C 15 -21.80 59.44 -11.78
CA ILE C 15 -22.92 58.87 -12.49
C ILE C 15 -22.73 59.14 -13.98
N LYS C 16 -22.82 58.10 -14.79
CA LYS C 16 -22.69 58.22 -16.24
C LYS C 16 -24.06 58.04 -16.89
N ASN C 17 -24.42 58.99 -17.73
CA ASN C 17 -25.72 58.95 -18.40
C ASN C 17 -25.69 57.94 -19.54
N SER C 18 -26.79 57.87 -20.28
CA SER C 18 -26.87 57.03 -21.46
C SER C 18 -26.53 57.76 -22.74
N ARG C 19 -26.22 59.05 -22.66
CA ARG C 19 -25.85 59.84 -23.83
C ARG C 19 -24.35 59.90 -24.04
N THR C 20 -23.56 59.25 -23.18
CA THR C 20 -22.12 59.25 -23.33
C THR C 20 -21.50 57.86 -23.22
N LEU C 21 -22.29 56.81 -23.24
CA LEU C 21 -21.78 55.45 -23.20
C LEU C 21 -21.73 54.87 -24.61
N LEU C 22 -20.77 53.99 -24.84
CA LEU C 22 -20.58 53.38 -26.15
C LEU C 22 -21.00 51.92 -26.22
N GLN C 23 -21.16 51.25 -25.07
CA GLN C 23 -21.61 49.86 -25.05
C GLN C 23 -22.01 49.49 -23.64
N CYS C 24 -23.11 48.77 -23.51
CA CYS C 24 -23.56 48.26 -22.22
C CYS C 24 -24.27 46.94 -22.45
N LEU C 25 -23.74 45.85 -21.89
CA LEU C 25 -24.25 44.51 -22.16
C LEU C 25 -24.27 43.71 -20.86
N GLN C 26 -25.31 42.90 -20.69
CA GLN C 26 -25.49 42.10 -19.49
C GLN C 26 -25.91 40.69 -19.88
N GLU C 27 -25.24 39.68 -19.33
CA GLU C 27 -25.48 38.30 -19.70
C GLU C 27 -25.75 37.46 -18.46
N LYS C 28 -26.63 36.46 -18.62
CA LYS C 28 -26.95 35.51 -17.56
C LYS C 28 -27.14 34.14 -18.17
N GLU C 29 -26.79 33.11 -17.41
CA GLU C 29 -26.87 31.75 -17.93
C GLU C 29 -26.87 30.75 -16.78
N ILE C 30 -27.73 29.74 -16.88
CA ILE C 30 -27.81 28.65 -15.92
C ILE C 30 -27.01 27.49 -16.48
N ALA C 31 -26.00 27.05 -15.74
CA ALA C 31 -25.11 25.99 -16.22
C ALA C 31 -25.84 24.66 -16.31
N SER C 32 -25.38 23.81 -17.23
CA SER C 32 -26.00 22.51 -17.42
C SER C 32 -25.76 21.60 -16.21
N ASP C 33 -24.56 21.62 -15.66
CA ASP C 33 -24.25 20.82 -14.48
C ASP C 33 -24.73 21.53 -13.22
N LYS C 34 -25.01 20.73 -12.19
CA LYS C 34 -25.49 21.26 -10.92
C LYS C 34 -24.37 21.71 -10.00
N SER C 35 -23.11 21.47 -10.36
CA SER C 35 -21.97 21.84 -9.54
C SER C 35 -21.41 23.20 -9.89
N ASP C 36 -22.06 23.94 -10.78
CA ASP C 36 -21.61 25.26 -11.18
C ASP C 36 -22.65 26.31 -10.80
N LEU C 37 -22.19 27.51 -10.49
CA LEU C 37 -23.05 28.59 -10.07
C LEU C 37 -23.69 29.25 -11.29
N MET C 38 -24.56 30.24 -11.03
CA MET C 38 -25.19 30.99 -12.11
C MET C 38 -24.25 32.08 -12.60
N LYS C 39 -24.14 32.21 -13.92
CA LYS C 39 -23.21 33.15 -14.54
C LYS C 39 -23.85 34.53 -14.63
N ASP C 40 -23.07 35.56 -14.30
CA ASP C 40 -23.55 36.95 -14.34
C ASP C 40 -22.39 37.85 -14.71
N VAL C 41 -22.43 38.43 -15.91
CA VAL C 41 -21.33 39.21 -16.45
C VAL C 41 -21.87 40.51 -17.04
N LEU C 42 -21.18 41.61 -16.78
CA LEU C 42 -21.53 42.91 -17.33
C LEU C 42 -20.30 43.54 -17.98
N THR C 43 -20.53 44.26 -19.08
CA THR C 43 -19.46 44.91 -19.82
C THR C 43 -19.90 46.30 -20.26
N VAL C 44 -19.09 47.30 -19.95
CA VAL C 44 -19.38 48.68 -20.31
C VAL C 44 -18.10 49.36 -20.76
N SER C 45 -18.23 50.28 -21.70
CA SER C 45 -17.08 51.04 -22.21
C SER C 45 -17.48 52.47 -22.48
N CYS C 46 -16.63 53.41 -22.06
CA CYS C 46 -16.89 54.83 -22.22
C CYS C 46 -15.60 55.53 -22.60
N LEU C 47 -15.67 56.85 -22.76
CA LEU C 47 -14.50 57.65 -23.11
C LEU C 47 -13.61 57.80 -21.88
N HIS C 48 -12.32 58.03 -22.13
CA HIS C 48 -11.33 58.07 -21.05
C HIS C 48 -11.64 59.19 -20.07
N ASP C 49 -11.46 58.89 -18.78
CA ASP C 49 -11.63 59.87 -17.72
C ASP C 49 -10.56 59.67 -16.67
N VAL C 50 -10.13 60.77 -16.05
CA VAL C 50 -9.06 60.70 -15.06
C VAL C 50 -9.54 60.02 -13.79
N GLU C 51 -10.74 60.37 -13.32
CA GLU C 51 -11.23 59.92 -12.03
C GLU C 51 -12.00 58.60 -12.11
N LEU C 52 -11.84 57.86 -13.20
CA LEU C 52 -12.49 56.56 -13.35
C LEU C 52 -11.51 55.40 -13.30
N GLU C 53 -10.23 55.68 -13.12
CA GLU C 53 -9.21 54.63 -13.08
C GLU C 53 -8.95 54.14 -11.66
N GLN C 54 -9.66 54.68 -10.67
CA GLN C 54 -9.58 54.22 -9.30
C GLN C 54 -10.82 53.45 -8.86
N CYS C 55 -11.87 53.45 -9.66
CA CYS C 55 -13.12 52.79 -9.29
C CYS C 55 -12.99 51.29 -9.36
N ASP C 56 -13.68 50.60 -8.45
CA ASP C 56 -13.65 49.15 -8.38
C ASP C 56 -15.02 48.50 -8.38
N PHE C 57 -16.10 49.25 -8.37
CA PHE C 57 -17.45 48.70 -8.42
C PHE C 57 -18.29 49.51 -9.40
N MET C 58 -19.15 48.82 -10.15
CA MET C 58 -20.12 49.46 -11.01
C MET C 58 -21.43 48.71 -10.91
N ALA C 59 -22.53 49.46 -10.90
CA ALA C 59 -23.85 48.90 -10.66
C ALA C 59 -24.84 49.42 -11.70
N VAL C 60 -25.88 48.63 -11.95
CA VAL C 60 -26.94 49.01 -12.88
C VAL C 60 -28.27 49.01 -12.15
N ARG C 61 -29.35 49.27 -12.89
CA ARG C 61 -30.68 49.43 -12.31
C ARG C 61 -31.61 48.37 -12.87
N GLU C 62 -32.33 47.67 -11.98
CA GLU C 62 -33.36 46.73 -12.37
C GLU C 62 -34.76 47.34 -12.28
N ASN C 63 -35.11 47.85 -11.11
CA ASN C 63 -36.31 48.65 -10.93
C ASN C 63 -36.01 49.65 -9.82
N LYS C 64 -37.05 50.25 -9.25
CA LYS C 64 -36.83 51.34 -8.30
C LYS C 64 -36.27 50.88 -6.96
N GLY C 65 -36.20 49.57 -6.71
CA GLY C 65 -35.76 49.11 -5.40
C GLY C 65 -34.67 48.06 -5.40
N VAL C 66 -34.37 47.51 -6.57
CA VAL C 66 -33.41 46.41 -6.69
C VAL C 66 -32.27 46.85 -7.60
N TYR C 67 -31.04 46.72 -7.10
CA TYR C 67 -29.85 47.03 -7.88
C TYR C 67 -28.90 45.86 -7.87
N SER C 68 -28.15 45.70 -8.96
CA SER C 68 -27.17 44.64 -9.10
C SER C 68 -25.78 45.25 -9.08
N LEU C 69 -24.87 44.63 -8.33
CA LEU C 69 -23.53 45.14 -8.12
C LEU C 69 -22.53 44.24 -8.82
N TYR C 70 -21.58 44.84 -9.52
CA TYR C 70 -20.55 44.10 -10.26
C TYR C 70 -19.17 44.59 -9.84
N LYS C 71 -18.24 43.65 -9.73
CA LYS C 71 -16.87 43.95 -9.34
C LYS C 71 -15.97 43.90 -10.57
N ILE C 72 -15.19 44.96 -10.77
CA ILE C 72 -14.34 45.06 -11.96
C ILE C 72 -13.15 44.11 -11.81
N LEU C 73 -12.95 43.26 -12.81
CA LEU C 73 -11.82 42.35 -12.82
C LEU C 73 -10.75 42.74 -13.82
N GLU C 74 -11.08 43.54 -14.83
CA GLU C 74 -10.11 43.91 -15.86
C GLU C 74 -10.44 45.29 -16.38
N GLU C 75 -9.44 45.95 -16.96
CA GLU C 75 -9.59 47.29 -17.49
C GLU C 75 -8.56 47.50 -18.58
N GLU C 76 -8.95 48.19 -19.65
CA GLU C 76 -8.07 48.26 -20.82
C GLU C 76 -8.25 49.55 -21.62
N ILE C 77 -7.32 50.49 -21.46
CA ILE C 77 -7.33 51.68 -22.31
C ILE C 77 -6.69 51.35 -23.65
N ASP C 78 -7.45 51.56 -24.73
CA ASP C 78 -6.96 51.20 -26.05
C ASP C 78 -6.73 52.40 -26.94
N ALA C 79 -7.79 53.20 -27.17
CA ALA C 79 -7.73 54.38 -28.01
C ALA C 79 -8.47 55.53 -27.36
N GLU C 80 -8.17 55.82 -26.08
CA GLU C 80 -8.95 56.71 -25.24
C GLU C 80 -10.36 56.18 -25.07
N ILE C 81 -10.56 54.88 -25.34
CA ILE C 81 -11.83 54.22 -25.14
C ILE C 81 -11.63 53.19 -24.04
N MET C 82 -11.95 53.56 -22.80
CA MET C 82 -11.78 52.65 -21.69
C MET C 82 -12.79 51.52 -21.77
N ASN C 83 -12.38 50.33 -21.34
CA ASN C 83 -13.25 49.17 -21.28
C ASN C 83 -13.21 48.60 -19.87
N PHE C 84 -14.33 48.01 -19.45
CA PHE C 84 -14.44 47.38 -18.15
C PHE C 84 -15.09 46.02 -18.29
N LYS C 85 -14.71 45.10 -17.39
CA LYS C 85 -15.32 43.78 -17.35
C LYS C 85 -15.59 43.44 -15.89
N GLY C 86 -16.79 42.95 -15.61
CA GLY C 86 -17.18 42.70 -14.24
C GLY C 86 -17.91 41.39 -14.09
N VAL C 87 -17.92 40.88 -12.86
CA VAL C 87 -18.64 39.68 -12.48
C VAL C 87 -19.47 40.00 -11.25
N ASN C 88 -20.26 39.02 -10.81
CA ASN C 88 -21.08 39.22 -9.62
C ASN C 88 -20.21 39.36 -8.38
N PHE C 89 -20.68 40.15 -7.42
CA PHE C 89 -19.90 40.39 -6.21
C PHE C 89 -19.80 39.13 -5.37
N GLY C 90 -20.86 38.31 -5.36
CA GLY C 90 -20.90 37.16 -4.48
C GLY C 90 -19.87 36.11 -4.84
N ALA C 91 -19.72 35.83 -6.13
CA ALA C 91 -18.76 34.83 -6.57
C ALA C 91 -17.32 35.25 -6.34
N GLU C 92 -17.08 36.53 -6.05
CA GLU C 92 -15.74 37.04 -5.81
C GLU C 92 -15.44 37.31 -4.34
N GLU C 93 -16.45 37.67 -3.55
CA GLU C 93 -16.23 37.95 -2.14
C GLU C 93 -16.20 36.67 -1.32
N LEU C 94 -17.07 35.72 -1.62
CA LEU C 94 -17.13 34.47 -0.87
C LEU C 94 -15.99 33.55 -1.18
N ASN C 95 -14.96 33.98 -1.88
CA ASN C 95 -13.79 33.15 -2.13
C ASN C 95 -12.64 33.48 -1.18
N ASN C 96 -12.88 34.32 -0.18
CA ASN C 96 -11.85 34.76 0.75
C ASN C 96 -12.30 34.53 2.18
N TYR C 97 -12.89 33.37 2.45
CA TYR C 97 -13.34 32.99 3.78
C TYR C 97 -12.98 31.52 3.96
N VAL C 98 -12.07 31.23 4.89
CA VAL C 98 -11.52 29.88 5.02
C VAL C 98 -12.37 29.09 6.00
N VAL C 99 -12.83 27.91 5.57
CA VAL C 99 -13.57 26.99 6.42
C VAL C 99 -12.63 25.89 6.87
N SER C 100 -12.45 25.77 8.18
CA SER C 100 -11.54 24.77 8.76
C SER C 100 -12.35 23.79 9.61
N ASP C 101 -12.30 22.51 9.25
CA ASP C 101 -12.82 21.42 10.05
C ASP C 101 -14.30 21.58 10.39
N ALA C 102 -15.17 21.53 9.37
CA ALA C 102 -16.61 21.47 9.57
C ALA C 102 -17.13 20.16 9.00
N ARG C 103 -17.83 19.38 9.82
CA ARG C 103 -18.16 18.00 9.46
C ARG C 103 -19.56 17.65 9.97
N PRO C 104 -20.59 17.96 9.20
CA PRO C 104 -21.94 17.52 9.55
C PRO C 104 -22.20 16.11 9.06
N VAL C 105 -23.13 15.44 9.74
CA VAL C 105 -23.54 14.08 9.37
C VAL C 105 -25.06 13.99 9.41
N LYS C 106 -25.64 13.58 8.28
CA LYS C 106 -27.08 13.33 8.13
C LYS C 106 -27.91 14.46 8.72
N LYS C 107 -27.80 15.63 8.11
CA LYS C 107 -28.55 16.81 8.48
C LYS C 107 -29.28 17.36 7.25
N THR C 108 -30.13 18.35 7.46
CA THR C 108 -30.83 19.00 6.36
C THR C 108 -29.97 20.08 5.73
N ILE C 109 -30.30 20.42 4.48
CA ILE C 109 -29.51 21.40 3.74
C ILE C 109 -29.54 22.76 4.41
N THR C 110 -30.70 23.12 4.99
CA THR C 110 -30.82 24.41 5.67
C THR C 110 -29.83 24.52 6.82
N GLU C 111 -29.73 23.47 7.64
CA GLU C 111 -28.78 23.50 8.73
C GLU C 111 -27.35 23.48 8.25
N ILE C 112 -27.06 22.79 7.14
CA ILE C 112 -25.70 22.79 6.61
C ILE C 112 -25.29 24.18 6.17
N VAL C 113 -26.19 24.89 5.48
CA VAL C 113 -25.88 26.25 5.06
C VAL C 113 -25.74 27.17 6.26
N LYS C 114 -26.61 27.01 7.26
CA LYS C 114 -26.47 27.80 8.49
C LYS C 114 -25.13 27.57 9.16
N GLN C 115 -24.70 26.31 9.23
CA GLN C 115 -23.41 25.99 9.84
C GLN C 115 -22.26 26.59 9.04
N ILE C 116 -22.33 26.51 7.71
CA ILE C 116 -21.25 27.06 6.89
C ILE C 116 -21.17 28.57 7.05
N LEU C 117 -22.31 29.26 7.09
CA LEU C 117 -22.31 30.71 7.12
C LEU C 117 -21.98 31.29 8.50
N THR C 118 -21.46 30.50 9.43
CA THR C 118 -20.96 31.04 10.68
C THR C 118 -19.48 31.42 10.60
N TYR C 119 -18.82 31.10 9.48
CA TYR C 119 -17.41 31.43 9.30
C TYR C 119 -17.21 32.78 8.60
N THR C 120 -18.29 33.49 8.29
CA THR C 120 -18.21 34.79 7.66
C THR C 120 -18.34 35.95 8.64
N ASP C 121 -18.45 35.65 9.94
CA ASP C 121 -18.49 36.67 11.00
C ASP C 121 -19.70 37.59 10.85
N ASP C 122 -20.89 36.98 10.82
CA ASP C 122 -22.19 37.64 10.88
C ASP C 122 -22.48 38.55 9.69
N GLU C 123 -21.62 38.61 8.68
CA GLU C 123 -21.89 39.50 7.54
C GLU C 123 -22.98 38.93 6.65
N TRP C 124 -22.93 37.64 6.37
CA TRP C 124 -23.88 37.00 5.47
C TRP C 124 -24.99 36.31 6.26
N LEU C 125 -26.19 36.35 5.71
CA LEU C 125 -27.35 35.67 6.29
C LEU C 125 -27.84 34.61 5.30
N MET C 126 -28.98 34.01 5.60
CA MET C 126 -29.57 33.03 4.69
C MET C 126 -31.07 33.21 4.69
N THR C 127 -31.68 32.93 3.53
CA THR C 127 -33.13 33.05 3.37
C THR C 127 -33.63 31.87 2.55
N GLY C 128 -34.78 31.33 2.92
CA GLY C 128 -35.34 30.17 2.27
C GLY C 128 -34.92 28.88 2.94
N GLY C 129 -35.39 27.77 2.37
CA GLY C 129 -35.04 26.47 2.92
C GLY C 129 -35.46 25.34 2.02
N VAL C 130 -34.76 24.21 2.14
CA VAL C 130 -35.11 22.97 1.46
C VAL C 130 -35.04 21.85 2.50
N ASN C 131 -36.02 20.94 2.44
CA ASN C 131 -36.11 19.84 3.40
C ASN C 131 -35.63 18.56 2.73
N LYS C 132 -34.32 18.37 2.72
CA LYS C 132 -33.70 17.12 2.28
C LYS C 132 -32.48 16.89 3.14
N ILE C 133 -32.14 15.61 3.34
CA ILE C 133 -31.12 15.23 4.31
C ILE C 133 -29.87 14.79 3.56
N GLY C 134 -28.72 15.33 3.97
CA GLY C 134 -27.44 14.98 3.38
C GLY C 134 -26.31 15.30 4.32
N SER C 135 -25.14 14.77 3.98
CA SER C 135 -23.94 14.95 4.79
C SER C 135 -22.76 15.28 3.88
N ALA C 136 -21.74 15.91 4.46
CA ALA C 136 -20.54 16.28 3.72
C ALA C 136 -19.40 16.43 4.72
N ASN C 137 -18.18 16.47 4.18
CA ASN C 137 -16.97 16.64 4.97
C ASN C 137 -16.19 17.83 4.42
N PHE C 138 -16.19 18.93 5.16
CA PHE C 138 -15.48 20.14 4.77
C PHE C 138 -14.27 20.31 5.68
N TYR C 139 -13.09 20.32 5.08
CA TYR C 139 -11.86 20.61 5.79
C TYR C 139 -11.31 21.91 5.19
N TYR C 140 -10.05 22.22 5.44
CA TYR C 140 -9.48 23.48 4.97
C TYR C 140 -9.84 23.75 3.51
N ALA C 141 -10.62 24.80 3.28
CA ALA C 141 -11.17 25.14 1.97
C ALA C 141 -11.92 26.46 2.11
N SER C 142 -12.16 27.10 0.97
CA SER C 142 -12.91 28.35 0.98
C SER C 142 -14.42 28.07 0.98
N VAL C 143 -15.19 29.10 1.30
CA VAL C 143 -16.64 28.94 1.42
C VAL C 143 -17.28 28.63 0.07
N LYS C 144 -16.77 29.22 -1.00
CA LYS C 144 -17.40 29.04 -2.31
C LYS C 144 -17.38 27.58 -2.74
N GLU C 145 -16.26 26.88 -2.52
CA GLU C 145 -16.21 25.46 -2.84
C GLU C 145 -17.19 24.67 -1.98
N ALA C 146 -17.35 25.05 -0.72
CA ALA C 146 -18.31 24.37 0.14
C ALA C 146 -19.72 24.55 -0.38
N LEU C 147 -20.08 25.76 -0.80
CA LEU C 147 -21.40 25.99 -1.37
C LEU C 147 -21.58 25.21 -2.67
N LYS C 148 -20.52 25.13 -3.48
CA LYS C 148 -20.58 24.31 -4.69
C LYS C 148 -20.88 22.87 -4.36
N THR C 149 -20.21 22.32 -3.35
CA THR C 149 -20.45 20.93 -2.97
C THR C 149 -21.86 20.73 -2.45
N VAL C 150 -22.35 21.68 -1.65
CA VAL C 150 -23.72 21.58 -1.13
C VAL C 150 -24.74 21.61 -2.28
N GLN C 151 -24.48 22.45 -3.28
CA GLN C 151 -25.46 22.64 -4.34
C GLN C 151 -25.74 21.34 -5.11
N GLN C 152 -24.80 20.39 -5.06
CA GLN C 152 -24.98 19.12 -5.74
C GLN C 152 -26.09 18.26 -5.13
N LEU C 153 -26.60 18.60 -3.96
CA LEU C 153 -27.60 17.79 -3.27
C LEU C 153 -29.02 18.20 -3.60
N GLY C 154 -29.23 19.16 -4.51
CA GLY C 154 -30.57 19.51 -4.92
C GLY C 154 -31.06 20.86 -4.45
N CYS C 155 -30.18 21.87 -4.45
CA CYS C 155 -30.56 23.24 -4.14
C CYS C 155 -29.91 24.17 -5.14
N GLU C 156 -30.51 25.34 -5.33
CA GLU C 156 -29.99 26.36 -6.25
C GLU C 156 -29.88 27.68 -5.51
N LEU C 157 -28.78 28.40 -5.73
CA LEU C 157 -28.41 29.53 -4.90
C LEU C 157 -28.40 30.83 -5.70
N LEU C 158 -28.70 31.93 -5.01
CA LEU C 158 -28.60 33.28 -5.56
C LEU C 158 -27.95 34.18 -4.52
N PHE C 159 -27.67 35.43 -4.91
CA PHE C 159 -27.05 36.40 -4.04
C PHE C 159 -27.69 37.78 -4.26
N PHE C 160 -27.64 38.63 -3.24
CA PHE C 160 -28.30 39.92 -3.30
C PHE C 160 -27.57 40.93 -2.42
N CYS C 161 -27.98 42.19 -2.52
CA CYS C 161 -27.48 43.27 -1.67
C CYS C 161 -28.60 44.26 -1.38
N ASP C 162 -28.29 45.20 -0.50
CA ASP C 162 -29.14 46.36 -0.20
C ASP C 162 -28.22 47.57 -0.22
N ILE C 163 -28.01 48.14 -1.40
CA ILE C 163 -26.98 49.15 -1.62
C ILE C 163 -27.62 50.53 -1.54
N ASP C 164 -26.92 51.44 -0.88
CA ASP C 164 -27.27 52.85 -0.87
C ASP C 164 -26.02 53.65 -1.26
N GLY C 165 -26.15 54.97 -1.25
CA GLY C 165 -25.05 55.81 -1.71
C GLY C 165 -23.83 55.82 -0.81
N GLU C 166 -23.95 55.29 0.41
CA GLU C 166 -22.86 55.32 1.38
C GLU C 166 -22.31 53.94 1.70
N GLY C 167 -22.64 52.93 0.90
CA GLY C 167 -22.09 51.59 1.07
C GLY C 167 -23.18 50.56 1.23
N ILE C 168 -22.75 49.31 1.30
CA ILE C 168 -23.64 48.17 1.45
C ILE C 168 -24.05 48.06 2.90
N SER C 169 -25.32 47.73 3.14
CA SER C 169 -25.86 47.62 4.49
C SER C 169 -26.14 46.19 4.92
N SER C 170 -26.68 45.36 4.03
CA SER C 170 -27.00 43.98 4.39
C SER C 170 -26.84 43.09 3.18
N LYS C 171 -26.35 41.88 3.41
CA LYS C 171 -26.14 40.88 2.36
C LYS C 171 -26.78 39.58 2.79
N TRP C 172 -27.35 38.84 1.84
CA TRP C 172 -27.97 37.56 2.17
C TRP C 172 -27.91 36.63 0.97
N VAL C 173 -28.03 35.33 1.25
CA VAL C 173 -27.99 34.27 0.26
C VAL C 173 -29.32 33.53 0.30
N GLU C 174 -29.93 33.36 -0.86
CA GLU C 174 -31.23 32.69 -0.96
C GLU C 174 -31.04 31.27 -1.44
N VAL C 175 -31.68 30.33 -0.75
CA VAL C 175 -31.66 28.92 -1.12
C VAL C 175 -33.01 28.56 -1.71
N ARG C 176 -33.00 27.96 -2.90
CA ARG C 176 -34.23 27.61 -3.60
C ARG C 176 -34.12 26.19 -4.14
N GLU C 177 -35.25 25.69 -4.64
CA GLU C 177 -35.28 24.40 -5.33
C GLU C 177 -35.15 24.57 -6.83
N LYS C 178 -35.94 25.49 -7.41
CA LYS C 178 -35.82 25.85 -8.81
C LYS C 178 -35.92 27.37 -8.95
N ILE C 179 -35.10 27.93 -9.83
CA ILE C 179 -35.03 29.37 -10.02
C ILE C 179 -36.16 29.78 -10.95
N GLY C 180 -37.00 30.71 -10.49
CA GLY C 180 -38.01 31.29 -11.35
C GLY C 180 -39.42 30.78 -11.11
N LYS C 181 -40.39 31.69 -11.14
CA LYS C 181 -41.79 31.35 -11.03
C LYS C 181 -42.33 30.99 -12.41
N GLU C 182 -43.64 30.89 -12.55
CA GLU C 182 -44.28 30.59 -13.82
C GLU C 182 -44.88 31.88 -14.38
N SER C 183 -44.40 32.29 -15.55
CA SER C 183 -44.79 33.55 -16.15
C SER C 183 -45.97 33.37 -17.10
N ASP C 184 -46.71 34.46 -17.30
CA ASP C 184 -47.81 34.48 -18.26
C ASP C 184 -47.36 35.10 -19.59
N ASP C 185 -46.38 34.48 -20.27
CA ASP C 185 -45.83 34.99 -21.50
C ASP C 185 -46.09 34.09 -22.59
N ARG C 186 -46.26 34.55 -23.77
CA ARG C 186 -46.60 33.79 -24.96
C ARG C 186 -45.81 34.34 -26.14
N TYR C 187 -45.06 33.48 -26.82
CA TYR C 187 -44.26 33.87 -27.96
C TYR C 187 -44.79 33.22 -29.23
N GLU C 188 -45.04 34.04 -30.25
CA GLU C 188 -45.52 33.58 -31.55
C GLU C 188 -44.45 33.85 -32.59
N VAL C 189 -44.15 32.86 -33.41
CA VAL C 189 -43.09 32.96 -34.40
C VAL C 189 -43.56 33.82 -35.55
N GLY C 190 -42.77 34.83 -35.91
CA GLY C 190 -43.09 35.76 -36.97
C GLY C 190 -43.61 37.09 -36.49
N SER C 191 -44.08 37.18 -35.25
CA SER C 191 -44.54 38.44 -34.68
C SER C 191 -43.75 38.86 -33.45
N THR C 192 -43.48 37.94 -32.53
CA THR C 192 -42.72 38.23 -31.33
C THR C 192 -41.34 37.58 -31.31
N ALA C 193 -41.19 36.39 -31.88
CA ALA C 193 -39.90 35.75 -32.07
C ALA C 193 -39.52 35.88 -33.54
N ILE C 194 -38.28 36.30 -33.81
CA ILE C 194 -37.90 36.68 -35.16
C ILE C 194 -37.16 35.55 -35.86
N LYS C 195 -36.01 35.16 -35.32
CA LYS C 195 -35.17 34.13 -35.94
C LYS C 195 -35.10 32.94 -35.00
N VAL C 196 -35.80 31.86 -35.35
CA VAL C 196 -35.91 30.69 -34.50
C VAL C 196 -35.06 29.57 -35.09
N VAL C 197 -34.19 28.99 -34.27
CA VAL C 197 -33.36 27.85 -34.65
C VAL C 197 -33.66 26.73 -33.67
N LYS C 198 -34.08 25.57 -34.18
CA LYS C 198 -34.43 24.43 -33.37
C LYS C 198 -33.43 23.30 -33.61
N THR C 199 -32.95 22.69 -32.53
CA THR C 199 -31.96 21.63 -32.60
C THR C 199 -32.45 20.43 -31.82
N LYS C 200 -32.21 19.23 -32.36
CA LYS C 200 -32.60 17.99 -31.71
C LYS C 200 -31.41 17.04 -31.71
N ASP C 201 -31.15 16.43 -30.54
CA ASP C 201 -29.99 15.57 -30.35
C ASP C 201 -30.44 14.17 -29.95
N ARG C 202 -29.71 13.16 -30.43
CA ARG C 202 -30.05 11.76 -30.15
C ARG C 202 -28.82 10.93 -29.84
N THR C 203 -27.78 11.55 -29.28
CA THR C 203 -26.51 10.84 -29.09
C THR C 203 -26.62 9.80 -27.98
N ASN C 204 -26.92 10.24 -26.76
CA ASN C 204 -26.96 9.37 -25.60
C ASN C 204 -28.42 8.98 -25.32
N ILE C 205 -28.80 7.80 -25.79
CA ILE C 205 -30.13 7.26 -25.57
C ILE C 205 -29.97 5.81 -25.11
N VAL C 206 -30.57 5.48 -23.97
CA VAL C 206 -30.47 4.15 -23.39
C VAL C 206 -31.85 3.69 -22.94
N THR C 207 -31.99 2.37 -22.84
CA THR C 207 -33.18 1.76 -22.25
C THR C 207 -32.88 0.78 -21.14
N SER C 208 -31.62 0.43 -20.90
CA SER C 208 -31.26 -0.49 -19.84
C SER C 208 -29.85 -0.18 -19.37
N LEU C 209 -29.64 -0.31 -18.06
CA LEU C 209 -28.36 0.00 -17.46
C LEU C 209 -27.97 -1.09 -16.49
N VAL C 210 -26.66 -1.26 -16.30
CA VAL C 210 -26.12 -2.22 -15.35
C VAL C 210 -25.34 -1.43 -14.30
N GLY C 211 -25.75 -1.54 -13.04
CA GLY C 211 -25.13 -0.78 -11.98
C GLY C 211 -23.95 -1.50 -11.37
N ARG C 212 -23.03 -0.71 -10.81
CA ARG C 212 -21.85 -1.26 -10.16
C ARG C 212 -21.51 -0.41 -8.95
N GLY C 213 -20.81 -1.02 -7.99
CA GLY C 213 -20.61 -0.40 -6.69
C GLY C 213 -19.17 -0.19 -6.28
N LYS C 214 -18.93 -0.09 -4.96
CA LYS C 214 -17.63 0.30 -4.42
C LYS C 214 -16.84 -0.94 -3.99
N GLY C 215 -16.49 -1.75 -4.98
CA GLY C 215 -15.57 -2.85 -4.77
C GLY C 215 -16.10 -3.99 -3.91
N GLU C 216 -15.60 -5.21 -4.16
CA GLU C 216 -15.98 -6.36 -3.37
C GLU C 216 -14.80 -6.95 -2.62
N GLU C 217 -13.76 -7.38 -3.32
CA GLU C 217 -12.53 -7.90 -2.71
C GLU C 217 -11.37 -7.37 -3.54
N VAL C 218 -10.87 -6.20 -3.18
CA VAL C 218 -9.80 -5.56 -3.93
C VAL C 218 -8.47 -6.13 -3.46
N GLY C 219 -7.62 -6.50 -4.39
CA GLY C 219 -6.35 -7.12 -4.07
C GLY C 219 -6.14 -8.38 -4.89
N ASP C 220 -7.23 -9.08 -5.18
CA ASP C 220 -7.17 -10.20 -6.11
C ASP C 220 -6.85 -9.73 -7.51
N GLY C 221 -7.20 -8.49 -7.85
CA GLY C 221 -7.01 -7.98 -9.19
C GLY C 221 -8.08 -8.36 -10.18
N TYR C 222 -9.13 -9.04 -9.73
CA TYR C 222 -10.21 -9.47 -10.62
C TYR C 222 -11.25 -8.39 -10.85
N GLY C 223 -11.21 -7.29 -10.11
CA GLY C 223 -12.10 -6.17 -10.33
C GLY C 223 -13.56 -6.42 -10.06
N ARG C 224 -13.89 -7.10 -8.97
CA ARG C 224 -15.28 -7.30 -8.59
C ARG C 224 -15.86 -6.01 -8.04
N ARG C 225 -17.18 -5.87 -8.17
CA ARG C 225 -17.89 -4.70 -7.65
C ARG C 225 -19.27 -5.10 -7.18
N LEU C 226 -19.84 -4.27 -6.30
CA LEU C 226 -21.14 -4.54 -5.73
C LEU C 226 -22.23 -4.34 -6.78
N GLN C 227 -23.15 -5.30 -6.87
CA GLN C 227 -24.23 -5.24 -7.84
C GLN C 227 -25.55 -5.67 -7.18
N PHE C 228 -26.65 -5.31 -7.82
CA PHE C 228 -27.98 -5.63 -7.30
C PHE C 228 -28.50 -6.91 -7.94
N ASP C 229 -27.70 -7.98 -7.80
CA ASP C 229 -28.06 -9.25 -8.42
C ASP C 229 -29.27 -9.90 -7.79
N SER C 230 -29.44 -9.80 -6.47
CA SER C 230 -30.45 -10.56 -5.75
C SER C 230 -31.40 -9.67 -4.97
N ILE C 231 -31.89 -8.60 -5.58
CA ILE C 231 -32.86 -7.70 -4.96
C ILE C 231 -34.10 -7.68 -5.84
N GLU C 232 -35.26 -7.89 -5.23
CA GLU C 232 -36.53 -7.84 -5.93
C GLU C 232 -37.16 -6.46 -5.74
N TRP C 233 -37.80 -5.97 -6.80
CA TRP C 233 -38.29 -4.59 -6.81
C TRP C 233 -39.40 -4.55 -7.86
N THR C 234 -40.65 -4.43 -7.41
CA THR C 234 -41.79 -4.73 -8.27
C THR C 234 -42.67 -3.53 -8.58
N GLN C 235 -43.13 -2.80 -7.56
CA GLN C 235 -44.20 -1.82 -7.79
C GLN C 235 -43.82 -0.72 -8.77
N PRO C 236 -42.66 -0.03 -8.65
CA PRO C 236 -42.34 1.00 -9.65
C PRO C 236 -42.16 0.43 -11.04
N VAL C 237 -41.23 -0.53 -11.18
CA VAL C 237 -40.96 -1.21 -12.45
C VAL C 237 -40.68 -2.67 -12.14
N PRO C 238 -41.33 -3.62 -12.81
CA PRO C 238 -41.12 -5.04 -12.48
C PRO C 238 -39.71 -5.49 -12.80
N LYS C 239 -38.95 -5.84 -11.76
CA LYS C 239 -37.57 -6.30 -11.90
C LYS C 239 -37.44 -7.69 -11.27
N PRO C 240 -37.07 -8.72 -12.03
CA PRO C 240 -37.00 -10.07 -11.46
C PRO C 240 -35.83 -10.26 -10.51
N LYS C 241 -35.66 -11.47 -10.01
CA LYS C 241 -34.64 -11.77 -9.02
C LYS C 241 -33.32 -12.24 -9.63
N GLY C 242 -33.37 -12.96 -10.74
CA GLY C 242 -32.17 -13.49 -11.34
C GLY C 242 -31.44 -12.56 -12.28
N GLN C 243 -31.93 -11.34 -12.48
CA GLN C 243 -31.39 -10.40 -13.45
C GLN C 243 -30.53 -9.35 -12.75
N SER C 244 -29.78 -8.60 -13.57
CA SER C 244 -28.85 -7.60 -13.06
C SER C 244 -28.94 -6.30 -13.85
N PHE C 245 -30.12 -5.96 -14.37
CA PHE C 245 -30.30 -4.71 -15.07
C PHE C 245 -31.77 -4.31 -15.04
N ILE C 246 -32.01 -3.02 -15.23
CA ILE C 246 -33.36 -2.46 -15.26
C ILE C 246 -33.71 -2.15 -16.71
N GLU C 247 -34.87 -2.61 -17.15
CA GLU C 247 -35.34 -2.36 -18.51
C GLU C 247 -36.79 -1.90 -18.47
N ILE C 248 -37.09 -0.83 -19.20
CA ILE C 248 -38.45 -0.35 -19.40
C ILE C 248 -38.93 -0.84 -20.75
N LYS C 249 -40.09 -1.48 -20.78
CA LYS C 249 -40.53 -2.17 -21.99
C LYS C 249 -40.88 -1.21 -23.11
N GLU C 250 -41.71 -0.19 -22.82
CA GLU C 250 -42.17 0.70 -23.87
C GLU C 250 -41.02 1.49 -24.50
N LEU C 251 -40.03 1.88 -23.70
CA LEU C 251 -38.86 2.54 -24.26
C LEU C 251 -38.10 1.63 -25.20
N THR C 252 -38.05 0.34 -24.89
CA THR C 252 -37.45 -0.62 -25.82
C THR C 252 -38.27 -0.73 -27.11
N GLU C 253 -39.60 -0.74 -26.98
CA GLU C 253 -40.42 -0.82 -28.19
C GLU C 253 -40.30 0.42 -29.05
N LYS C 254 -40.00 1.58 -28.45
CA LYS C 254 -39.93 2.81 -29.21
C LYS C 254 -38.52 3.17 -29.68
N TYR C 255 -37.47 2.65 -29.04
CA TYR C 255 -36.09 3.00 -29.40
C TYR C 255 -35.22 1.76 -29.39
N GLY C 256 -35.73 0.64 -29.86
CA GLY C 256 -35.00 -0.61 -29.83
C GLY C 256 -34.39 -0.98 -31.16
N ILE C 257 -33.35 -1.80 -31.09
CA ILE C 257 -32.65 -2.27 -32.28
C ILE C 257 -33.49 -3.35 -32.96
N PRO C 258 -33.92 -3.16 -34.20
CA PRO C 258 -34.69 -4.20 -34.88
C PRO C 258 -33.83 -5.40 -35.20
N THR C 259 -34.47 -6.57 -35.23
CA THR C 259 -33.80 -7.84 -35.45
C THR C 259 -34.26 -8.46 -36.77
N LYS C 260 -33.77 -9.67 -37.03
CA LYS C 260 -34.15 -10.38 -38.26
C LYS C 260 -35.63 -10.73 -38.26
N LYS C 261 -36.17 -11.14 -37.12
CA LYS C 261 -37.53 -11.65 -37.03
C LYS C 261 -38.57 -10.56 -36.86
N GLY C 262 -38.17 -9.29 -36.93
CA GLY C 262 -39.09 -8.20 -36.72
C GLY C 262 -39.32 -7.82 -35.27
N LYS C 263 -38.57 -8.40 -34.34
CA LYS C 263 -38.66 -8.07 -32.94
C LYS C 263 -37.66 -6.99 -32.58
N MET C 264 -37.73 -6.53 -31.33
CA MET C 264 -36.91 -5.44 -30.85
C MET C 264 -35.99 -5.91 -29.72
N ARG C 265 -34.81 -5.30 -29.64
CA ARG C 265 -33.84 -5.60 -28.60
C ARG C 265 -33.51 -4.34 -27.83
N LYS C 266 -33.08 -4.53 -26.58
CA LYS C 266 -32.79 -3.42 -25.68
C LYS C 266 -31.38 -2.89 -25.89
N ARG C 267 -31.13 -1.71 -25.33
CA ARG C 267 -29.82 -1.08 -25.35
C ARG C 267 -29.26 -1.04 -23.93
N GLU C 268 -28.06 -1.56 -23.75
CA GLU C 268 -27.46 -1.69 -22.42
C GLU C 268 -26.12 -0.98 -22.37
N GLN C 269 -25.94 -0.15 -21.35
CA GLN C 269 -24.66 0.50 -21.09
C GLN C 269 -24.38 0.45 -19.60
N VAL C 270 -23.10 0.51 -19.24
CA VAL C 270 -22.64 0.30 -17.88
C VAL C 270 -22.48 1.64 -17.17
N VAL C 271 -23.00 1.73 -15.96
CA VAL C 271 -22.92 2.93 -15.14
C VAL C 271 -22.20 2.58 -13.85
N ILE C 272 -21.22 3.39 -13.47
CA ILE C 272 -20.38 3.12 -12.30
C ILE C 272 -20.58 4.23 -11.28
N PHE C 273 -20.88 3.84 -10.05
CA PHE C 273 -20.92 4.75 -8.91
C PHE C 273 -19.80 4.37 -7.94
N GLU C 274 -18.94 5.34 -7.62
CA GLU C 274 -17.71 5.04 -6.89
C GLU C 274 -17.89 5.00 -5.38
N ASP C 275 -19.02 5.48 -4.83
CA ASP C 275 -19.16 5.58 -3.38
C ASP C 275 -20.53 5.10 -2.94
N ILE C 276 -20.99 3.96 -3.46
CA ILE C 276 -22.23 3.35 -3.04
C ILE C 276 -21.90 1.99 -2.44
N GLU C 277 -22.42 1.74 -1.24
CA GLU C 277 -22.10 0.54 -0.48
C GLU C 277 -23.30 -0.36 -0.21
N ASP C 278 -24.51 0.07 -0.50
CA ASP C 278 -25.71 -0.72 -0.28
C ASP C 278 -26.35 -1.05 -1.62
N LYS C 279 -27.39 -1.89 -1.59
CA LYS C 279 -27.97 -2.37 -2.84
C LYS C 279 -29.20 -1.57 -3.25
N ASN C 280 -30.11 -1.29 -2.31
CA ASN C 280 -31.34 -0.61 -2.67
C ASN C 280 -31.07 0.81 -3.18
N GLU C 281 -30.15 1.52 -2.53
CA GLU C 281 -29.81 2.86 -3.00
C GLU C 281 -29.08 2.83 -4.34
N LEU C 282 -28.27 1.81 -4.59
CA LEU C 282 -27.67 1.64 -5.91
C LEU C 282 -28.75 1.44 -6.96
N LEU C 283 -29.75 0.63 -6.65
CA LEU C 283 -30.86 0.43 -7.58
C LEU C 283 -31.62 1.72 -7.84
N ASN C 284 -31.87 2.50 -6.78
CA ASN C 284 -32.57 3.76 -6.95
C ASN C 284 -31.77 4.73 -7.82
N ALA C 285 -30.46 4.82 -7.59
CA ALA C 285 -29.63 5.71 -8.39
C ALA C 285 -29.63 5.28 -9.86
N THR C 286 -29.51 3.98 -10.11
CA THR C 286 -29.53 3.51 -11.50
C THR C 286 -30.88 3.79 -12.15
N TYR C 287 -31.97 3.62 -11.40
CA TYR C 287 -33.29 3.92 -11.95
C TYR C 287 -33.42 5.40 -12.31
N GLN C 288 -32.92 6.29 -11.45
CA GLN C 288 -33.00 7.71 -11.76
C GLN C 288 -32.16 8.06 -12.97
N THR C 289 -30.95 7.48 -13.08
CA THR C 289 -30.12 7.73 -14.25
C THR C 289 -30.79 7.25 -15.53
N LEU C 290 -31.44 6.08 -15.47
CA LEU C 290 -32.16 5.59 -16.64
C LEU C 290 -33.32 6.51 -17.01
N LEU C 291 -34.07 6.97 -16.00
CA LEU C 291 -35.21 7.83 -16.28
C LEU C 291 -34.78 9.15 -16.90
N GLU C 292 -33.64 9.69 -16.45
CA GLU C 292 -33.22 11.00 -16.93
C GLU C 292 -32.85 10.96 -18.41
N ASN C 293 -32.24 9.88 -18.87
CA ASN C 293 -31.65 9.79 -20.21
C ASN C 293 -32.52 9.01 -21.19
N SER C 294 -33.84 9.16 -21.15
CA SER C 294 -34.71 8.34 -21.99
C SER C 294 -35.34 9.10 -23.15
N ARG C 295 -35.16 10.42 -23.25
CA ARG C 295 -35.82 11.18 -24.28
C ARG C 295 -34.83 12.09 -25.01
N PRO C 296 -35.03 12.32 -26.30
CA PRO C 296 -34.13 13.23 -27.03
C PRO C 296 -34.32 14.67 -26.59
N LEU C 297 -33.26 15.45 -26.78
CA LEU C 297 -33.19 16.82 -26.31
C LEU C 297 -33.58 17.80 -27.40
N VAL C 298 -34.17 18.92 -27.00
CA VAL C 298 -34.60 19.97 -27.91
C VAL C 298 -34.14 21.32 -27.37
N GLN C 299 -33.67 22.19 -28.25
CA GLN C 299 -33.26 23.53 -27.86
C GLN C 299 -33.84 24.54 -28.84
N PHE C 300 -34.24 25.69 -28.30
CA PHE C 300 -34.71 26.82 -29.09
C PHE C 300 -33.83 28.02 -28.82
N SER C 301 -33.48 28.76 -29.88
CA SER C 301 -32.71 29.98 -29.73
C SER C 301 -33.31 31.03 -30.64
N SER C 302 -33.54 32.23 -30.11
CA SER C 302 -34.31 33.22 -30.86
C SER C 302 -34.04 34.61 -30.31
N GLU C 303 -34.45 35.60 -31.10
CA GLU C 303 -34.51 36.99 -30.67
C GLU C 303 -35.94 37.31 -30.25
N VAL C 304 -36.10 37.88 -29.07
CA VAL C 304 -37.41 38.02 -28.44
C VAL C 304 -37.72 39.49 -28.23
N ILE C 305 -38.97 39.86 -28.51
CA ILE C 305 -39.44 41.22 -28.25
C ILE C 305 -39.86 41.39 -26.80
N GLY C 306 -40.64 40.45 -26.26
CA GLY C 306 -41.09 40.55 -24.88
C GLY C 306 -39.95 40.31 -23.90
N ALA C 307 -40.14 40.76 -22.67
CA ALA C 307 -39.14 40.68 -21.62
C ALA C 307 -39.56 39.68 -20.55
N SER C 308 -38.69 38.74 -20.23
CA SER C 308 -38.89 37.79 -19.16
C SER C 308 -37.61 37.65 -18.35
N SER C 309 -37.77 37.23 -17.09
CA SER C 309 -36.62 36.99 -16.24
C SER C 309 -36.02 35.62 -16.56
N ILE C 310 -35.03 35.23 -15.78
CA ILE C 310 -34.34 33.96 -15.99
C ILE C 310 -35.02 32.88 -15.17
N GLY C 311 -35.18 31.70 -15.77
CA GLY C 311 -35.76 30.57 -15.10
C GLY C 311 -37.27 30.45 -15.15
N ASP C 312 -37.96 31.33 -15.88
CA ASP C 312 -39.40 31.24 -15.96
C ASP C 312 -39.83 30.13 -16.92
N MET C 313 -41.13 29.85 -16.93
CA MET C 313 -41.73 28.83 -17.81
C MET C 313 -42.59 29.54 -18.84
N VAL C 314 -42.12 29.62 -20.07
CA VAL C 314 -42.81 30.32 -21.14
C VAL C 314 -43.28 29.31 -22.17
N THR C 315 -44.19 29.75 -23.03
CA THR C 315 -44.78 28.89 -24.06
C THR C 315 -44.57 29.52 -25.42
N ILE C 316 -44.08 28.71 -26.37
CA ILE C 316 -43.77 29.17 -27.72
C ILE C 316 -44.66 28.41 -28.71
N HIS C 317 -45.19 29.14 -29.69
CA HIS C 317 -46.08 28.56 -30.69
C HIS C 317 -45.61 28.93 -32.09
N ASP C 318 -45.96 28.08 -33.05
CA ASP C 318 -45.69 28.34 -34.46
C ASP C 318 -46.84 27.75 -35.26
N TYR C 319 -47.58 28.61 -35.96
CA TYR C 319 -48.82 28.19 -36.61
C TYR C 319 -48.62 27.64 -38.00
N ASP C 320 -47.58 28.07 -38.72
CA ASP C 320 -47.37 27.58 -40.07
C ASP C 320 -46.96 26.11 -40.08
N LYS C 321 -46.00 25.75 -39.22
CA LYS C 321 -45.53 24.37 -39.13
C LYS C 321 -46.27 23.57 -38.06
N ASN C 322 -47.12 24.22 -37.27
CA ASN C 322 -48.05 23.57 -36.35
C ASN C 322 -47.33 22.69 -35.33
N TYR C 323 -46.57 23.36 -34.46
CA TYR C 323 -46.08 22.73 -33.24
C TYR C 323 -46.28 23.68 -32.07
N HIS C 324 -46.45 23.11 -30.87
CA HIS C 324 -46.67 23.88 -29.66
C HIS C 324 -45.89 23.22 -28.53
N TYR C 325 -45.02 23.99 -27.88
CA TYR C 325 -44.13 23.45 -26.86
C TYR C 325 -44.16 24.35 -25.63
N GLU C 326 -43.82 23.76 -24.49
CA GLU C 326 -43.67 24.48 -23.22
C GLU C 326 -42.27 24.23 -22.70
N THR C 327 -41.48 25.30 -22.56
CA THR C 327 -40.07 25.18 -22.22
C THR C 327 -39.73 26.14 -21.09
N ARG C 328 -38.44 26.16 -20.73
CA ARG C 328 -37.92 26.97 -19.63
C ARG C 328 -36.76 27.83 -20.12
N VAL C 329 -36.81 29.12 -19.81
CA VAL C 329 -35.74 30.03 -20.20
C VAL C 329 -34.51 29.73 -19.38
N PHE C 330 -33.34 29.64 -20.04
CA PHE C 330 -32.11 29.32 -19.34
C PHE C 330 -30.91 30.17 -19.72
N ALA C 331 -31.04 31.08 -20.69
CA ALA C 331 -29.94 31.96 -21.06
C ALA C 331 -30.51 33.24 -21.66
N ILE C 332 -30.08 34.38 -21.12
CA ILE C 332 -30.56 35.68 -21.56
C ILE C 332 -29.37 36.60 -21.77
N LYS C 333 -29.33 37.26 -22.92
CA LYS C 333 -28.27 38.21 -23.25
C LYS C 333 -28.93 39.56 -23.53
N ASN C 334 -29.05 40.38 -22.49
CA ASN C 334 -29.80 41.63 -22.56
C ASN C 334 -28.86 42.77 -22.91
N ASP C 335 -29.23 43.56 -23.92
CA ASP C 335 -28.47 44.73 -24.33
C ASP C 335 -29.27 45.97 -23.92
N ILE C 336 -28.80 46.67 -22.89
CA ILE C 336 -29.55 47.80 -22.36
C ILE C 336 -29.56 48.98 -23.32
N LEU C 337 -28.45 49.23 -24.01
CA LEU C 337 -28.33 50.45 -24.80
C LEU C 337 -29.15 50.42 -26.08
N ASN C 338 -29.40 49.23 -26.64
CA ASN C 338 -30.04 49.13 -27.95
C ASN C 338 -31.37 48.38 -27.93
N ASN C 339 -31.90 48.07 -26.74
CA ASN C 339 -33.22 47.46 -26.60
C ASN C 339 -33.32 46.12 -27.35
N LYS C 340 -32.24 45.37 -27.43
CA LYS C 340 -32.22 44.09 -28.10
C LYS C 340 -32.03 42.98 -27.08
N ILE C 341 -32.93 42.00 -27.10
CA ILE C 341 -32.91 40.90 -26.14
C ILE C 341 -32.82 39.59 -26.91
N GLU C 342 -31.91 38.71 -26.48
CA GLU C 342 -31.73 37.41 -27.07
C GLU C 342 -31.88 36.34 -25.98
N SER C 343 -32.62 35.28 -26.29
CA SER C 343 -32.98 34.28 -25.30
C SER C 343 -32.75 32.89 -25.86
N SER C 344 -32.83 31.90 -24.96
CA SER C 344 -32.78 30.49 -25.34
C SER C 344 -33.76 29.71 -24.48
N LEU C 345 -34.30 28.63 -25.03
CA LEU C 345 -35.30 27.83 -24.34
C LEU C 345 -34.97 26.36 -24.50
N GLY C 346 -35.41 25.56 -23.53
CA GLY C 346 -35.26 24.12 -23.62
C GLY C 346 -34.04 23.58 -22.92
N ASP C 347 -33.63 22.37 -23.30
CA ASP C 347 -32.47 21.72 -22.68
C ASP C 347 -31.18 22.34 -23.18
N ASN C 348 -30.20 22.47 -22.29
CA ASN C 348 -28.97 23.17 -22.60
C ASN C 348 -28.02 22.26 -23.38
N LEU C 349 -27.58 22.74 -24.55
CA LEU C 349 -26.60 22.04 -25.37
C LEU C 349 -25.36 22.89 -25.63
N LYS C 350 -25.10 23.88 -24.78
CA LYS C 350 -23.98 24.79 -24.98
C LYS C 350 -22.70 24.29 -24.33
N GLY C 351 -22.70 23.10 -23.75
CA GLY C 351 -21.54 22.57 -23.08
C GLY C 351 -20.54 21.84 -23.95
N SER C 352 -20.76 21.80 -25.26
CA SER C 352 -19.85 21.13 -26.18
C SER C 352 -18.97 22.09 -26.97
N SER C 353 -18.93 23.37 -26.59
CA SER C 353 -18.07 24.32 -27.24
C SER C 353 -16.64 24.18 -26.72
N ALA C 354 -15.69 24.76 -27.47
CA ALA C 354 -14.28 24.53 -27.18
C ALA C 354 -13.86 25.13 -25.84
N SER C 355 -14.32 26.33 -25.52
CA SER C 355 -13.89 27.00 -24.30
C SER C 355 -14.35 26.23 -23.06
N ASN C 356 -15.60 25.76 -23.07
CA ASN C 356 -16.08 24.97 -21.93
C ASN C 356 -15.29 23.68 -21.79
N GLN C 357 -14.92 23.05 -22.90
CA GLN C 357 -14.12 21.83 -22.84
C GLN C 357 -12.74 22.11 -22.25
N LEU C 358 -12.12 23.23 -22.62
CA LEU C 358 -10.83 23.59 -22.04
C LEU C 358 -10.96 23.79 -20.53
N SER C 359 -12.00 24.50 -20.11
CA SER C 359 -12.19 24.73 -18.67
C SER C 359 -12.39 23.41 -17.93
N LYS C 360 -13.21 22.51 -18.50
CA LYS C 360 -13.46 21.23 -17.86
C LYS C 360 -12.19 20.39 -17.77
N ALA C 361 -11.37 20.42 -18.82
CA ALA C 361 -10.11 19.66 -18.79
C ALA C 361 -9.19 20.19 -17.70
N SER C 362 -9.07 21.51 -17.59
CA SER C 362 -8.22 22.08 -16.53
C SER C 362 -8.73 21.67 -15.15
N SER C 363 -10.05 21.77 -14.93
CA SER C 363 -10.60 21.40 -13.63
C SER C 363 -10.40 19.92 -13.33
N GLY C 364 -10.56 19.07 -14.34
CA GLY C 364 -10.36 17.64 -14.12
C GLY C 364 -8.93 17.31 -13.76
N ILE C 365 -7.96 17.94 -14.43
CA ILE C 365 -6.56 17.71 -14.09
C ILE C 365 -6.28 18.17 -12.67
N SER C 366 -6.81 19.34 -12.29
CA SER C 366 -6.57 19.84 -10.94
C SER C 366 -7.21 18.95 -9.88
N GLU C 367 -8.34 18.33 -10.19
CA GLU C 367 -8.96 17.40 -9.24
C GLU C 367 -8.16 16.11 -9.12
N LEU C 368 -7.70 15.57 -10.25
CA LEU C 368 -6.91 14.34 -10.21
C LEU C 368 -5.61 14.55 -9.45
N LYS C 369 -5.01 15.74 -9.57
CA LYS C 369 -3.76 15.99 -8.87
C LYS C 369 -3.93 15.92 -7.35
N SER C 370 -5.14 16.15 -6.85
CA SER C 370 -5.37 16.16 -5.42
C SER C 370 -5.96 14.86 -4.89
N MET C 371 -6.71 14.12 -5.70
CA MET C 371 -7.40 12.93 -5.20
C MET C 371 -6.67 11.63 -5.47
N LYS C 372 -5.48 11.65 -6.06
CA LYS C 372 -4.67 10.46 -6.25
C LYS C 372 -3.39 10.58 -5.44
N MET C 373 -2.75 9.44 -5.16
CA MET C 373 -1.63 9.39 -4.24
C MET C 373 -0.33 9.01 -4.94
N ASN C 374 0.75 9.61 -4.48
CA ASN C 374 2.11 9.35 -4.95
C ASN C 374 2.79 8.31 -4.05
N PHE C 375 4.11 8.21 -4.16
CA PHE C 375 4.88 7.21 -3.43
C PHE C 375 4.74 7.38 -1.92
N TYR C 376 4.81 8.62 -1.45
CA TYR C 376 4.84 8.87 -0.01
C TYR C 376 3.57 8.40 0.67
N ASP C 377 2.41 8.69 0.07
CA ASP C 377 1.15 8.29 0.69
C ASP C 377 1.01 6.78 0.74
N SER C 378 1.43 6.08 -0.32
CA SER C 378 1.39 4.63 -0.31
C SER C 378 2.28 4.07 0.78
N THR C 379 3.49 4.62 0.94
CA THR C 379 4.38 4.13 2.00
C THR C 379 3.76 4.37 3.37
N GLU C 380 3.19 5.55 3.59
CA GLU C 380 2.59 5.83 4.91
C GLU C 380 1.41 4.93 5.20
N ILE C 381 0.56 4.69 4.20
CA ILE C 381 -0.59 3.81 4.41
C ILE C 381 -0.14 2.39 4.70
N SER C 382 0.86 1.90 3.97
CA SER C 382 1.38 0.56 4.23
C SER C 382 1.96 0.47 5.64
N LYS C 383 2.70 1.50 6.07
CA LYS C 383 3.25 1.49 7.42
C LYS C 383 2.14 1.43 8.46
N TRP C 384 1.09 2.24 8.29
CA TRP C 384 -0.01 2.26 9.25
C TRP C 384 -0.69 0.89 9.33
N GLN C 385 -0.98 0.30 8.17
CA GLN C 385 -1.70 -0.96 8.16
C GLN C 385 -0.83 -2.12 8.65
N SER C 386 0.49 -2.03 8.51
CA SER C 386 1.35 -3.04 9.09
C SER C 386 1.43 -2.87 10.60
N ASP C 387 1.47 -1.63 11.08
CA ASP C 387 1.50 -1.39 12.52
C ASP C 387 0.22 -1.86 13.20
N ILE C 388 -0.92 -1.73 12.51
CA ILE C 388 -2.17 -2.19 13.11
C ILE C 388 -2.12 -3.68 13.40
N ILE C 389 -1.62 -4.46 12.45
CA ILE C 389 -1.64 -5.92 12.59
C ILE C 389 -0.46 -6.44 13.40
N ARG C 390 0.63 -5.68 13.49
CA ARG C 390 1.76 -6.12 14.30
C ARG C 390 1.41 -6.17 15.79
N GLY C 391 0.42 -5.40 16.21
CA GLY C 391 0.04 -5.32 17.61
C GLY C 391 0.57 -4.11 18.33
N ALA C 392 1.21 -3.18 17.62
CA ALA C 392 1.86 -2.03 18.25
C ALA C 392 0.87 -1.05 18.87
N LYS C 393 -0.43 -1.20 18.60
CA LYS C 393 -1.42 -0.29 19.15
C LYS C 393 -2.44 -0.96 20.05
N GLY C 394 -2.72 -2.25 19.87
CA GLY C 394 -3.80 -2.89 20.58
C GLY C 394 -3.47 -4.01 21.54
N GLY C 395 -3.67 -5.24 21.09
CA GLY C 395 -3.86 -6.40 21.95
C GLY C 395 -2.62 -6.92 22.64
N SER C 396 -2.67 -8.20 22.98
CA SER C 396 -1.76 -8.80 23.96
C SER C 396 -0.55 -9.48 23.35
N VAL C 397 -0.40 -9.49 22.03
CA VAL C 397 0.77 -10.05 21.37
C VAL C 397 1.41 -8.94 20.55
N LEU C 398 2.70 -8.71 20.75
CA LEU C 398 3.34 -7.55 20.14
C LEU C 398 4.79 -7.87 19.83
N LEU C 399 5.28 -7.33 18.72
CA LEU C 399 6.69 -7.42 18.33
C LEU C 399 7.35 -6.06 18.55
N MET C 400 8.28 -5.99 19.51
CA MET C 400 9.04 -4.78 19.76
C MET C 400 10.00 -4.48 18.62
N SER C 401 10.26 -3.18 18.45
CA SER C 401 11.32 -2.67 17.60
C SER C 401 11.79 -1.37 18.20
N PRO C 402 13.02 -0.95 17.92
CA PRO C 402 13.51 0.32 18.49
C PRO C 402 12.66 1.52 18.12
N TRP C 403 11.95 1.46 17.00
CA TRP C 403 11.05 2.55 16.62
C TRP C 403 9.93 2.73 17.63
N ASP C 404 9.49 1.65 18.27
CA ASP C 404 8.41 1.74 19.25
C ASP C 404 8.84 2.39 20.55
N THR C 405 10.13 2.63 20.75
CA THR C 405 10.62 3.21 22.00
C THR C 405 11.34 4.53 21.81
N ASN C 406 12.04 4.72 20.69
CA ASN C 406 12.88 5.90 20.54
C ASN C 406 12.51 6.72 19.30
N LYS C 407 11.73 6.16 18.37
CA LYS C 407 11.16 6.85 17.22
C LYS C 407 12.19 7.22 16.17
N GLY C 408 13.48 6.95 16.38
CA GLY C 408 14.49 7.40 15.46
C GLY C 408 15.22 6.31 14.72
N GLN C 409 15.31 5.12 15.31
CA GLN C 409 16.08 4.04 14.72
C GLN C 409 15.21 3.27 13.72
N SER C 410 15.69 2.11 13.30
CA SER C 410 15.00 1.32 12.29
C SER C 410 13.73 0.71 12.87
N ARG C 411 12.96 0.07 12.00
CA ARG C 411 11.73 -0.61 12.37
C ARG C 411 11.95 -2.11 12.59
N GLU C 412 13.18 -2.54 12.62
CA GLU C 412 13.51 -3.96 12.63
C GLU C 412 13.22 -4.57 14.00
N PRO C 413 12.51 -5.70 14.07
CA PRO C 413 12.18 -6.28 15.37
C PRO C 413 13.34 -7.06 15.96
N TYR C 414 13.39 -7.09 17.28
CA TYR C 414 14.42 -7.84 17.98
C TYR C 414 13.91 -8.69 19.14
N GLN C 415 12.63 -8.57 19.50
CA GLN C 415 12.06 -9.41 20.54
C GLN C 415 10.55 -9.44 20.38
N MET C 416 9.95 -10.51 20.89
CA MET C 416 8.50 -10.68 20.87
C MET C 416 7.99 -10.76 22.29
N VAL C 417 6.95 -9.99 22.59
CA VAL C 417 6.49 -9.77 23.96
C VAL C 417 5.03 -10.17 24.06
N ILE C 418 4.69 -10.96 25.07
CA ILE C 418 3.31 -11.30 25.39
C ILE C 418 2.98 -10.68 26.74
N MET C 419 2.01 -9.77 26.76
CA MET C 419 1.65 -9.07 27.96
C MET C 419 0.46 -9.74 28.64
N ASN C 420 0.00 -9.13 29.73
CA ASN C 420 -1.05 -9.69 30.57
C ASN C 420 -2.44 -9.26 30.11
N LYS C 421 -2.67 -7.95 30.08
CA LYS C 421 -3.96 -7.38 29.71
C LYS C 421 -3.72 -6.17 28.82
N GLY C 422 -4.77 -5.76 28.10
CA GLY C 422 -4.81 -4.48 27.44
C GLY C 422 -3.60 -4.15 26.59
N SER C 423 -2.79 -3.19 27.05
CA SER C 423 -1.64 -2.74 26.30
C SER C 423 -0.41 -2.64 27.21
N LEU C 424 0.63 -1.95 26.75
CA LEU C 424 1.91 -1.96 27.46
C LEU C 424 1.80 -1.34 28.85
N LYS C 425 0.98 -0.30 29.01
CA LYS C 425 0.86 0.36 30.30
C LYS C 425 -0.24 -0.21 31.18
N GLU C 426 -1.05 -1.12 30.66
CA GLU C 426 -2.21 -1.65 31.38
C GLU C 426 -1.99 -3.07 31.88
N SER C 427 -0.78 -3.60 31.80
CA SER C 427 -0.50 -4.98 32.17
C SER C 427 0.68 -5.04 33.14
N ASN C 428 0.71 -6.11 33.92
CA ASN C 428 1.69 -6.27 34.99
C ASN C 428 2.71 -7.36 34.74
N HIS C 429 2.34 -8.47 34.12
CA HIS C 429 3.23 -9.60 33.94
C HIS C 429 3.50 -9.81 32.45
N PHE C 430 4.74 -10.20 32.15
CA PHE C 430 5.21 -10.26 30.78
C PHE C 430 5.97 -11.55 30.52
N LEU C 431 5.74 -12.13 29.35
CA LEU C 431 6.51 -13.26 28.85
C LEU C 431 7.27 -12.78 27.62
N VAL C 432 8.59 -12.85 27.67
CA VAL C 432 9.45 -12.25 26.66
C VAL C 432 10.37 -13.32 26.08
N MET C 433 10.43 -13.37 24.75
CA MET C 433 11.40 -14.21 24.04
C MET C 433 12.28 -13.30 23.19
N ASN C 434 13.53 -13.12 23.62
CA ASN C 434 14.45 -12.28 22.88
C ASN C 434 15.73 -13.05 22.55
N SER C 435 16.77 -12.33 22.16
CA SER C 435 18.02 -12.92 21.71
C SER C 435 18.83 -13.53 22.83
N GLU C 436 18.28 -13.71 24.03
CA GLU C 436 18.99 -14.35 25.13
C GLU C 436 18.21 -15.51 25.76
N GLY C 437 17.04 -15.84 25.25
CA GLY C 437 16.27 -16.96 25.74
C GLY C 437 14.89 -16.53 26.21
N ILE C 438 14.08 -17.53 26.53
CA ILE C 438 12.71 -17.32 27.00
C ILE C 438 12.78 -16.89 28.46
N GLY C 439 12.35 -15.67 28.75
CA GLY C 439 12.43 -15.16 30.10
C GLY C 439 11.16 -14.53 30.62
N PHE C 440 11.24 -13.87 31.77
CA PHE C 440 10.07 -13.27 32.41
C PHE C 440 10.44 -11.91 32.97
N ILE C 441 9.44 -11.06 33.10
CA ILE C 441 9.60 -9.68 33.57
C ILE C 441 8.56 -9.41 34.65
N ASP C 442 8.97 -8.70 35.69
CA ASP C 442 8.11 -8.38 36.82
C ASP C 442 7.18 -7.21 36.50
N GLY C 443 6.58 -6.62 37.52
CA GLY C 443 5.52 -5.64 37.41
C GLY C 443 5.59 -4.60 36.30
N ASP C 444 6.68 -3.84 36.23
CA ASP C 444 6.77 -2.70 35.32
C ASP C 444 7.71 -3.04 34.17
N PHE C 445 7.25 -2.77 32.94
CA PHE C 445 8.06 -3.11 31.77
C PHE C 445 9.11 -2.05 31.48
N ASP C 446 8.94 -0.83 31.99
CA ASP C 446 9.91 0.23 31.74
C ASP C 446 11.29 -0.17 32.26
N LYS C 447 11.34 -0.95 33.34
CA LYS C 447 12.58 -1.49 33.85
C LYS C 447 12.73 -2.92 33.36
N ASP C 448 13.87 -3.25 32.78
CA ASP C 448 14.06 -4.56 32.17
C ASP C 448 13.87 -5.68 33.18
N LYS C 449 14.79 -5.77 34.16
CA LYS C 449 14.72 -6.78 35.21
C LYS C 449 14.42 -8.16 34.63
N PHE C 450 15.17 -8.55 33.60
CA PHE C 450 14.85 -9.73 32.81
C PHE C 450 15.50 -10.97 33.40
N GLU C 451 14.69 -11.96 33.72
CA GLU C 451 15.16 -13.27 34.15
C GLU C 451 15.16 -14.22 32.95
N THR C 452 15.76 -15.40 33.12
CA THR C 452 15.83 -16.38 32.04
C THR C 452 15.32 -17.72 32.53
N ALA C 453 14.52 -18.38 31.70
CA ALA C 453 14.04 -19.73 31.97
C ALA C 453 14.65 -20.74 31.00
N TRP C 454 14.51 -20.51 29.71
CA TRP C 454 15.18 -21.30 28.69
C TRP C 454 16.33 -20.46 28.14
N THR C 455 17.49 -21.08 27.96
CA THR C 455 18.54 -20.41 27.21
C THR C 455 18.60 -20.98 25.81
N ILE C 456 19.10 -20.16 24.87
CA ILE C 456 19.02 -20.53 23.45
C ILE C 456 19.81 -21.80 23.17
N ASP C 457 20.84 -22.08 23.94
CA ASP C 457 21.52 -23.37 23.80
C ASP C 457 20.71 -24.51 24.39
N GLY C 458 19.63 -24.23 25.09
CA GLY C 458 18.74 -25.27 25.58
C GLY C 458 19.07 -25.79 26.97
N THR C 459 19.17 -24.90 27.95
CA THR C 459 19.45 -25.26 29.34
C THR C 459 18.30 -24.75 30.21
N PHE C 460 17.31 -25.60 30.43
CA PHE C 460 16.16 -25.23 31.25
C PHE C 460 16.60 -24.93 32.68
N ASN C 461 15.93 -23.96 33.30
CA ASN C 461 16.18 -23.63 34.70
C ASN C 461 15.18 -24.40 35.56
N ALA C 462 15.69 -25.20 36.49
CA ALA C 462 14.85 -26.15 37.21
C ALA C 462 13.98 -25.49 38.28
N LYS C 463 14.30 -24.26 38.68
CA LYS C 463 13.56 -23.63 39.76
C LYS C 463 12.17 -23.17 39.36
N PHE C 464 11.82 -23.26 38.08
CA PHE C 464 10.52 -22.80 37.59
C PHE C 464 9.44 -23.88 37.67
N ILE C 465 9.76 -25.06 38.21
CA ILE C 465 8.77 -26.10 38.43
C ILE C 465 8.21 -25.88 39.83
N ARG C 466 6.94 -25.49 39.92
CA ARG C 466 6.37 -25.07 41.19
C ARG C 466 4.99 -25.64 41.48
N ALA C 467 4.40 -26.43 40.58
CA ALA C 467 3.07 -27.00 40.83
C ALA C 467 2.87 -28.18 39.90
N GLY C 468 2.45 -29.31 40.46
CA GLY C 468 2.15 -30.48 39.66
C GLY C 468 2.68 -31.73 40.32
N VAL C 469 2.46 -32.85 39.64
CA VAL C 469 2.89 -34.17 40.08
C VAL C 469 3.78 -34.78 39.01
N LEU C 470 4.93 -35.30 39.41
CA LEU C 470 5.92 -35.82 38.47
C LEU C 470 5.85 -37.35 38.45
N SER C 471 5.70 -37.91 37.26
CA SER C 471 5.56 -39.35 37.11
C SER C 471 6.06 -39.79 35.74
N GLY C 472 6.43 -41.07 35.65
CA GLY C 472 6.73 -41.68 34.37
C GLY C 472 8.07 -41.35 33.75
N ILE C 473 9.07 -40.99 34.57
CA ILE C 473 10.40 -40.70 34.08
C ILE C 473 11.42 -41.49 34.89
N LEU C 474 12.69 -41.27 34.60
CA LEU C 474 13.80 -41.89 35.31
C LEU C 474 14.69 -40.81 35.90
N ILE C 475 15.24 -41.09 37.07
CA ILE C 475 16.13 -40.17 37.77
C ILE C 475 17.47 -40.88 37.97
N LYS C 476 18.54 -40.31 37.42
CA LYS C 476 19.85 -40.93 37.45
C LYS C 476 20.91 -39.88 37.73
N GLY C 477 21.89 -40.25 38.56
CA GLY C 477 23.03 -39.40 38.80
C GLY C 477 22.79 -38.25 39.76
N ASN C 478 21.55 -37.82 39.87
CA ASN C 478 21.22 -36.65 40.68
C ASN C 478 21.45 -36.90 42.16
N ILE C 479 21.72 -35.82 42.89
CA ILE C 479 21.84 -35.86 44.34
C ILE C 479 20.48 -35.57 44.95
N ILE C 480 20.05 -36.44 45.86
CA ILE C 480 18.77 -36.30 46.55
C ILE C 480 19.04 -35.87 47.98
N LYS C 481 18.14 -35.05 48.52
CA LYS C 481 18.28 -34.58 49.88
C LYS C 481 16.90 -34.22 50.43
N SER C 482 16.77 -34.30 51.74
CA SER C 482 15.59 -33.85 52.46
C SER C 482 16.05 -32.93 53.60
N SER C 483 15.12 -32.56 54.48
CA SER C 483 15.47 -31.70 55.59
C SER C 483 14.39 -31.78 56.66
N ASP C 484 14.73 -31.30 57.85
CA ASP C 484 13.83 -31.18 58.98
C ASP C 484 14.11 -29.86 59.71
N GLU C 485 13.35 -29.61 60.77
CA GLU C 485 13.58 -28.41 61.56
C GLU C 485 14.91 -28.47 62.30
N GLY C 486 15.36 -29.66 62.68
CA GLY C 486 16.62 -29.81 63.37
C GLY C 486 17.79 -29.80 62.41
N ASP C 487 18.71 -30.76 62.56
CA ASP C 487 19.91 -30.85 61.75
C ASP C 487 20.13 -32.28 61.28
N PHE C 488 19.09 -32.90 60.73
CA PHE C 488 19.19 -34.25 60.18
C PHE C 488 18.63 -34.26 58.77
N GLN C 489 19.31 -34.97 57.86
CA GLN C 489 18.88 -35.08 56.48
C GLN C 489 19.37 -36.40 55.90
N ILE C 490 18.71 -36.83 54.83
CA ILE C 490 19.03 -38.07 54.14
C ILE C 490 19.63 -37.74 52.78
N VAL C 491 20.79 -38.31 52.48
CA VAL C 491 21.54 -37.99 51.28
C VAL C 491 21.77 -39.28 50.49
N LEU C 492 21.66 -39.18 49.16
CA LEU C 492 21.94 -40.29 48.24
C LEU C 492 23.00 -39.81 47.25
N ASP C 493 24.26 -39.94 47.62
CA ASP C 493 25.38 -39.46 46.81
C ASP C 493 26.28 -40.63 46.44
N GLY C 494 26.55 -40.77 45.15
CA GLY C 494 27.50 -41.77 44.69
C GLY C 494 27.10 -43.19 44.95
N GLY C 495 25.81 -43.50 44.97
CA GLY C 495 25.37 -44.86 45.20
C GLY C 495 25.40 -45.31 46.64
N GLU C 496 25.32 -44.40 47.59
CA GLU C 496 25.27 -44.74 49.00
C GLU C 496 24.19 -43.95 49.71
N LEU C 497 23.65 -44.55 50.77
CA LEU C 497 22.68 -43.90 51.65
C LEU C 497 23.42 -43.36 52.87
N THR C 498 23.30 -42.07 53.11
CA THR C 498 24.14 -41.37 54.08
C THR C 498 23.27 -40.53 55.00
N PHE C 499 23.45 -40.72 56.31
CA PHE C 499 22.77 -39.93 57.32
C PHE C 499 23.79 -39.02 58.01
N GLU C 500 23.53 -37.72 58.01
CA GLU C 500 24.51 -36.75 58.47
C GLU C 500 23.79 -35.61 59.18
N LYS C 501 24.51 -34.50 59.37
CA LYS C 501 23.98 -33.30 59.99
C LYS C 501 23.72 -32.26 58.92
N LYS C 502 22.57 -31.57 59.03
CA LYS C 502 22.16 -30.63 58.00
C LYS C 502 23.13 -29.46 57.91
N TYR C 503 23.30 -28.97 56.68
CA TYR C 503 24.15 -27.81 56.42
C TYR C 503 23.61 -27.08 55.20
N ASP C 504 23.94 -25.80 55.09
CA ASP C 504 23.43 -24.95 54.01
C ASP C 504 24.61 -24.45 53.19
N SER C 505 24.50 -24.59 51.86
CA SER C 505 25.57 -24.19 50.97
C SER C 505 24.99 -23.94 49.58
N GLU C 506 25.84 -23.44 48.68
CA GLU C 506 25.42 -23.08 47.32
C GLU C 506 26.21 -23.82 46.25
N ASP C 507 26.81 -24.96 46.59
CA ASP C 507 27.59 -25.74 45.65
C ASP C 507 27.18 -27.20 45.71
N ILE C 508 27.42 -27.90 44.59
CA ILE C 508 27.05 -29.32 44.52
C ILE C 508 27.85 -30.13 45.52
N ASN C 509 29.15 -29.86 45.62
CA ASN C 509 30.01 -30.65 46.50
C ASN C 509 29.76 -30.32 47.98
N ASP C 510 29.42 -29.07 48.28
CA ASP C 510 29.32 -28.61 49.67
C ASP C 510 28.02 -29.04 50.34
N GLN C 511 27.11 -29.70 49.63
CA GLN C 511 25.89 -30.20 50.26
C GLN C 511 26.19 -31.28 51.28
N HIS C 512 27.25 -32.05 51.07
CA HIS C 512 27.58 -33.15 51.98
C HIS C 512 28.08 -32.59 53.31
N GLY C 513 27.75 -33.29 54.41
CA GLY C 513 28.10 -32.81 55.74
C GLY C 513 28.96 -33.73 56.57
N HIS C 514 28.64 -33.84 57.88
CA HIS C 514 29.41 -34.63 58.83
C HIS C 514 28.78 -36.01 58.99
N PRO C 515 29.44 -37.08 58.58
CA PRO C 515 28.81 -38.40 58.64
C PRO C 515 28.56 -38.86 60.07
N MET C 516 27.44 -39.56 60.26
CA MET C 516 27.16 -40.27 61.50
C MET C 516 26.94 -41.76 61.26
N LEU C 517 26.04 -42.12 60.35
CA LEU C 517 25.80 -43.50 59.95
C LEU C 517 25.62 -43.54 58.44
N THR C 518 26.41 -44.38 57.76
CA THR C 518 26.41 -44.45 56.30
C THR C 518 26.21 -45.90 55.88
N MET C 519 24.96 -46.28 55.66
CA MET C 519 24.67 -47.57 55.04
C MET C 519 25.24 -47.59 53.63
N LYS C 520 26.25 -48.42 53.40
CA LYS C 520 27.00 -48.37 52.14
C LYS C 520 27.44 -49.78 51.77
N ALA C 521 28.38 -49.86 50.84
CA ALA C 521 28.95 -51.12 50.40
C ALA C 521 30.47 -50.99 50.35
N LEU C 522 31.14 -52.14 50.46
CA LEU C 522 32.59 -52.20 50.49
C LEU C 522 33.09 -53.11 49.37
N TYR C 523 34.15 -52.69 48.70
CA TYR C 523 34.80 -53.53 47.70
C TYR C 523 35.57 -54.64 48.40
N THR C 524 34.89 -55.73 48.72
CA THR C 524 35.42 -56.76 49.60
C THR C 524 36.22 -57.77 48.79
N ASP C 525 37.55 -57.66 48.85
CA ASP C 525 38.47 -58.62 48.25
C ASP C 525 38.25 -58.77 46.75
N ASP C 526 38.49 -57.65 46.05
CA ASP C 526 38.46 -57.56 44.59
C ASP C 526 37.10 -57.88 44.00
N LYS C 527 36.05 -57.95 44.83
CA LYS C 527 34.70 -58.18 44.34
C LYS C 527 33.75 -57.36 45.20
N LEU C 528 32.63 -56.97 44.59
CA LEU C 528 31.65 -56.11 45.25
C LEU C 528 30.52 -56.99 45.80
N ASN C 529 30.80 -57.64 46.92
CA ASN C 529 29.83 -58.49 47.61
C ASN C 529 29.74 -58.15 49.09
N GLY C 530 30.05 -56.92 49.45
CA GLY C 530 29.99 -56.52 50.84
C GLY C 530 29.01 -55.40 51.11
N ILE C 531 27.94 -55.70 51.85
CA ILE C 531 26.94 -54.73 52.25
C ILE C 531 26.94 -54.65 53.77
N SER C 532 27.13 -53.44 54.30
CA SER C 532 27.20 -53.27 55.73
C SER C 532 27.01 -51.80 56.08
N MET C 533 26.74 -51.54 57.34
CA MET C 533 26.69 -50.20 57.89
C MET C 533 28.05 -49.87 58.50
N VAL C 534 28.15 -48.67 59.09
CA VAL C 534 29.31 -48.28 59.89
C VAL C 534 28.78 -47.46 61.07
N GLN C 535 29.70 -47.09 61.96
CA GLN C 535 29.41 -46.17 63.03
C GLN C 535 30.55 -45.17 63.16
N ILE C 536 30.36 -44.18 64.01
CA ILE C 536 31.41 -43.19 64.29
C ILE C 536 31.41 -42.93 65.80
N PRO C 537 32.58 -42.86 66.44
CA PRO C 537 32.63 -42.67 67.89
C PRO C 537 31.99 -41.35 68.31
N ASN C 538 31.65 -41.26 69.60
CA ASN C 538 30.96 -40.15 70.23
C ASN C 538 29.57 -39.93 69.66
N TYR C 539 28.98 -40.93 69.02
CA TYR C 539 27.62 -40.87 68.52
C TYR C 539 26.86 -42.12 68.95
N SER C 540 25.56 -41.95 69.15
CA SER C 540 24.71 -43.03 69.61
C SER C 540 23.98 -43.66 68.43
N PHE C 541 23.96 -45.00 68.42
CA PHE C 541 23.30 -45.77 67.39
C PHE C 541 22.43 -46.82 68.06
N GLY C 542 21.35 -47.21 67.39
CA GLY C 542 20.45 -48.16 67.99
C GLY C 542 19.43 -48.70 67.02
N ILE C 543 18.84 -49.83 67.41
CA ILE C 543 17.75 -50.49 66.70
C ILE C 543 16.55 -50.44 67.64
N ASN C 544 16.43 -49.32 68.36
CA ASN C 544 15.44 -49.16 69.42
C ASN C 544 14.07 -49.66 68.99
N SER C 545 13.32 -50.17 69.96
CA SER C 545 12.02 -50.77 69.71
C SER C 545 11.04 -50.28 70.76
N GLY C 546 9.77 -50.18 70.36
CA GLY C 546 8.75 -49.72 71.28
C GLY C 546 7.57 -49.05 70.58
N GLY C 547 7.26 -47.81 71.00
CA GLY C 547 6.19 -47.05 70.41
C GLY C 547 6.68 -45.79 69.72
N LEU C 548 5.72 -44.97 69.29
CA LEU C 548 6.07 -43.71 68.66
C LEU C 548 6.61 -42.72 69.70
N MET C 549 6.09 -42.78 70.94
CA MET C 549 6.66 -41.99 72.03
C MET C 549 8.01 -42.54 72.47
N VAL C 550 8.10 -43.86 72.66
CA VAL C 550 9.26 -44.48 73.30
C VAL C 550 9.76 -45.63 72.43
N SER C 551 11.08 -45.74 72.31
CA SER C 551 11.73 -46.81 71.56
C SER C 551 12.97 -47.24 72.33
N LYS C 552 12.93 -48.48 72.88
CA LYS C 552 13.98 -48.97 73.78
C LYS C 552 14.94 -49.88 73.04
N PRO C 553 16.22 -49.89 73.43
CA PRO C 553 17.26 -50.52 72.62
C PRO C 553 17.15 -52.05 72.61
N VAL C 554 16.94 -52.61 71.43
CA VAL C 554 17.20 -54.04 71.26
C VAL C 554 18.70 -54.30 71.27
N ILE C 555 19.46 -53.47 70.57
CA ILE C 555 20.91 -53.36 70.75
C ILE C 555 21.24 -51.88 70.92
N GLU C 556 21.98 -51.55 71.96
CA GLU C 556 22.43 -50.19 72.20
C GLU C 556 23.90 -50.08 71.79
N ILE C 557 24.20 -49.14 70.90
CA ILE C 557 25.57 -48.87 70.47
C ILE C 557 26.06 -47.65 71.23
N PRO C 558 27.05 -47.80 72.11
CA PRO C 558 27.50 -46.66 72.93
C PRO C 558 28.19 -45.60 72.09
N LYS C 559 28.25 -44.39 72.67
CA LYS C 559 29.01 -43.31 72.05
C LYS C 559 30.48 -43.69 71.91
N GLU C 560 31.00 -44.49 72.83
CA GLU C 560 32.40 -44.90 72.83
C GLU C 560 32.62 -46.22 72.13
N SER C 561 31.59 -46.79 71.52
CA SER C 561 31.74 -48.06 70.81
C SER C 561 32.80 -47.93 69.72
N THR C 562 33.77 -48.84 69.74
CA THR C 562 34.95 -48.71 68.91
C THR C 562 35.41 -50.10 68.50
N ILE C 563 36.18 -50.15 67.40
CA ILE C 563 36.80 -51.41 66.98
C ILE C 563 37.69 -51.95 68.09
N ASP C 564 38.39 -51.06 68.80
CA ASP C 564 39.19 -51.47 69.95
C ASP C 564 38.31 -51.81 71.14
N SER C 565 37.50 -50.83 71.58
CA SER C 565 36.58 -51.02 72.71
C SER C 565 35.26 -51.56 72.16
N ARG C 566 35.24 -52.88 71.95
CA ARG C 566 34.05 -53.54 71.42
C ARG C 566 33.01 -53.73 72.51
N LYS C 567 32.38 -52.65 72.96
CA LYS C 567 31.35 -52.74 74.01
C LYS C 567 29.99 -52.63 73.33
N LEU C 568 29.43 -53.78 72.95
CA LEU C 568 28.18 -53.83 72.21
C LEU C 568 27.04 -54.15 73.18
N ASN C 569 26.61 -53.13 73.90
CA ASN C 569 25.58 -53.29 74.91
C ASN C 569 24.27 -53.76 74.27
N LEU C 570 23.60 -54.69 74.94
CA LEU C 570 22.32 -55.21 74.50
C LEU C 570 21.32 -55.11 75.64
N PHE C 571 20.05 -54.92 75.28
CA PHE C 571 19.00 -54.81 76.29
C PHE C 571 17.73 -55.43 75.73
N GLY C 572 16.84 -55.83 76.64
CA GLY C 572 15.59 -56.45 76.30
C GLY C 572 15.61 -57.95 76.50
N GLU C 573 14.43 -58.50 76.78
CA GLU C 573 14.26 -59.94 76.99
C GLU C 573 14.35 -60.65 75.66
N VAL C 574 15.42 -61.42 75.47
CA VAL C 574 15.71 -62.08 74.20
C VAL C 574 15.68 -63.58 74.40
N ARG C 575 15.16 -64.30 73.41
CA ARG C 575 15.02 -65.75 73.39
C ARG C 575 15.96 -66.31 72.32
N VAL C 576 17.19 -66.61 72.72
CA VAL C 576 18.28 -66.89 71.78
C VAL C 576 18.32 -68.41 71.57
N VAL C 577 17.52 -68.89 70.62
CA VAL C 577 17.51 -70.32 70.29
C VAL C 577 18.74 -70.66 69.44
N GLY C 578 19.35 -71.81 69.73
CA GLY C 578 20.47 -72.30 68.96
C GLY C 578 21.72 -72.47 69.82
N ASP C 579 22.77 -72.97 69.17
CA ASP C 579 24.05 -73.14 69.82
C ASP C 579 24.64 -71.77 70.18
N PHE C 580 25.63 -71.78 71.07
CA PHE C 580 26.11 -70.52 71.60
C PHE C 580 27.54 -70.73 72.09
N TYR C 581 28.07 -69.77 72.84
CA TYR C 581 29.50 -69.70 73.18
C TYR C 581 29.68 -69.57 74.68
N VAL C 582 29.74 -70.71 75.39
CA VAL C 582 30.09 -70.70 76.81
C VAL C 582 31.12 -71.78 77.11
N ASN C 583 32.40 -71.39 77.12
CA ASN C 583 33.50 -72.26 77.56
C ASN C 583 33.55 -73.57 76.77
N ASP C 584 33.62 -73.45 75.44
CA ASP C 584 33.89 -74.59 74.55
C ASP C 584 32.86 -75.71 74.71
N VAL C 585 31.59 -75.39 74.55
CA VAL C 585 30.52 -76.39 74.55
C VAL C 585 29.36 -75.84 73.72
N LYS C 586 28.49 -76.75 73.27
CA LYS C 586 27.25 -76.38 72.62
C LYS C 586 26.11 -76.57 73.61
N ILE C 587 25.14 -75.65 73.54
CA ILE C 587 24.12 -75.54 74.58
C ILE C 587 22.74 -75.41 73.98
N ASP C 588 21.75 -75.15 74.84
CA ASP C 588 20.34 -75.26 74.50
C ASP C 588 19.57 -74.16 75.23
N SER C 589 18.26 -74.31 75.44
CA SER C 589 17.35 -73.18 75.62
C SER C 589 16.96 -72.88 77.08
N ASN C 590 17.89 -72.99 78.04
CA ASN C 590 17.60 -72.57 79.43
C ASN C 590 18.42 -71.35 79.84
#